data_8S5G
#
_entry.id   8S5G
#
_cell.length_a   1.00
_cell.length_b   1.00
_cell.length_c   1.00
_cell.angle_alpha   90.00
_cell.angle_beta   90.00
_cell.angle_gamma   90.00
#
_symmetry.space_group_name_H-M   'P 1'
#
loop_
_entity.id
_entity.type
_entity.pdbx_description
1 polymer 'Bacitracin export permease protein BceB'
2 polymer 'Bacitracin export ATP-binding protein BceA'
3 polymer 'Sensor protein BceS'
4 non-polymer 1,2-Distearoyl-sn-glycerophosphoethanolamine
5 non-polymer CARDIOLIPIN
#
loop_
_entity_poly.entity_id
_entity_poly.type
_entity_poly.pdbx_seq_one_letter_code
_entity_poly.pdbx_strand_id
1 'polypeptide(L)'
;MNINQLILRNLKKNLRNYYLYVFALIFSVALYFAFVTLQYDPAINEVKASIKGAAAIKTASILLVAVVAIFILYANTIFI
KRRSKEIGLFQLIGMTKHKIFRILSAENVMLYFGSLAIGVAAGFSISKLVLMILFKIVDVKADAKLHFSEQALVQTVIVF
CGIYLLIMIMNYTFIKKQSILSLFKVTSSTEDKVKKISFFQMLIGALGIVLILTGYYVSSELFGGKFKTINELFVAMSFI
LGSVIIGTFLFYKGSVTFISNIIRKSKGGYLNISEVLSLSSIMFRMKSNALLLTIITTVSALAIGLLSLAYISYYSSEKT
AEQNVAADFSFMNEKDAKLFENKLRESNISFVKKATPVLQANVDIANIMDGTPKEMQGDPGNMQLAVVSDKDVKGVDVAA
GEAVFSGYTDLLQKIMVFKDSGVIKVKSKHETQPLKYKGLREEFLVSYTFTSGGMPAVIVDDSLFKQLDKDKDPRIQLAQ
STFIGVNVKHDDQMEKANELFQQVNKKNEHLSRLDTSAAQKSLFGMVMFIVGFLGLTFLITSGCILYFKQMGESEDEKPS
YTILRKLGFTQGDLIKGIRIKQMYNFGIPLVVGLFHSYFAVQSGWFLFGSEVWAPMIMVMVLYTALYSIFGFLSVLYYKK
VIKSSL
;
A
2 'polypeptide(L)'
;MGSSHHHHHHSSGLVPRGSHMVILEANKIRKSYGNKLNKQEVLKGIDIHIEKGEFVSIMGASGSGKTTLLNVLSSIDQVS
HGTIHINGNDMTAMKEKQLAEFRKQHLGFIFQDYNLLDTLTVKENILLPLSITKLSKKEANRKFEEVAKELGIYELRDKY
PNEISGGQKQRTSAGRAFIHDPSIIFADEPTGALDSKSASDLLNKLSQLNQKRNATIIMVTHDPVAASYCGRVIFIKDGQ
MYTQLNKGGQDRQTFFQDIMKTQGVLGGVQHEH
;
B,C
3 'polypeptide(L)'
;MIKAFLIERRSWIAAFLFQQALMLFIAFVDPSISFGNVLYMVYLCILFFIIFLWFRYRKETAFYKSLKTWENNLDVTAIN
EPETPFEAMVERSIAGQTEHLKQTAARHRLALENEKDELMAWIHEVKTPLTAMHLIIDRMEEKALKSQLSYEWLRIHLLL
DQQLHQKRISFIENDLSVEFIQLQPLIFKEIKDLQSWCIQKGIGFDIQLEAKEVLSDAKWLAFIIRQLLTNAVKYSEASE
IEIKSFQKGEQTQLQVKDCGRGIDPKDVPRIFDKGFTSTTDHHDQASTGMGLYLAKKAAAPLLIHIDVESEFGAGTVFTL
TFPIRNQFEHVISV
;
D,E
#
loop_
_chem_comp.id
_chem_comp.type
_chem_comp.name
_chem_comp.formula
3PE non-polymer 1,2-Distearoyl-sn-glycerophosphoethanolamine 'C41 H82 N O8 P'
CDL non-polymer CARDIOLIPIN 'C81 H156 O17 P2 -2'
#
# COMPACT_ATOMS: atom_id res chain seq x y z
N MET A 1 -11.18 24.00 -20.85
CA MET A 1 -11.78 25.13 -20.15
C MET A 1 -10.70 26.09 -19.67
N ASN A 2 -11.09 27.02 -18.79
CA ASN A 2 -10.13 27.97 -18.23
C ASN A 2 -9.11 27.24 -17.37
N ILE A 3 -7.94 27.87 -17.24
CA ILE A 3 -6.85 27.26 -16.48
C ILE A 3 -7.23 27.12 -15.01
N ASN A 4 -7.96 28.11 -14.48
CA ASN A 4 -8.33 28.08 -13.06
C ASN A 4 -9.18 26.87 -12.73
N GLN A 5 -10.12 26.51 -13.61
CA GLN A 5 -10.95 25.33 -13.36
C GLN A 5 -10.12 24.06 -13.35
N LEU A 6 -9.11 23.97 -14.24
CA LEU A 6 -8.23 22.83 -14.25
C LEU A 6 -7.44 22.72 -12.94
N ILE A 7 -6.97 23.86 -12.42
CA ILE A 7 -6.22 23.85 -11.17
C ILE A 7 -7.10 23.34 -10.02
N LEU A 8 -8.34 23.83 -9.96
CA LEU A 8 -9.24 23.40 -8.90
C LEU A 8 -9.54 21.90 -8.99
N ARG A 9 -9.77 21.40 -10.21
CA ARG A 9 -10.03 19.97 -10.39
C ARG A 9 -8.81 19.14 -10.01
N ASN A 10 -7.61 19.61 -10.35
CA ASN A 10 -6.39 18.90 -9.99
C ASN A 10 -6.22 18.83 -8.49
N LEU A 11 -6.56 19.91 -7.78
CA LEU A 11 -6.47 19.90 -6.31
C LEU A 11 -7.41 18.86 -5.71
N LYS A 12 -8.62 18.74 -6.25
CA LYS A 12 -9.57 17.76 -5.72
C LYS A 12 -9.05 16.34 -5.87
N LYS A 13 -8.44 16.03 -7.03
CA LYS A 13 -7.88 14.70 -7.23
C LYS A 13 -6.70 14.45 -6.29
N ASN A 14 -5.85 15.46 -6.11
CA ASN A 14 -4.70 15.30 -5.23
C ASN A 14 -5.14 15.07 -3.79
N LEU A 15 -6.15 15.81 -3.33
CA LEU A 15 -6.65 15.61 -1.97
C LEU A 15 -7.24 14.22 -1.80
N ARG A 16 -7.99 13.75 -2.80
CA ARG A 16 -8.59 12.42 -2.72
C ARG A 16 -7.51 11.34 -2.71
N ASN A 17 -6.47 11.49 -3.52
CA ASN A 17 -5.46 10.45 -3.66
C ASN A 17 -4.44 10.51 -2.51
N TYR A 18 -3.74 11.63 -2.39
CA TYR A 18 -2.70 11.78 -1.38
C TYR A 18 -3.25 12.32 -0.07
N TYR A 19 -4.29 11.68 0.47
CA TYR A 19 -4.83 12.11 1.75
C TYR A 19 -3.86 11.80 2.89
N LEU A 20 -3.07 10.74 2.76
CA LEU A 20 -2.07 10.43 3.77
C LEU A 20 -1.00 11.51 3.82
N TYR A 21 -0.59 12.03 2.66
CA TYR A 21 0.41 13.09 2.63
C TYR A 21 -0.09 14.34 3.33
N VAL A 22 -1.36 14.70 3.11
CA VAL A 22 -1.93 15.87 3.78
C VAL A 22 -1.95 15.65 5.29
N PHE A 23 -2.36 14.45 5.73
CA PHE A 23 -2.37 14.16 7.15
C PHE A 23 -0.96 14.20 7.74
N ALA A 24 0.02 13.64 7.02
CA ALA A 24 1.40 13.67 7.50
C ALA A 24 1.91 15.10 7.57
N LEU A 25 1.58 15.91 6.56
CA LEU A 25 2.00 17.31 6.58
C LEU A 25 1.35 18.07 7.73
N ILE A 26 0.06 17.84 7.96
CA ILE A 26 -0.63 18.48 9.07
C ILE A 26 -0.04 18.02 10.40
N PHE A 27 0.22 16.72 10.53
CA PHE A 27 0.81 16.19 11.75
C PHE A 27 2.20 16.78 11.99
N SER A 28 3.02 16.88 10.93
CA SER A 28 4.36 17.42 11.09
C SER A 28 4.33 18.89 11.48
N VAL A 29 3.46 19.68 10.83
CA VAL A 29 3.35 21.09 11.17
C VAL A 29 2.84 21.27 12.59
N ALA A 30 1.82 20.52 12.97
CA ALA A 30 1.25 20.63 14.30
C ALA A 30 2.27 20.22 15.37
N LEU A 31 3.00 19.14 15.13
CA LEU A 31 3.99 18.69 16.10
C LEU A 31 5.14 19.69 16.22
N TYR A 32 5.61 20.23 15.09
CA TYR A 32 6.70 21.20 15.14
C TYR A 32 6.27 22.47 15.86
N PHE A 33 5.04 22.94 15.61
CA PHE A 33 4.54 24.13 16.28
C PHE A 33 4.46 23.91 17.79
N ALA A 34 4.03 22.73 18.21
CA ALA A 34 3.98 22.42 19.64
C ALA A 34 5.37 22.38 20.24
N PHE A 35 6.34 21.81 19.52
CA PHE A 35 7.70 21.72 20.04
C PHE A 35 8.33 23.10 20.23
N VAL A 36 8.12 24.01 19.27
CA VAL A 36 8.65 25.35 19.40
C VAL A 36 7.95 26.09 20.54
N THR A 37 6.65 25.86 20.70
CA THR A 37 5.93 26.47 21.82
C THR A 37 6.48 25.95 23.15
N LEU A 38 6.77 24.65 23.22
CA LEU A 38 7.34 24.09 24.45
C LEU A 38 8.71 24.68 24.75
N GLN A 39 9.51 24.93 23.70
CA GLN A 39 10.86 25.45 23.91
C GLN A 39 10.83 26.81 24.58
N TYR A 40 9.93 27.69 24.15
CA TYR A 40 9.84 29.04 24.68
C TYR A 40 8.79 29.17 25.79
N ASP A 41 8.19 28.07 26.21
CA ASP A 41 7.24 28.11 27.31
C ASP A 41 7.98 28.31 28.62
N PRO A 42 7.65 29.33 29.42
CA PRO A 42 8.37 29.53 30.68
C PRO A 42 8.19 28.40 31.68
N ALA A 43 7.15 27.59 31.53
CA ALA A 43 6.90 26.49 32.46
C ALA A 43 7.81 25.30 32.24
N ILE A 44 8.52 25.24 31.11
CA ILE A 44 9.40 24.10 30.84
C ILE A 44 10.66 24.14 31.68
N ASN A 45 10.96 25.26 32.34
CA ASN A 45 12.14 25.35 33.18
C ASN A 45 11.99 24.58 34.49
N GLU A 46 10.79 24.09 34.81
CA GLU A 46 10.58 23.37 36.06
C GLU A 46 11.25 22.01 36.06
N VAL A 47 11.59 21.46 34.90
CA VAL A 47 12.27 20.18 34.84
C VAL A 47 13.74 20.36 35.21
N LYS A 48 14.29 19.39 35.91
CA LYS A 48 15.68 19.43 36.35
C LYS A 48 16.36 18.12 35.96
N ALA A 49 17.40 18.21 35.13
CA ALA A 49 18.12 17.03 34.67
C ALA A 49 19.53 17.45 34.28
N SER A 50 20.32 16.48 33.83
CA SER A 50 21.67 16.77 33.36
C SER A 50 21.66 17.66 32.14
N ILE A 51 20.71 17.44 31.23
CA ILE A 51 20.57 18.23 30.02
C ILE A 51 19.43 19.21 30.22
N LYS A 52 19.66 20.47 29.82
CA LYS A 52 18.64 21.50 29.98
C LYS A 52 17.44 21.19 29.09
N GLY A 53 16.25 21.52 29.60
CA GLY A 53 15.04 21.25 28.84
C GLY A 53 14.95 22.05 27.55
N ALA A 54 15.31 23.33 27.61
CA ALA A 54 15.25 24.17 26.41
C ALA A 54 16.23 23.69 25.35
N ALA A 55 17.45 23.34 25.76
CA ALA A 55 18.44 22.86 24.81
C ALA A 55 18.02 21.52 24.21
N ALA A 56 17.46 20.63 25.03
CA ALA A 56 17.04 19.33 24.52
C ALA A 56 15.90 19.48 23.51
N ILE A 57 14.95 20.36 23.79
CA ILE A 57 13.84 20.57 22.85
C ILE A 57 14.34 21.19 21.56
N LYS A 58 15.27 22.15 21.66
CA LYS A 58 15.82 22.79 20.47
C LYS A 58 16.55 21.77 19.59
N THR A 59 17.31 20.88 20.21
CA THR A 59 17.96 19.81 19.44
C THR A 59 16.94 18.91 18.79
N ALA A 60 15.87 18.55 19.51
CA ALA A 60 14.79 17.77 18.92
C ALA A 60 14.09 18.55 17.82
N SER A 61 13.94 19.87 18.00
CA SER A 61 13.31 20.69 16.98
C SER A 61 14.09 20.68 15.68
N ILE A 62 15.43 20.78 15.78
CA ILE A 62 16.26 20.70 14.58
C ILE A 62 16.17 19.32 13.96
N LEU A 63 16.20 18.27 14.78
CA LEU A 63 16.08 16.91 14.26
C LEU A 63 14.72 16.69 13.62
N LEU A 64 13.67 17.25 14.21
CA LEU A 64 12.33 17.11 13.65
C LEU A 64 12.24 17.76 12.27
N VAL A 65 12.87 18.93 12.10
CA VAL A 65 12.86 19.60 10.80
C VAL A 65 13.56 18.74 9.76
N ALA A 66 14.72 18.17 10.12
CA ALA A 66 15.47 17.34 9.17
C ALA A 66 14.68 16.10 8.79
N VAL A 67 14.06 15.44 9.77
CA VAL A 67 13.30 14.23 9.48
C VAL A 67 12.01 14.53 8.72
N VAL A 68 11.56 15.79 8.74
CA VAL A 68 10.35 16.16 8.00
C VAL A 68 10.69 16.70 6.62
N ALA A 69 11.73 17.54 6.52
CA ALA A 69 12.12 18.08 5.22
C ALA A 69 12.55 16.98 4.27
N ILE A 70 13.28 15.97 4.78
CA ILE A 70 13.70 14.85 3.93
C ILE A 70 12.47 14.10 3.42
N PHE A 71 11.51 13.83 4.30
CA PHE A 71 10.30 13.15 3.88
C PHE A 71 9.50 14.00 2.89
N ILE A 72 9.37 15.30 3.16
CA ILE A 72 8.59 16.16 2.28
C ILE A 72 9.25 16.27 0.91
N LEU A 73 10.58 16.47 0.88
CA LEU A 73 11.28 16.56 -0.40
C LEU A 73 11.19 15.25 -1.17
N TYR A 74 11.35 14.12 -0.49
CA TYR A 74 11.24 12.83 -1.18
C TYR A 74 9.82 12.59 -1.66
N ALA A 75 8.82 12.93 -0.84
CA ALA A 75 7.43 12.72 -1.24
C ALA A 75 7.08 13.56 -2.47
N ASN A 76 7.52 14.82 -2.49
CA ASN A 76 7.26 15.67 -3.64
C ASN A 76 8.02 15.18 -4.88
N THR A 77 9.18 14.57 -4.67
CA THR A 77 9.95 14.06 -5.80
C THR A 77 9.20 12.97 -6.55
N ILE A 78 8.58 12.04 -5.81
CA ILE A 78 7.86 10.96 -6.46
C ILE A 78 6.49 11.42 -6.93
N PHE A 79 5.97 12.52 -6.37
CA PHE A 79 4.70 13.06 -6.85
C PHE A 79 4.85 13.62 -8.26
N ILE A 80 5.92 14.38 -8.49
CA ILE A 80 6.17 14.91 -9.83
C ILE A 80 6.57 13.79 -10.78
N LYS A 81 7.31 12.79 -10.29
CA LYS A 81 7.73 11.69 -11.14
C LYS A 81 6.52 10.94 -11.69
N ARG A 82 5.52 10.67 -10.84
CA ARG A 82 4.31 10.02 -11.29
C ARG A 82 3.41 10.95 -12.09
N ARG A 83 3.60 12.25 -11.98
CA ARG A 83 2.87 13.23 -12.78
C ARG A 83 3.56 13.55 -14.09
N SER A 84 4.73 12.95 -14.36
CA SER A 84 5.48 13.27 -15.56
C SER A 84 4.72 12.92 -16.83
N LYS A 85 3.76 11.99 -16.76
CA LYS A 85 2.97 11.65 -17.93
C LYS A 85 2.14 12.83 -18.40
N GLU A 86 1.47 13.51 -17.46
CA GLU A 86 0.71 14.70 -17.83
C GLU A 86 1.62 15.89 -18.06
N ILE A 87 2.83 15.88 -17.50
CA ILE A 87 3.79 16.93 -17.77
C ILE A 87 4.19 16.92 -19.23
N GLY A 88 4.49 15.75 -19.77
CA GLY A 88 4.82 15.64 -21.18
C GLY A 88 3.66 15.96 -22.08
N LEU A 89 2.45 15.56 -21.68
CA LEU A 89 1.27 15.88 -22.47
C LEU A 89 1.04 17.38 -22.57
N PHE A 90 1.24 18.10 -21.45
CA PHE A 90 1.11 19.55 -21.48
C PHE A 90 2.15 20.16 -22.42
N GLN A 91 3.38 19.65 -22.38
CA GLN A 91 4.40 20.11 -23.32
C GLN A 91 3.98 19.82 -24.76
N LEU A 92 3.26 18.72 -24.98
CA LEU A 92 2.79 18.41 -26.32
C LEU A 92 1.61 19.29 -26.71
N ILE A 93 0.86 19.80 -25.73
CA ILE A 93 -0.30 20.64 -26.03
C ILE A 93 0.14 21.94 -26.71
N GLY A 94 1.18 22.58 -26.17
CA GLY A 94 1.68 23.80 -26.75
C GLY A 94 2.11 24.85 -25.76
N MET A 95 1.80 24.65 -24.48
CA MET A 95 2.20 25.61 -23.47
C MET A 95 3.71 25.64 -23.30
N THR A 96 4.23 26.82 -22.97
CA THR A 96 5.65 26.95 -22.68
C THR A 96 5.99 26.28 -21.35
N LYS A 97 7.29 26.12 -21.10
CA LYS A 97 7.74 25.46 -19.88
C LYS A 97 7.44 26.27 -18.62
N HIS A 98 7.06 27.54 -18.75
CA HIS A 98 6.74 28.37 -17.60
C HIS A 98 5.28 28.26 -17.19
N LYS A 99 4.36 28.21 -18.16
CA LYS A 99 2.95 28.10 -17.84
C LYS A 99 2.62 26.79 -17.15
N ILE A 100 3.22 25.69 -17.61
CA ILE A 100 2.98 24.40 -16.99
C ILE A 100 3.51 24.39 -15.56
N PHE A 101 4.68 25.00 -15.34
CA PHE A 101 5.21 25.12 -13.99
C PHE A 101 4.29 25.99 -13.12
N ARG A 102 3.71 27.05 -13.70
CA ARG A 102 2.80 27.90 -12.95
C ARG A 102 1.56 27.12 -12.51
N ILE A 103 1.04 26.26 -13.38
CA ILE A 103 -0.12 25.45 -13.02
C ILE A 103 0.23 24.49 -11.89
N LEU A 104 1.39 23.82 -12.00
CA LEU A 104 1.81 22.91 -10.95
C LEU A 104 2.08 23.65 -9.65
N SER A 105 2.72 24.82 -9.72
CA SER A 105 2.98 25.60 -8.53
C SER A 105 1.70 26.08 -7.87
N ALA A 106 0.73 26.52 -8.68
CA ALA A 106 -0.52 27.04 -8.12
C ALA A 106 -1.28 25.96 -7.37
N GLU A 107 -1.33 24.75 -7.92
CA GLU A 107 -1.98 23.65 -7.23
C GLU A 107 -1.25 23.28 -5.95
N ASN A 108 0.09 23.27 -5.99
CA ASN A 108 0.87 22.94 -4.80
C ASN A 108 0.71 24.00 -3.72
N VAL A 109 0.70 25.28 -4.11
CA VAL A 109 0.56 26.35 -3.13
C VAL A 109 -0.78 26.26 -2.42
N MET A 110 -1.85 26.05 -3.18
CA MET A 110 -3.18 25.98 -2.58
C MET A 110 -3.36 24.75 -1.69
N LEU A 111 -2.51 23.74 -1.84
CA LEU A 111 -2.57 22.55 -1.01
C LEU A 111 -1.57 22.61 0.14
N TYR A 112 -0.32 22.96 -0.14
CA TYR A 112 0.70 23.02 0.90
C TYR A 112 0.37 24.09 1.94
N PHE A 113 -0.04 25.28 1.48
CA PHE A 113 -0.34 26.36 2.42
C PHE A 113 -1.65 26.11 3.16
N GLY A 114 -2.61 25.47 2.49
CA GLY A 114 -3.86 25.13 3.16
C GLY A 114 -3.64 24.16 4.31
N SER A 115 -2.82 23.14 4.08
CA SER A 115 -2.50 22.20 5.16
C SER A 115 -1.66 22.85 6.24
N LEU A 116 -0.78 23.79 5.85
CA LEU A 116 0.03 24.50 6.83
C LEU A 116 -0.84 25.32 7.77
N ALA A 117 -1.85 26.01 7.23
CA ALA A 117 -2.75 26.79 8.07
C ALA A 117 -3.54 25.89 9.02
N ILE A 118 -4.02 24.75 8.52
CA ILE A 118 -4.72 23.80 9.37
C ILE A 118 -3.77 23.23 10.42
N GLY A 119 -2.54 22.91 10.01
CA GLY A 119 -1.57 22.38 10.95
C GLY A 119 -1.22 23.36 12.06
N VAL A 120 -1.18 24.66 11.74
CA VAL A 120 -0.93 25.66 12.76
C VAL A 120 -2.07 25.67 13.78
N ALA A 121 -3.32 25.62 13.30
CA ALA A 121 -4.45 25.55 14.21
C ALA A 121 -4.42 24.26 15.04
N ALA A 122 -4.08 23.14 14.39
CA ALA A 122 -3.95 21.88 15.12
C ALA A 122 -2.83 21.94 16.14
N GLY A 123 -1.70 22.55 15.76
CA GLY A 123 -0.60 22.68 16.70
C GLY A 123 -0.95 23.52 17.91
N PHE A 124 -1.73 24.58 17.70
CA PHE A 124 -2.19 25.39 18.82
C PHE A 124 -3.11 24.60 19.74
N SER A 125 -3.92 23.70 19.19
CA SER A 125 -4.82 22.91 20.01
C SER A 125 -4.07 21.86 20.81
N ILE A 126 -3.03 21.26 20.23
CA ILE A 126 -2.31 20.17 20.87
C ILE A 126 -1.09 20.66 21.65
N SER A 127 -0.85 21.98 21.69
CA SER A 127 0.30 22.48 22.44
C SER A 127 0.18 22.17 23.92
N LYS A 128 -1.03 22.30 24.48
CA LYS A 128 -1.24 21.96 25.88
C LYS A 128 -1.11 20.47 26.12
N LEU A 129 -1.56 19.65 25.17
CA LEU A 129 -1.55 18.20 25.35
C LEU A 129 -0.12 17.67 25.43
N VAL A 130 0.75 18.11 24.52
CA VAL A 130 2.13 17.63 24.54
C VAL A 130 2.86 18.14 25.77
N LEU A 131 2.54 19.36 26.22
CA LEU A 131 3.16 19.88 27.45
C LEU A 131 2.77 19.03 28.66
N MET A 132 1.49 18.64 28.74
CA MET A 132 1.04 17.78 29.83
C MET A 132 1.67 16.40 29.73
N ILE A 133 1.85 15.89 28.50
CA ILE A 133 2.49 14.59 28.31
C ILE A 133 3.93 14.62 28.83
N LEU A 134 4.66 15.68 28.48
CA LEU A 134 6.04 15.80 28.95
C LEU A 134 6.11 15.91 30.46
N PHE A 135 5.20 16.69 31.07
CA PHE A 135 5.21 16.83 32.52
C PHE A 135 4.91 15.51 33.20
N LYS A 136 3.96 14.74 32.67
CA LYS A 136 3.64 13.44 33.26
C LYS A 136 4.81 12.46 33.12
N ILE A 137 5.49 12.48 31.97
CA ILE A 137 6.58 11.54 31.73
C ILE A 137 7.73 11.80 32.70
N VAL A 138 8.11 13.08 32.87
CA VAL A 138 9.21 13.42 33.76
C VAL A 138 8.77 13.60 35.20
N ASP A 139 7.49 13.41 35.51
CA ASP A 139 6.97 13.42 36.87
C ASP A 139 7.25 14.76 37.57
N VAL A 140 6.66 15.82 37.02
CA VAL A 140 6.73 17.15 37.63
C VAL A 140 5.32 17.70 37.76
N LYS A 141 5.03 18.32 38.89
CA LYS A 141 3.72 18.89 39.17
C LYS A 141 3.77 20.39 38.90
N ALA A 142 2.95 20.84 37.96
CA ALA A 142 2.90 22.26 37.60
C ALA A 142 1.58 22.53 36.88
N ASP A 143 1.36 23.79 36.56
CA ASP A 143 0.15 24.22 35.87
C ASP A 143 0.46 24.44 34.40
N ALA A 144 -0.27 23.75 33.52
CA ALA A 144 -0.12 23.90 32.08
C ALA A 144 -1.20 24.82 31.55
N LYS A 145 -0.79 25.82 30.77
CA LYS A 145 -1.70 26.81 30.22
C LYS A 145 -1.68 26.76 28.71
N LEU A 146 -2.81 27.11 28.10
CA LEU A 146 -2.96 27.15 26.65
C LEU A 146 -2.77 28.59 26.19
N HIS A 147 -1.64 28.86 25.54
CA HIS A 147 -1.33 30.20 25.07
C HIS A 147 -0.79 30.13 23.65
N PHE A 148 -0.98 31.21 22.91
CA PHE A 148 -0.50 31.33 21.54
C PHE A 148 0.69 32.29 21.52
N SER A 149 1.84 31.81 21.05
CA SER A 149 3.07 32.58 21.04
C SER A 149 3.36 33.05 19.63
N GLU A 150 3.62 34.36 19.47
CA GLU A 150 3.90 34.92 18.16
C GLU A 150 5.18 34.36 17.57
N GLN A 151 6.21 34.17 18.40
CA GLN A 151 7.49 33.69 17.90
C GLN A 151 7.37 32.29 17.32
N ALA A 152 6.60 31.42 17.98
CA ALA A 152 6.41 30.05 17.48
C ALA A 152 5.75 30.05 16.12
N LEU A 153 4.73 30.89 15.93
CA LEU A 153 4.08 30.99 14.63
C LEU A 153 5.04 31.52 13.57
N VAL A 154 5.85 32.51 13.93
CA VAL A 154 6.82 33.06 12.97
C VAL A 154 7.85 32.01 12.59
N GLN A 155 8.36 31.26 13.58
CA GLN A 155 9.40 30.28 13.31
C GLN A 155 8.91 29.16 12.42
N THR A 156 7.70 28.65 12.67
CA THR A 156 7.20 27.55 11.86
C THR A 156 6.81 28.02 10.46
N VAL A 157 6.39 29.27 10.33
CA VAL A 157 6.09 29.81 9.00
C VAL A 157 7.37 29.95 8.18
N ILE A 158 8.43 30.49 8.80
CA ILE A 158 9.69 30.69 8.08
C ILE A 158 10.28 29.36 7.65
N VAL A 159 10.28 28.37 8.55
CA VAL A 159 10.89 27.09 8.25
C VAL A 159 10.15 26.39 7.12
N PHE A 160 8.82 26.35 7.20
CA PHE A 160 8.05 25.63 6.19
C PHE A 160 7.95 26.40 4.87
N CYS A 161 7.98 27.74 4.92
CA CYS A 161 8.10 28.49 3.68
C CYS A 161 9.43 28.23 3.00
N GLY A 162 10.51 28.16 3.78
CA GLY A 162 11.79 27.80 3.21
C GLY A 162 11.81 26.38 2.67
N ILE A 163 11.11 25.47 3.33
CA ILE A 163 11.01 24.10 2.83
C ILE A 163 10.29 24.09 1.48
N TYR A 164 9.20 24.84 1.36
CA TYR A 164 8.49 24.91 0.09
C TYR A 164 9.32 25.57 -0.99
N LEU A 165 10.21 26.50 -0.62
CA LEU A 165 11.11 27.09 -1.60
C LEU A 165 12.03 26.03 -2.20
N LEU A 166 12.49 25.08 -1.38
CA LEU A 166 13.25 23.96 -1.90
C LEU A 166 12.39 23.10 -2.83
N ILE A 167 11.11 22.92 -2.49
CA ILE A 167 10.21 22.15 -3.34
C ILE A 167 10.06 22.82 -4.70
N MET A 168 9.88 24.15 -4.70
CA MET A 168 9.72 24.86 -5.97
C MET A 168 10.96 24.76 -6.83
N ILE A 169 12.14 24.84 -6.20
CA ILE A 169 13.39 24.68 -6.94
C ILE A 169 13.49 23.28 -7.53
N MET A 170 13.15 22.27 -6.72
CA MET A 170 13.19 20.90 -7.21
C MET A 170 12.19 20.68 -8.33
N ASN A 171 10.97 21.21 -8.18
CA ASN A 171 9.97 21.08 -9.23
C ASN A 171 10.39 21.80 -10.50
N TYR A 172 10.95 23.01 -10.37
CA TYR A 172 11.35 23.77 -11.54
C TYR A 172 12.51 23.08 -12.27
N THR A 173 13.48 22.56 -11.53
CA THR A 173 14.61 21.90 -12.16
C THR A 173 14.21 20.57 -12.78
N PHE A 174 13.10 19.98 -12.33
CA PHE A 174 12.62 18.76 -12.95
C PHE A 174 11.95 19.05 -14.29
N ILE A 175 11.18 20.13 -14.36
CA ILE A 175 10.51 20.49 -15.61
C ILE A 175 11.54 20.86 -16.68
N LYS A 176 12.55 21.65 -16.31
CA LYS A 176 13.54 22.10 -17.27
C LYS A 176 14.40 20.94 -17.78
N LYS A 177 14.73 19.99 -16.90
CA LYS A 177 15.59 18.88 -17.28
C LYS A 177 14.84 17.79 -18.03
N GLN A 178 13.53 17.86 -18.12
CA GLN A 178 12.73 16.89 -18.85
C GLN A 178 12.32 17.48 -20.19
N SER A 179 12.61 16.77 -21.27
CA SER A 179 12.26 17.22 -22.61
C SER A 179 10.89 16.68 -23.00
N ILE A 180 10.53 16.84 -24.27
CA ILE A 180 9.25 16.31 -24.76
C ILE A 180 9.23 14.79 -24.68
N LEU A 181 10.34 14.15 -25.08
CA LEU A 181 10.42 12.69 -25.12
C LEU A 181 10.55 12.13 -23.71
N SER A 182 9.45 12.24 -22.97
CA SER A 182 9.40 11.74 -21.60
C SER A 182 8.13 10.97 -21.26
N LEU A 183 7.13 10.96 -22.14
CA LEU A 183 5.86 10.30 -21.87
C LEU A 183 5.75 8.91 -22.50
N PHE A 184 6.85 8.40 -23.06
CA PHE A 184 6.85 7.06 -23.64
C PHE A 184 8.16 6.34 -23.35
N ASP A 192 15.10 -8.16 -19.73
CA ASP A 192 13.81 -7.84 -19.14
C ASP A 192 13.89 -7.83 -17.63
N LYS A 193 12.81 -7.38 -16.99
CA LYS A 193 12.78 -7.36 -15.52
C LYS A 193 12.83 -8.77 -14.95
N VAL A 194 12.13 -9.72 -15.58
CA VAL A 194 12.11 -11.10 -15.13
C VAL A 194 13.26 -11.85 -15.77
N LYS A 195 14.10 -12.46 -14.95
CA LYS A 195 15.27 -13.19 -15.42
C LYS A 195 15.71 -14.17 -14.35
N LYS A 196 16.63 -15.05 -14.72
CA LYS A 196 17.17 -16.03 -13.79
C LYS A 196 18.13 -15.36 -12.81
N ILE A 197 18.60 -16.12 -11.83
CA ILE A 197 19.51 -15.62 -10.81
C ILE A 197 20.94 -15.81 -11.31
N SER A 198 21.71 -14.72 -11.30
CA SER A 198 23.08 -14.74 -11.79
C SER A 198 24.07 -15.03 -10.67
N PHE A 199 25.32 -15.25 -11.06
CA PHE A 199 26.37 -15.53 -10.07
C PHE A 199 26.63 -14.32 -9.18
N PHE A 200 26.58 -13.12 -9.75
CA PHE A 200 26.73 -11.91 -8.93
C PHE A 200 25.60 -11.79 -7.92
N GLN A 201 24.38 -12.15 -8.32
CA GLN A 201 23.27 -12.19 -7.37
C GLN A 201 23.49 -13.28 -6.33
N MET A 202 24.16 -14.36 -6.70
CA MET A 202 24.50 -15.42 -5.75
C MET A 202 25.41 -14.89 -4.66
N LEU A 203 26.51 -14.23 -5.03
CA LEU A 203 27.45 -13.73 -4.05
C LEU A 203 26.83 -12.65 -3.18
N ILE A 204 26.04 -11.76 -3.79
CA ILE A 204 25.39 -10.70 -3.03
C ILE A 204 24.41 -11.29 -2.02
N GLY A 205 23.62 -12.28 -2.44
CA GLY A 205 22.65 -12.87 -1.54
C GLY A 205 23.30 -13.58 -0.36
N ALA A 206 24.34 -14.37 -0.62
CA ALA A 206 25.03 -15.08 0.46
C ALA A 206 25.75 -14.09 1.38
N LEU A 207 26.38 -13.07 0.81
CA LEU A 207 27.11 -12.10 1.61
C LEU A 207 26.18 -11.29 2.51
N GLY A 208 24.98 -10.99 2.03
CA GLY A 208 24.04 -10.22 2.84
C GLY A 208 23.65 -10.95 4.12
N ILE A 209 23.33 -12.24 3.99
CA ILE A 209 23.00 -13.04 5.17
C ILE A 209 24.22 -13.22 6.06
N VAL A 210 25.39 -13.46 5.44
CA VAL A 210 26.61 -13.69 6.22
C VAL A 210 26.96 -12.44 7.03
N LEU A 211 26.85 -11.26 6.41
CA LEU A 211 27.18 -10.02 7.11
C LEU A 211 26.22 -9.77 8.26
N ILE A 212 24.93 -10.04 8.06
CA ILE A 212 23.94 -9.80 9.11
C ILE A 212 24.20 -10.71 10.30
N LEU A 213 24.43 -12.00 10.04
CA LEU A 213 24.70 -12.93 11.13
C LEU A 213 26.05 -12.67 11.78
N THR A 214 27.04 -12.22 11.00
CA THR A 214 28.33 -11.87 11.59
C THR A 214 28.19 -10.71 12.58
N GLY A 215 27.41 -9.70 12.22
CA GLY A 215 27.16 -8.60 13.14
C GLY A 215 26.42 -9.05 14.38
N TYR A 216 25.42 -9.93 14.21
CA TYR A 216 24.67 -10.42 15.35
C TYR A 216 25.56 -11.22 16.30
N TYR A 217 26.45 -12.05 15.75
CA TYR A 217 27.35 -12.84 16.60
C TYR A 217 28.31 -11.95 17.37
N VAL A 218 28.80 -10.88 16.74
CA VAL A 218 29.70 -9.95 17.42
C VAL A 218 28.99 -9.29 18.59
N SER A 219 27.73 -8.89 18.40
CA SER A 219 26.97 -8.30 19.49
C SER A 219 26.81 -9.26 20.65
N SER A 220 26.61 -10.55 20.35
CA SER A 220 26.47 -11.55 21.40
C SER A 220 27.75 -11.67 22.23
N GLU A 221 28.90 -11.35 21.64
CA GLU A 221 30.18 -11.43 22.32
C GLU A 221 30.86 -10.06 22.42
N LEU A 222 30.07 -9.00 22.35
CA LEU A 222 30.64 -7.65 22.40
C LEU A 222 31.22 -7.35 23.78
N PHE A 223 30.46 -7.64 24.83
CA PHE A 223 30.87 -7.38 26.20
C PHE A 223 31.29 -8.64 26.93
N GLY A 224 31.48 -9.75 26.22
CA GLY A 224 31.87 -10.98 26.87
C GLY A 224 33.25 -10.93 27.51
N GLY A 225 34.13 -10.08 26.97
CA GLY A 225 35.46 -9.96 27.52
C GLY A 225 36.56 -10.07 26.48
N LYS A 226 36.17 -10.27 25.21
CA LYS A 226 37.15 -10.37 24.14
C LYS A 226 37.89 -9.04 23.97
N PHE A 227 37.18 -7.94 24.01
CA PHE A 227 37.78 -6.62 23.89
C PHE A 227 38.12 -6.07 25.28
N LYS A 228 39.27 -5.41 25.37
CA LYS A 228 39.78 -4.90 26.63
C LYS A 228 39.81 -3.38 26.70
N THR A 229 40.46 -2.74 25.74
CA THR A 229 40.59 -1.29 25.75
C THR A 229 39.34 -0.63 25.17
N ILE A 230 39.19 0.66 25.48
CA ILE A 230 38.06 1.41 24.94
C ILE A 230 38.16 1.56 23.42
N ASN A 231 39.39 1.68 22.91
CA ASN A 231 39.58 1.78 21.46
C ASN A 231 39.09 0.51 20.76
N GLU A 232 39.38 -0.65 21.34
CA GLU A 232 38.88 -1.90 20.77
C GLU A 232 37.36 -1.95 20.78
N LEU A 233 36.75 -1.48 21.87
CA LEU A 233 35.28 -1.43 21.92
C LEU A 233 34.72 -0.49 20.87
N PHE A 234 35.34 0.67 20.70
CA PHE A 234 34.85 1.64 19.73
C PHE A 234 34.99 1.13 18.29
N VAL A 235 36.13 0.51 17.98
CA VAL A 235 36.32 -0.01 16.62
C VAL A 235 35.39 -1.20 16.37
N ALA A 236 35.08 -1.98 17.40
CA ALA A 236 34.10 -3.05 17.26
C ALA A 236 32.72 -2.48 16.99
N MET A 237 32.35 -1.39 17.68
CA MET A 237 31.06 -0.76 17.45
C MET A 237 30.95 -0.23 16.04
N SER A 238 32.03 0.35 15.51
CA SER A 238 32.02 0.81 14.13
C SER A 238 31.89 -0.36 13.17
N PHE A 239 32.55 -1.48 13.47
CA PHE A 239 32.50 -2.63 12.58
C PHE A 239 31.10 -3.25 12.55
N ILE A 240 30.47 -3.42 13.72
CA ILE A 240 29.15 -4.04 13.76
C ILE A 240 28.11 -3.13 13.12
N LEU A 241 28.22 -1.82 13.33
CA LEU A 241 27.31 -0.89 12.68
C LEU A 241 27.47 -0.94 11.16
N GLY A 242 28.71 -0.97 10.69
CA GLY A 242 28.94 -1.08 9.26
C GLY A 242 28.49 -2.40 8.70
N SER A 243 28.74 -3.50 9.42
CA SER A 243 28.35 -4.82 8.95
C SER A 243 26.83 -4.93 8.84
N VAL A 244 26.10 -4.42 9.83
CA VAL A 244 24.64 -4.49 9.78
C VAL A 244 24.09 -3.66 8.63
N ILE A 245 24.63 -2.45 8.44
CA ILE A 245 24.14 -1.57 7.37
C ILE A 245 24.42 -2.19 6.01
N ILE A 246 25.65 -2.67 5.81
CA ILE A 246 25.99 -3.32 4.55
C ILE A 246 25.18 -4.59 4.36
N GLY A 247 25.05 -5.39 5.42
CA GLY A 247 24.27 -6.61 5.32
C GLY A 247 22.81 -6.36 5.02
N THR A 248 22.22 -5.34 5.66
CA THR A 248 20.83 -4.99 5.39
C THR A 248 20.66 -4.52 3.94
N PHE A 249 21.58 -3.71 3.45
CA PHE A 249 21.50 -3.24 2.07
C PHE A 249 21.63 -4.40 1.09
N LEU A 250 22.56 -5.32 1.35
CA LEU A 250 22.69 -6.50 0.50
C LEU A 250 21.50 -7.44 0.66
N PHE A 251 20.90 -7.48 1.85
CA PHE A 251 19.73 -8.33 2.06
C PHE A 251 18.57 -7.87 1.18
N TYR A 252 18.36 -6.56 1.09
CA TYR A 252 17.28 -6.05 0.25
C TYR A 252 17.64 -6.13 -1.23
N LYS A 253 18.93 -6.17 -1.56
CA LYS A 253 19.36 -6.13 -2.95
C LYS A 253 19.25 -7.50 -3.61
N GLY A 254 19.97 -8.48 -3.09
CA GLY A 254 20.01 -9.78 -3.73
C GLY A 254 19.54 -10.94 -2.87
N SER A 255 19.65 -10.80 -1.55
CA SER A 255 19.29 -11.91 -0.67
C SER A 255 17.79 -12.18 -0.71
N VAL A 256 16.97 -11.13 -0.70
CA VAL A 256 15.53 -11.32 -0.68
C VAL A 256 15.06 -12.02 -1.96
N THR A 257 15.74 -11.76 -3.08
CA THR A 257 15.40 -12.44 -4.32
C THR A 257 15.70 -13.93 -4.24
N PHE A 258 16.85 -14.30 -3.64
CA PHE A 258 17.22 -15.70 -3.56
C PHE A 258 16.28 -16.48 -2.64
N ILE A 259 15.96 -15.93 -1.47
CA ILE A 259 15.04 -16.61 -0.56
C ILE A 259 13.69 -16.80 -1.23
N SER A 260 13.20 -15.78 -1.92
CA SER A 260 11.96 -15.91 -2.67
C SER A 260 12.10 -16.91 -3.81
N ASN A 261 13.27 -16.94 -4.47
CA ASN A 261 13.49 -17.91 -5.53
C ASN A 261 13.55 -19.33 -4.98
N ILE A 262 14.16 -19.51 -3.81
CA ILE A 262 14.33 -20.85 -3.25
C ILE A 262 12.99 -21.47 -2.91
N ILE A 263 12.11 -20.71 -2.25
CA ILE A 263 10.82 -21.26 -1.84
C ILE A 263 9.96 -21.58 -3.06
N ARG A 264 10.04 -20.74 -4.09
CA ARG A 264 9.28 -21.00 -5.32
C ARG A 264 9.74 -22.31 -5.97
N LYS A 265 11.06 -22.52 -6.05
CA LYS A 265 11.57 -23.78 -6.59
C LYS A 265 11.20 -24.96 -5.70
N SER A 266 11.29 -24.78 -4.38
CA SER A 266 10.93 -25.86 -3.46
C SER A 266 9.45 -26.20 -3.56
N LYS A 267 8.59 -25.17 -3.70
CA LYS A 267 7.17 -25.42 -3.85
C LYS A 267 6.81 -26.10 -5.16
N GLY A 268 7.73 -26.09 -6.13
CA GLY A 268 7.45 -26.66 -7.43
C GLY A 268 6.64 -25.69 -8.29
N GLY A 269 6.05 -26.25 -9.33
CA GLY A 269 5.24 -25.48 -10.26
C GLY A 269 3.79 -25.32 -9.87
N TYR A 270 3.40 -25.79 -8.68
CA TYR A 270 2.01 -25.73 -8.23
C TYR A 270 1.88 -24.57 -7.25
N LEU A 271 1.59 -23.39 -7.78
CA LEU A 271 1.44 -22.17 -6.99
C LEU A 271 -0.01 -21.73 -7.00
N ASN A 272 -0.53 -21.41 -5.81
CA ASN A 272 -1.90 -20.92 -5.69
C ASN A 272 -1.96 -19.45 -6.05
N ILE A 273 -3.16 -18.86 -5.90
CA ILE A 273 -3.34 -17.46 -6.24
C ILE A 273 -2.53 -16.58 -5.29
N SER A 274 -2.44 -16.96 -4.02
CA SER A 274 -1.67 -16.17 -3.05
C SER A 274 -0.18 -16.16 -3.39
N GLU A 275 0.33 -17.24 -3.98
CA GLU A 275 1.74 -17.32 -4.33
C GLU A 275 2.08 -16.63 -5.65
N VAL A 276 1.08 -16.15 -6.39
CA VAL A 276 1.37 -15.43 -7.62
C VAL A 276 1.65 -13.96 -7.34
N LEU A 277 0.69 -13.27 -6.70
CA LEU A 277 0.85 -11.86 -6.43
C LEU A 277 2.00 -11.60 -5.46
N SER A 278 2.13 -12.45 -4.43
CA SER A 278 3.17 -12.24 -3.43
C SER A 278 4.56 -12.40 -4.04
N LEU A 279 4.74 -13.39 -4.90
CA LEU A 279 6.04 -13.67 -5.50
C LEU A 279 6.31 -12.89 -6.77
N SER A 280 5.35 -12.07 -7.22
CA SER A 280 5.55 -11.23 -8.40
C SER A 280 6.07 -9.84 -8.04
N SER A 281 6.21 -9.53 -6.76
CA SER A 281 6.66 -8.22 -6.32
C SER A 281 8.00 -8.28 -5.58
N ILE A 282 8.12 -9.15 -4.57
CA ILE A 282 9.33 -9.19 -3.77
C ILE A 282 10.53 -9.71 -4.55
N MET A 283 10.29 -10.41 -5.66
CA MET A 283 11.40 -10.88 -6.48
C MET A 283 12.05 -9.74 -7.27
N PHE A 284 11.23 -8.83 -7.80
CA PHE A 284 11.72 -7.84 -8.76
C PHE A 284 11.54 -6.39 -8.32
N ARG A 285 10.68 -6.11 -7.34
CA ARG A 285 10.45 -4.74 -6.91
C ARG A 285 11.16 -4.37 -5.61
N MET A 286 11.49 -5.35 -4.77
CA MET A 286 12.21 -5.05 -3.54
C MET A 286 13.60 -4.50 -3.83
N LYS A 287 14.29 -5.06 -4.82
CA LYS A 287 15.64 -4.62 -5.14
C LYS A 287 15.67 -3.28 -5.87
N SER A 288 14.54 -2.84 -6.42
CA SER A 288 14.50 -1.57 -7.13
C SER A 288 14.63 -0.40 -6.17
N ASN A 289 14.18 -0.56 -4.93
CA ASN A 289 14.24 0.48 -3.91
C ASN A 289 14.94 -0.04 -2.66
N ALA A 290 16.09 -0.68 -2.85
CA ALA A 290 16.83 -1.24 -1.72
C ALA A 290 17.30 -0.16 -0.78
N LEU A 291 17.78 0.97 -1.32
CA LEU A 291 18.28 2.05 -0.48
C LEU A 291 17.18 2.62 0.40
N LEU A 292 15.98 2.81 -0.16
CA LEU A 292 14.88 3.35 0.62
C LEU A 292 14.48 2.40 1.74
N LEU A 293 14.41 1.10 1.43
CA LEU A 293 14.04 0.12 2.44
C LEU A 293 15.11 0.01 3.53
N THR A 294 16.38 0.07 3.13
CA THR A 294 17.47 -0.02 4.10
C THR A 294 17.44 1.16 5.07
N ILE A 295 17.21 2.37 4.55
CA ILE A 295 17.14 3.55 5.41
C ILE A 295 15.96 3.44 6.37
N ILE A 296 14.81 2.99 5.85
CA ILE A 296 13.63 2.84 6.70
C ILE A 296 13.88 1.81 7.79
N THR A 297 14.45 0.66 7.41
CA THR A 297 14.72 -0.39 8.38
C THR A 297 15.75 0.05 9.42
N THR A 298 16.82 0.71 8.97
CA THR A 298 17.89 1.11 9.88
C THR A 298 17.40 2.13 10.91
N VAL A 299 16.70 3.16 10.45
CA VAL A 299 16.23 4.20 11.36
C VAL A 299 15.15 3.66 12.29
N SER A 300 14.26 2.81 11.77
CA SER A 300 13.24 2.21 12.61
C SER A 300 13.85 1.32 13.70
N ALA A 301 14.86 0.54 13.34
CA ALA A 301 15.55 -0.28 14.32
C ALA A 301 16.26 0.59 15.36
N LEU A 302 16.91 1.67 14.90
CA LEU A 302 17.57 2.57 15.83
C LEU A 302 16.58 3.26 16.74
N ALA A 303 15.45 3.70 16.19
CA ALA A 303 14.43 4.37 17.01
C ALA A 303 13.84 3.41 18.04
N ILE A 304 13.55 2.17 17.64
CA ILE A 304 13.02 1.19 18.57
C ILE A 304 14.07 0.85 19.64
N GLY A 305 15.32 0.68 19.22
CA GLY A 305 16.38 0.36 20.16
C GLY A 305 16.60 1.47 21.18
N LEU A 306 16.65 2.72 20.72
CA LEU A 306 16.83 3.84 21.64
C LEU A 306 15.63 3.98 22.58
N LEU A 307 14.42 3.83 22.04
CA LEU A 307 13.23 3.95 22.88
C LEU A 307 13.16 2.85 23.92
N SER A 308 13.47 1.61 23.53
CA SER A 308 13.45 0.50 24.47
C SER A 308 14.51 0.67 25.56
N LEU A 309 15.71 1.09 25.17
CA LEU A 309 16.77 1.29 26.16
C LEU A 309 16.41 2.41 27.14
N ALA A 310 15.83 3.50 26.64
CA ALA A 310 15.40 4.58 27.53
C ALA A 310 14.31 4.09 28.47
N TYR A 311 13.36 3.31 27.96
CA TYR A 311 12.32 2.76 28.82
C TYR A 311 12.89 1.76 29.82
N ILE A 312 13.93 1.03 29.44
CA ILE A 312 14.57 0.08 30.36
C ILE A 312 15.16 0.83 31.54
N SER A 313 15.87 1.94 31.28
CA SER A 313 16.41 2.75 32.35
C SER A 313 15.29 3.40 33.18
N TYR A 314 14.24 3.88 32.50
CA TYR A 314 13.13 4.49 33.21
C TYR A 314 12.42 3.49 34.10
N TYR A 315 12.21 2.27 33.61
CA TYR A 315 11.55 1.24 34.41
C TYR A 315 12.38 0.88 35.64
N SER A 316 13.69 0.78 35.47
CA SER A 316 14.59 0.42 36.56
C SER A 316 15.18 1.62 37.28
N SER A 317 14.68 2.83 37.01
CA SER A 317 15.24 4.03 37.62
C SER A 317 15.12 3.98 39.13
N GLU A 318 13.95 3.57 39.64
CA GLU A 318 13.80 3.44 41.09
C GLU A 318 14.73 2.36 41.64
N LYS A 319 14.82 1.23 40.94
CA LYS A 319 15.73 0.17 41.37
C LYS A 319 17.18 0.64 41.30
N THR A 320 17.54 1.33 40.21
CA THR A 320 18.90 1.85 40.08
C THR A 320 19.19 2.92 41.13
N ALA A 321 18.20 3.76 41.45
CA ALA A 321 18.38 4.72 42.52
C ALA A 321 18.59 4.02 43.86
N GLU A 322 17.82 2.96 44.11
CA GLU A 322 18.06 2.12 45.27
C GLU A 322 19.38 1.36 45.12
N GLN A 323 19.80 1.10 43.88
CA GLN A 323 21.07 0.41 43.66
C GLN A 323 22.24 1.26 44.15
N ASN A 324 22.31 2.51 43.70
CA ASN A 324 23.43 3.39 44.04
C ASN A 324 23.48 3.75 45.52
N VAL A 325 22.36 3.63 46.22
CA VAL A 325 22.30 3.96 47.64
C VAL A 325 22.20 2.67 48.45
N ALA A 326 22.35 2.82 49.77
CA ALA A 326 22.15 1.72 50.69
C ALA A 326 20.98 1.92 51.64
N ALA A 327 20.47 3.14 51.76
CA ALA A 327 19.31 3.45 52.59
C ALA A 327 18.54 4.58 51.93
N ASP A 328 17.53 5.09 52.62
CA ASP A 328 16.75 6.20 52.07
C ASP A 328 17.56 7.49 52.00
N PHE A 329 18.63 7.60 52.78
CA PHE A 329 19.50 8.77 52.75
C PHE A 329 20.94 8.35 52.93
N SER A 330 21.86 9.15 52.39
CA SER A 330 23.29 8.92 52.54
C SER A 330 23.95 10.22 52.97
N PHE A 331 24.82 10.14 53.98
CA PHE A 331 25.45 11.32 54.54
C PHE A 331 26.97 11.15 54.52
N MET A 332 27.67 12.22 54.13
CA MET A 332 29.12 12.16 54.00
C MET A 332 29.82 12.42 55.32
N ASN A 333 29.28 13.32 56.15
CA ASN A 333 29.92 13.71 57.39
C ASN A 333 28.95 13.56 58.55
N GLU A 334 29.53 13.40 59.75
CA GLU A 334 28.72 13.20 60.95
C GLU A 334 28.00 14.47 61.38
N LYS A 335 28.62 15.63 61.15
CA LYS A 335 28.04 16.89 61.63
C LYS A 335 26.69 17.16 60.96
N ASP A 336 26.59 16.93 59.66
CA ASP A 336 25.31 17.11 58.97
C ASP A 336 24.29 16.06 59.42
N ALA A 337 24.75 14.85 59.77
CA ALA A 337 23.84 13.85 60.30
C ALA A 337 23.24 14.30 61.62
N LYS A 338 24.04 14.91 62.49
CA LYS A 338 23.52 15.43 63.74
C LYS A 338 22.50 16.53 63.51
N LEU A 339 22.77 17.42 62.54
CA LEU A 339 21.81 18.46 62.21
C LEU A 339 20.53 17.87 61.65
N PHE A 340 20.65 16.85 60.78
CA PHE A 340 19.49 16.27 60.13
C PHE A 340 18.64 15.44 61.09
N GLU A 341 19.27 14.70 62.01
CA GLU A 341 18.51 13.86 62.92
C GLU A 341 17.62 14.69 63.84
N ASN A 342 18.11 15.86 64.28
CA ASN A 342 17.30 16.73 65.11
C ASN A 342 16.10 17.28 64.34
N LYS A 343 16.29 17.57 63.04
CA LYS A 343 15.19 18.08 62.23
C LYS A 343 14.07 17.04 62.12
N LEU A 344 14.43 15.77 61.93
CA LEU A 344 13.41 14.73 61.87
C LEU A 344 12.87 14.40 63.26
N ARG A 345 13.68 14.58 64.30
CA ARG A 345 13.21 14.30 65.66
C ARG A 345 12.08 15.25 66.05
N GLU A 346 12.21 16.52 65.71
CA GLU A 346 11.15 17.50 66.00
C GLU A 346 9.97 17.36 65.05
N SER A 347 10.09 16.55 64.00
CA SER A 347 9.01 16.33 63.04
C SER A 347 8.21 15.08 63.35
N ASN A 348 8.29 14.58 64.59
CA ASN A 348 7.58 13.39 65.08
C ASN A 348 7.59 12.24 64.08
N ILE A 349 8.74 12.00 63.45
CA ILE A 349 8.91 10.89 62.51
C ILE A 349 10.05 10.01 63.02
N SER A 350 9.76 8.71 63.16
CA SER A 350 10.77 7.77 63.63
C SER A 350 11.75 7.45 62.51
N PHE A 351 13.05 7.49 62.84
CA PHE A 351 14.09 7.23 61.87
C PHE A 351 15.19 6.42 62.52
N VAL A 352 15.94 5.67 61.71
CA VAL A 352 17.03 4.84 62.18
C VAL A 352 18.29 5.24 61.40
N LYS A 353 19.35 5.58 62.12
CA LYS A 353 20.63 5.93 61.52
C LYS A 353 21.61 4.79 61.77
N LYS A 354 22.15 4.22 60.69
CA LYS A 354 23.07 3.10 60.77
C LYS A 354 24.47 3.55 60.42
N ALA A 355 25.44 3.14 61.24
CA ALA A 355 26.85 3.45 61.04
C ALA A 355 27.58 2.17 60.70
N THR A 356 27.98 2.03 59.45
CA THR A 356 28.68 0.84 58.96
C THR A 356 30.06 1.20 58.45
N PRO A 357 31.11 1.03 59.25
CA PRO A 357 32.46 1.28 58.75
C PRO A 357 32.81 0.32 57.61
N VAL A 358 33.56 0.84 56.63
CA VAL A 358 34.01 0.03 55.51
C VAL A 358 35.52 0.15 55.40
N LEU A 359 36.12 -0.85 54.76
CA LEU A 359 37.56 -0.90 54.57
C LEU A 359 37.86 -1.05 53.09
N GLN A 360 38.87 -0.31 52.62
CA GLN A 360 39.31 -0.35 51.24
C GLN A 360 40.74 -0.88 51.19
N ALA A 361 40.99 -1.83 50.31
CA ALA A 361 42.31 -2.44 50.17
C ALA A 361 42.41 -3.08 48.79
N ASN A 362 43.49 -3.82 48.57
CA ASN A 362 43.72 -4.53 47.33
C ASN A 362 43.52 -6.02 47.56
N VAL A 363 42.76 -6.65 46.66
CA VAL A 363 42.43 -8.07 46.77
C VAL A 363 42.72 -8.75 45.44
N ASP A 364 43.44 -9.87 45.49
CA ASP A 364 43.70 -10.68 44.31
C ASP A 364 42.51 -11.60 44.09
N ILE A 365 41.64 -11.23 43.15
CA ILE A 365 40.47 -12.04 42.83
C ILE A 365 40.66 -12.85 41.55
N ALA A 366 41.80 -12.68 40.86
CA ALA A 366 42.05 -13.42 39.63
C ALA A 366 42.14 -14.92 39.86
N ASN A 367 42.44 -15.36 41.08
CA ASN A 367 42.48 -16.80 41.37
C ASN A 367 41.11 -17.45 41.19
N ILE A 368 40.03 -16.69 41.35
CA ILE A 368 38.68 -17.21 41.14
C ILE A 368 38.00 -16.58 39.93
N MET A 369 38.63 -15.61 39.28
CA MET A 369 38.08 -15.02 38.08
C MET A 369 38.07 -16.06 36.96
N ASP A 370 36.88 -16.46 36.55
CA ASP A 370 36.73 -17.47 35.51
C ASP A 370 37.31 -16.99 34.19
N GLY A 371 38.04 -17.87 33.51
CA GLY A 371 38.64 -17.51 32.24
C GLY A 371 39.79 -16.54 32.42
N THR A 372 40.10 -15.82 31.34
CA THR A 372 41.20 -14.87 31.38
C THR A 372 40.84 -13.67 32.27
N PRO A 373 41.80 -13.17 33.05
CA PRO A 373 41.53 -12.01 33.91
C PRO A 373 41.63 -10.67 33.19
N LYS A 374 41.79 -10.66 31.87
CA LYS A 374 41.90 -9.43 31.10
C LYS A 374 40.56 -8.94 30.57
N GLU A 375 39.46 -9.60 30.92
CA GLU A 375 38.15 -9.21 30.39
C GLU A 375 37.72 -7.84 30.91
N MET A 376 38.10 -7.51 32.14
CA MET A 376 37.64 -6.28 32.77
C MET A 376 38.70 -5.18 32.69
N GLN A 377 38.26 -3.94 32.88
CA GLN A 377 39.11 -2.77 32.69
C GLN A 377 39.88 -2.50 33.99
N GLY A 378 41.03 -3.13 34.11
CA GLY A 378 41.86 -2.97 35.28
C GLY A 378 42.61 -4.25 35.58
N ASP A 379 43.21 -4.27 36.77
CA ASP A 379 43.97 -5.43 37.22
C ASP A 379 43.21 -6.12 38.35
N PRO A 380 42.75 -7.37 38.14
CA PRO A 380 42.08 -8.07 39.24
C PRO A 380 42.97 -8.27 40.45
N GLY A 381 44.28 -8.37 40.28
CA GLY A 381 45.17 -8.56 41.42
C GLY A 381 45.19 -7.38 42.36
N ASN A 382 45.21 -6.17 41.83
CA ASN A 382 45.30 -4.95 42.62
C ASN A 382 44.14 -4.04 42.24
N MET A 383 43.06 -4.11 43.01
CA MET A 383 41.86 -3.35 42.74
C MET A 383 41.12 -3.11 44.05
N GLN A 384 40.39 -1.99 44.09
CA GLN A 384 39.79 -1.48 45.33
C GLN A 384 38.43 -2.12 45.55
N LEU A 385 38.34 -2.93 46.60
CA LEU A 385 37.12 -3.66 46.93
C LEU A 385 36.69 -3.28 48.35
N ALA A 386 35.42 -2.90 48.49
CA ALA A 386 34.90 -2.54 49.81
C ALA A 386 34.87 -3.78 50.71
N VAL A 387 35.30 -3.59 51.96
CA VAL A 387 35.33 -4.65 52.95
C VAL A 387 34.43 -4.25 54.11
N VAL A 388 33.47 -5.12 54.44
CA VAL A 388 32.48 -4.86 55.47
C VAL A 388 32.59 -5.94 56.55
N SER A 389 32.55 -5.51 57.81
CA SER A 389 32.64 -6.46 58.92
C SER A 389 31.36 -7.28 59.05
N ASP A 390 31.50 -8.43 59.70
CA ASP A 390 30.35 -9.32 59.89
C ASP A 390 29.31 -8.70 60.82
N LYS A 391 29.75 -8.07 61.91
CA LYS A 391 28.82 -7.45 62.84
C LYS A 391 28.16 -6.21 62.25
N ASP A 392 28.71 -5.65 61.18
CA ASP A 392 28.15 -4.44 60.58
C ASP A 392 26.76 -4.68 60.05
N VAL A 393 26.54 -5.83 59.41
CA VAL A 393 25.27 -6.14 58.77
C VAL A 393 24.62 -7.32 59.49
N LYS A 394 23.37 -7.59 59.12
CA LYS A 394 22.59 -8.65 59.76
C LYS A 394 22.12 -9.66 58.74
N GLY A 395 23.01 -10.08 57.84
CA GLY A 395 22.65 -11.03 56.81
C GLY A 395 22.99 -12.46 57.18
N VAL A 396 24.04 -13.00 56.59
CA VAL A 396 24.48 -14.38 56.84
C VAL A 396 25.80 -14.34 57.60
N ASP A 397 25.87 -15.09 58.69
CA ASP A 397 27.10 -15.15 59.47
C ASP A 397 28.20 -15.83 58.68
N VAL A 398 29.42 -15.29 58.81
CA VAL A 398 30.58 -15.78 58.08
C VAL A 398 31.61 -16.25 59.10
N ALA A 399 32.11 -17.47 58.91
CA ALA A 399 33.11 -18.03 59.81
C ALA A 399 34.50 -17.60 59.37
N ALA A 400 35.52 -18.06 60.11
CA ALA A 400 36.90 -17.72 59.78
C ALA A 400 37.32 -18.39 58.48
N GLY A 401 38.11 -17.66 57.68
CA GLY A 401 38.57 -18.19 56.42
C GLY A 401 37.51 -18.25 55.34
N GLU A 402 36.43 -17.48 55.48
CA GLU A 402 35.35 -17.47 54.51
C GLU A 402 34.98 -16.04 54.17
N ALA A 403 34.30 -15.88 53.04
CA ALA A 403 33.90 -14.56 52.57
C ALA A 403 32.62 -14.68 51.77
N VAL A 404 31.93 -13.55 51.63
CA VAL A 404 30.72 -13.46 50.82
C VAL A 404 30.82 -12.20 49.98
N PHE A 405 30.22 -12.23 48.79
CA PHE A 405 30.14 -11.09 47.90
C PHE A 405 28.68 -10.66 47.78
N SER A 406 28.41 -9.40 48.10
CA SER A 406 27.06 -8.86 48.11
C SER A 406 26.87 -7.90 46.95
N GLY A 407 25.77 -8.08 46.21
CA GLY A 407 25.49 -7.23 45.07
C GLY A 407 25.51 -7.96 43.75
N TYR A 408 24.33 -8.27 43.20
CA TYR A 408 24.27 -8.97 41.93
C TYR A 408 24.64 -8.03 40.79
N THR A 409 23.84 -6.99 40.57
CA THR A 409 24.17 -5.91 39.64
C THR A 409 24.53 -6.46 38.26
N ASP A 410 23.51 -7.01 37.59
CA ASP A 410 23.66 -7.87 36.42
C ASP A 410 24.84 -7.50 35.52
N LEU A 411 25.03 -6.21 35.27
CA LEU A 411 26.22 -5.76 34.54
C LEU A 411 27.50 -6.26 35.18
N LEU A 412 27.53 -6.34 36.52
CA LEU A 412 28.70 -6.86 37.22
C LEU A 412 28.98 -8.30 36.81
N GLN A 413 27.93 -9.13 36.74
CA GLN A 413 28.13 -10.56 36.48
C GLN A 413 28.71 -10.80 35.09
N LYS A 414 28.24 -10.04 34.09
CA LYS A 414 28.75 -10.23 32.73
C LYS A 414 30.22 -9.84 32.64
N ILE A 415 30.58 -8.68 33.19
CA ILE A 415 31.97 -8.26 33.18
C ILE A 415 32.80 -9.13 34.12
N MET A 416 32.28 -9.39 35.31
CA MET A 416 32.98 -10.19 36.33
C MET A 416 32.24 -11.52 36.43
N VAL A 417 32.70 -12.51 35.67
CA VAL A 417 32.05 -13.80 35.64
C VAL A 417 32.49 -14.59 36.88
N PHE A 418 31.75 -14.44 37.97
CA PHE A 418 32.15 -15.03 39.23
C PHE A 418 31.93 -16.55 39.22
N LYS A 419 32.74 -17.24 40.02
CA LYS A 419 32.63 -18.67 40.23
C LYS A 419 31.98 -18.94 41.58
N ASP A 420 31.82 -20.22 41.91
CA ASP A 420 31.19 -20.61 43.16
C ASP A 420 32.16 -21.11 44.22
N SER A 421 33.42 -21.38 43.85
CA SER A 421 34.40 -21.86 44.81
C SER A 421 35.79 -21.41 44.35
N GLY A 422 36.71 -21.38 45.31
CA GLY A 422 38.07 -21.00 45.03
C GLY A 422 38.70 -20.36 46.26
N VAL A 423 39.88 -19.79 46.05
CA VAL A 423 40.62 -19.10 47.08
C VAL A 423 40.84 -17.65 46.64
N ILE A 424 40.44 -16.71 47.50
CA ILE A 424 40.51 -15.29 47.20
C ILE A 424 41.56 -14.66 48.11
N LYS A 425 42.42 -13.84 47.52
CA LYS A 425 43.64 -13.37 48.16
C LYS A 425 43.51 -11.88 48.38
N VAL A 426 43.60 -11.43 49.64
CA VAL A 426 43.51 -10.01 49.97
C VAL A 426 44.91 -9.51 50.30
N LYS A 427 45.39 -8.51 49.55
CA LYS A 427 46.73 -7.98 49.70
C LYS A 427 46.63 -6.60 50.34
N SER A 428 46.82 -6.53 51.66
CA SER A 428 46.78 -5.28 52.40
C SER A 428 48.18 -4.67 52.46
N LYS A 429 48.35 -3.66 53.33
CA LYS A 429 49.65 -3.05 53.52
C LYS A 429 50.65 -4.04 54.10
N HIS A 430 50.16 -5.06 54.79
CA HIS A 430 51.03 -6.05 55.44
C HIS A 430 50.66 -7.45 54.96
N GLU A 431 51.17 -8.48 55.65
CA GLU A 431 51.00 -9.87 55.28
C GLU A 431 49.58 -10.18 54.81
N THR A 432 49.47 -10.78 53.62
CA THR A 432 48.19 -11.12 53.03
C THR A 432 47.58 -12.33 53.73
N GLN A 433 46.25 -12.44 53.63
CA GLN A 433 45.48 -13.52 54.23
C GLN A 433 44.62 -14.19 53.18
N PRO A 434 44.55 -15.52 53.15
CA PRO A 434 43.73 -16.19 52.15
C PRO A 434 42.30 -16.44 52.63
N LEU A 435 41.31 -16.14 51.80
CA LEU A 435 39.91 -16.32 52.13
C LEU A 435 39.25 -17.22 51.09
N LYS A 436 37.96 -17.47 51.27
CA LYS A 436 37.15 -18.25 50.33
C LYS A 436 35.76 -17.64 50.29
N TYR A 437 35.18 -17.55 49.09
CA TYR A 437 33.91 -16.87 48.91
C TYR A 437 32.97 -17.71 48.05
N LYS A 438 31.67 -17.43 48.22
CA LYS A 438 30.62 -18.03 47.41
C LYS A 438 30.01 -17.03 46.43
N GLY A 439 29.61 -15.86 46.91
CA GLY A 439 29.06 -14.83 46.05
C GLY A 439 27.59 -15.04 45.75
N LEU A 440 27.13 -14.32 44.72
CA LEU A 440 25.76 -14.40 44.23
C LEU A 440 24.76 -14.05 45.34
N ARG A 441 24.87 -12.82 45.83
CA ARG A 441 23.94 -12.26 46.79
C ARG A 441 23.11 -11.16 46.14
N GLU A 442 22.12 -10.67 46.89
CA GLU A 442 21.26 -9.60 46.41
C GLU A 442 21.41 -8.30 47.20
N GLU A 443 21.25 -8.35 48.51
CA GLU A 443 21.24 -7.11 49.29
C GLU A 443 22.60 -6.43 49.21
N PHE A 444 22.56 -5.13 48.97
CA PHE A 444 23.76 -4.34 48.71
C PHE A 444 24.06 -3.50 49.93
N LEU A 445 25.17 -3.81 50.62
CA LEU A 445 25.46 -3.21 51.91
C LEU A 445 26.16 -1.87 51.81
N VAL A 446 26.70 -1.51 50.63
CA VAL A 446 27.52 -0.32 50.47
C VAL A 446 26.97 0.50 49.32
N SER A 447 26.80 1.81 49.55
CA SER A 447 26.43 2.72 48.48
C SER A 447 27.61 2.93 47.54
N TYR A 448 27.29 3.35 46.31
CA TYR A 448 28.30 3.47 45.27
C TYR A 448 29.24 4.66 45.46
N THR A 449 29.12 5.40 46.57
CA THR A 449 30.00 6.53 46.80
C THR A 449 31.39 6.10 47.25
N PHE A 450 31.52 4.96 47.94
CA PHE A 450 32.84 4.41 48.22
C PHE A 450 33.24 3.36 47.18
N THR A 451 32.46 2.29 47.05
CA THR A 451 32.77 1.27 46.07
C THR A 451 32.35 1.73 44.69
N SER A 452 32.85 1.02 43.67
CA SER A 452 32.52 1.38 42.30
C SER A 452 31.06 1.09 42.01
N GLY A 453 30.61 1.55 40.83
CA GLY A 453 29.21 1.39 40.47
C GLY A 453 28.77 -0.06 40.40
N GLY A 454 29.64 -0.92 39.91
CA GLY A 454 29.32 -2.33 39.82
C GLY A 454 30.12 -3.21 40.76
N MET A 455 31.16 -2.65 41.36
CA MET A 455 32.04 -3.45 42.20
C MET A 455 31.30 -3.83 43.49
N PRO A 456 31.23 -5.11 43.84
CA PRO A 456 30.52 -5.52 45.06
C PRO A 456 31.41 -5.32 46.29
N ALA A 457 30.87 -5.73 47.44
CA ALA A 457 31.54 -5.61 48.72
C ALA A 457 31.73 -6.99 49.33
N VAL A 458 32.93 -7.25 49.83
CA VAL A 458 33.26 -8.54 50.45
C VAL A 458 32.92 -8.46 51.93
N ILE A 459 32.42 -9.57 52.48
CA ILE A 459 32.06 -9.67 53.89
C ILE A 459 33.03 -10.64 54.56
N VAL A 460 33.60 -10.21 55.68
CA VAL A 460 34.60 -10.99 56.40
C VAL A 460 34.16 -11.07 57.86
N ASP A 461 34.55 -12.17 58.52
CA ASP A 461 34.25 -12.33 59.95
C ASP A 461 34.85 -11.17 60.74
N ASP A 462 34.10 -10.71 61.74
CA ASP A 462 34.50 -9.53 62.50
C ASP A 462 35.80 -9.73 63.26
N SER A 463 36.18 -10.97 63.55
CA SER A 463 37.45 -11.22 64.23
C SER A 463 38.62 -10.77 63.37
N LEU A 464 38.57 -11.06 62.07
CA LEU A 464 39.60 -10.58 61.16
C LEU A 464 39.53 -9.07 60.99
N PHE A 465 38.31 -8.53 60.94
CA PHE A 465 38.15 -7.08 60.76
C PHE A 465 38.72 -6.31 61.94
N LYS A 466 38.50 -6.80 63.16
CA LYS A 466 39.09 -6.14 64.32
C LYS A 466 40.60 -6.36 64.39
N GLN A 467 41.09 -7.42 63.75
CA GLN A 467 42.52 -7.73 63.81
C GLN A 467 43.32 -6.72 63.00
N LEU A 468 42.89 -6.44 61.78
CA LEU A 468 43.64 -5.60 60.86
C LEU A 468 43.31 -4.10 61.02
N ASP A 469 42.67 -3.72 62.13
CA ASP A 469 42.42 -2.30 62.37
C ASP A 469 43.71 -1.51 62.47
N LYS A 470 44.73 -2.07 63.13
CA LYS A 470 46.00 -1.38 63.24
C LYS A 470 46.75 -1.35 61.91
N ASP A 471 46.59 -2.38 61.08
CA ASP A 471 47.25 -2.47 59.79
C ASP A 471 46.19 -2.27 58.70
N LYS A 472 45.90 -1.02 58.38
CA LYS A 472 44.98 -0.66 57.31
C LYS A 472 45.72 0.20 56.30
N ASP A 473 45.44 -0.02 55.02
CA ASP A 473 46.17 0.68 53.97
C ASP A 473 45.77 2.14 53.95
N PRO A 474 46.71 3.08 54.15
CA PRO A 474 46.37 4.50 54.01
C PRO A 474 46.29 4.90 52.55
N ARG A 475 46.95 4.11 51.69
CA ARG A 475 46.90 4.37 50.26
C ARG A 475 45.49 4.20 49.71
N ILE A 476 44.77 3.19 50.21
CA ILE A 476 43.43 2.89 49.70
C ILE A 476 42.39 3.23 50.76
N GLN A 477 41.92 4.48 50.74
CA GLN A 477 40.82 4.94 51.59
C GLN A 477 40.41 6.33 51.09
N LEU A 478 39.13 6.54 50.80
CA LEU A 478 38.80 7.80 50.12
C LEU A 478 38.65 8.97 51.09
N ALA A 479 37.55 9.02 51.82
CA ALA A 479 37.42 10.04 52.88
C ALA A 479 36.61 9.54 54.07
N GLN A 480 35.73 8.57 53.85
CA GLN A 480 34.58 8.38 54.74
C GLN A 480 34.76 7.29 55.78
N SER A 481 35.22 6.10 55.37
CA SER A 481 35.19 4.92 56.23
C SER A 481 33.76 4.63 56.65
N THR A 482 33.36 5.12 57.81
CA THR A 482 32.01 4.86 58.31
C THR A 482 30.95 5.43 57.36
N PHE A 483 29.87 4.69 57.19
CA PHE A 483 28.78 5.07 56.29
C PHE A 483 27.52 5.34 57.10
N ILE A 484 26.80 6.41 56.74
CA ILE A 484 25.60 6.83 57.45
C ILE A 484 24.40 6.61 56.53
N GLY A 485 23.44 5.81 57.00
CA GLY A 485 22.22 5.58 56.26
C GLY A 485 20.98 5.83 57.10
N VAL A 486 20.05 6.63 56.59
CA VAL A 486 18.87 7.04 57.33
C VAL A 486 17.63 6.55 56.58
N ASN A 487 16.76 5.84 57.30
CA ASN A 487 15.47 5.41 56.78
C ASN A 487 14.37 5.80 57.76
N VAL A 488 13.14 5.95 57.24
CA VAL A 488 12.01 6.40 58.02
C VAL A 488 10.85 5.43 57.87
N LYS A 489 9.89 5.53 58.78
CA LYS A 489 8.75 4.63 58.83
C LYS A 489 7.82 4.87 57.64
N HIS A 490 7.04 3.84 57.33
CA HIS A 490 6.02 3.85 56.27
C HIS A 490 6.67 4.29 54.95
N ASP A 491 5.88 4.84 54.05
CA ASP A 491 6.33 5.29 52.74
C ASP A 491 5.95 6.74 52.45
N ASP A 492 4.81 7.21 52.96
CA ASP A 492 4.37 8.58 52.71
C ASP A 492 5.31 9.60 53.33
N GLN A 493 6.12 9.21 54.30
CA GLN A 493 7.08 10.13 54.92
C GLN A 493 8.26 10.44 54.00
N MET A 494 8.35 9.79 52.84
CA MET A 494 9.44 10.08 51.92
C MET A 494 9.43 11.54 51.48
N GLU A 495 8.25 12.06 51.14
CA GLU A 495 8.15 13.42 50.62
C GLU A 495 8.52 14.45 51.68
N LYS A 496 8.01 14.26 52.90
CA LYS A 496 8.32 15.21 53.97
C LYS A 496 9.81 15.20 54.30
N ALA A 497 10.41 14.02 54.35
CA ALA A 497 11.85 13.94 54.61
C ALA A 497 12.65 14.56 53.47
N ASN A 498 12.24 14.29 52.22
CA ASN A 498 12.96 14.84 51.08
C ASN A 498 12.90 16.35 51.03
N GLU A 499 11.72 16.92 51.29
CA GLU A 499 11.60 18.38 51.27
C GLU A 499 12.39 19.03 52.40
N LEU A 500 12.50 18.35 53.55
CA LEU A 500 13.31 18.86 54.64
C LEU A 500 14.79 18.64 54.39
N PHE A 501 15.15 17.60 53.65
CA PHE A 501 16.54 17.31 53.36
C PHE A 501 17.13 18.27 52.33
N GLN A 502 16.27 18.90 51.52
CA GLN A 502 16.76 19.75 50.44
C GLN A 502 17.54 20.95 50.99
N GLN A 503 17.05 21.56 52.06
CA GLN A 503 17.71 22.74 52.62
C GLN A 503 19.02 22.41 53.33
N VAL A 504 19.31 21.14 53.57
CA VAL A 504 20.53 20.78 54.29
C VAL A 504 21.73 20.79 53.37
N ASN A 505 21.62 20.10 52.22
CA ASN A 505 22.74 19.97 51.29
C ASN A 505 22.77 21.19 50.36
N LYS A 506 23.19 22.32 50.94
CA LYS A 506 23.30 23.55 50.16
C LYS A 506 24.40 23.44 49.10
N LYS A 507 25.50 22.75 49.43
CA LYS A 507 26.60 22.55 48.50
C LYS A 507 26.39 21.36 47.58
N ASN A 508 25.27 20.65 47.74
CA ASN A 508 24.96 19.46 46.93
C ASN A 508 26.06 18.41 47.04
N GLU A 509 26.65 18.30 48.23
CA GLU A 509 27.67 17.29 48.49
C GLU A 509 27.09 15.98 49.00
N HIS A 510 25.82 15.95 49.38
CA HIS A 510 25.18 14.75 49.87
C HIS A 510 24.56 13.98 48.70
N LEU A 511 23.78 12.96 49.01
CA LEU A 511 23.17 12.14 47.97
C LEU A 511 21.94 11.45 48.56
N SER A 512 20.77 11.72 47.98
CA SER A 512 19.51 11.18 48.46
C SER A 512 18.93 10.23 47.42
N ARG A 513 18.25 9.19 47.92
CA ARG A 513 17.65 8.20 47.03
C ARG A 513 16.57 8.83 46.16
N LEU A 514 15.72 9.67 46.76
CA LEU A 514 14.65 10.31 45.99
C LEU A 514 15.22 11.27 44.95
N ASP A 515 16.25 12.04 45.32
CA ASP A 515 16.84 12.99 44.39
C ASP A 515 17.49 12.28 43.21
N THR A 516 18.21 11.19 43.48
CA THR A 516 18.84 10.44 42.41
C THR A 516 17.80 9.81 41.49
N SER A 517 16.72 9.28 42.06
CA SER A 517 15.65 8.73 41.25
C SER A 517 14.98 9.81 40.41
N ALA A 518 14.72 10.98 41.00
CA ALA A 518 14.08 12.06 40.27
C ALA A 518 14.95 12.55 39.12
N ALA A 519 16.26 12.69 39.37
CA ALA A 519 17.15 13.14 38.31
C ALA A 519 17.22 12.13 37.18
N GLN A 520 17.29 10.84 37.52
CA GLN A 520 17.29 9.80 36.50
C GLN A 520 15.96 9.76 35.75
N LYS A 521 14.85 9.96 36.49
CA LYS A 521 13.54 9.97 35.86
C LYS A 521 13.41 11.10 34.86
N SER A 522 13.89 12.30 35.22
CA SER A 522 13.74 13.45 34.34
C SER A 522 14.66 13.35 33.13
N LEU A 523 15.90 12.93 33.35
CA LEU A 523 16.87 12.87 32.25
C LEU A 523 16.45 11.83 31.21
N PHE A 524 16.13 10.62 31.65
CA PHE A 524 15.72 9.58 30.72
C PHE A 524 14.29 9.78 30.23
N GLY A 525 13.44 10.43 31.03
CA GLY A 525 12.10 10.74 30.55
C GLY A 525 12.11 11.73 29.41
N MET A 526 12.99 12.74 29.49
CA MET A 526 13.13 13.68 28.38
C MET A 526 13.64 12.99 27.13
N VAL A 527 14.62 12.08 27.29
CA VAL A 527 15.13 11.33 26.15
C VAL A 527 14.04 10.45 25.55
N MET A 528 13.26 9.79 26.41
CA MET A 528 12.14 8.98 25.92
C MET A 528 11.11 9.84 25.21
N PHE A 529 10.83 11.02 25.76
CA PHE A 529 9.88 11.93 25.12
C PHE A 529 10.38 12.38 23.75
N ILE A 530 11.67 12.72 23.66
CA ILE A 530 12.22 13.17 22.38
C ILE A 530 12.28 12.02 21.39
N VAL A 531 12.79 10.87 21.81
CA VAL A 531 12.93 9.72 20.91
C VAL A 531 11.56 9.19 20.51
N GLY A 532 10.64 9.10 21.46
CA GLY A 532 9.32 8.55 21.16
C GLY A 532 8.56 9.39 20.15
N PHE A 533 8.59 10.71 20.31
CA PHE A 533 7.88 11.57 19.36
C PHE A 533 8.60 11.61 18.01
N LEU A 534 9.93 11.63 18.02
CA LEU A 534 10.66 11.57 16.77
C LEU A 534 10.44 10.24 16.06
N GLY A 535 10.42 9.14 16.82
CA GLY A 535 10.10 7.86 16.22
C GLY A 535 8.68 7.79 15.69
N LEU A 536 7.74 8.41 16.40
CA LEU A 536 6.37 8.48 15.92
C LEU A 536 6.28 9.27 14.61
N THR A 537 6.99 10.40 14.54
CA THR A 537 7.02 11.16 13.30
C THR A 537 7.63 10.36 12.17
N PHE A 538 8.74 9.66 12.44
CA PHE A 538 9.35 8.82 11.41
C PHE A 538 8.42 7.68 11.02
N LEU A 539 7.65 7.17 11.97
CA LEU A 539 6.71 6.10 11.66
C LEU A 539 5.64 6.58 10.67
N ILE A 540 5.14 7.80 10.88
CA ILE A 540 4.15 8.36 9.96
C ILE A 540 4.76 8.59 8.58
N THR A 541 5.96 9.17 8.55
CA THR A 541 6.60 9.47 7.27
C THR A 541 6.99 8.19 6.53
N SER A 542 7.56 7.22 7.23
CA SER A 542 7.95 5.97 6.59
C SER A 542 6.73 5.22 6.07
N GLY A 543 5.65 5.20 6.85
CA GLY A 543 4.44 4.55 6.38
C GLY A 543 3.84 5.24 5.17
N CYS A 544 3.84 6.57 5.17
CA CYS A 544 3.33 7.32 4.02
C CYS A 544 4.19 7.09 2.79
N ILE A 545 5.51 7.07 2.95
CA ILE A 545 6.40 6.84 1.82
C ILE A 545 6.18 5.44 1.24
N LEU A 546 6.08 4.44 2.13
CA LEU A 546 5.85 3.08 1.65
C LEU A 546 4.46 2.95 1.02
N TYR A 547 3.48 3.69 1.54
CA TYR A 547 2.15 3.68 0.94
C TYR A 547 2.19 4.24 -0.48
N PHE A 548 2.96 5.31 -0.69
CA PHE A 548 3.07 5.88 -2.03
C PHE A 548 3.82 4.96 -2.97
N LYS A 549 4.85 4.27 -2.47
CA LYS A 549 5.57 3.31 -3.31
C LYS A 549 4.64 2.16 -3.73
N GLN A 550 3.80 1.69 -2.80
CA GLN A 550 2.80 0.68 -3.16
C GLN A 550 1.76 1.24 -4.13
N MET A 551 1.46 2.54 -4.02
CA MET A 551 0.52 3.17 -4.94
C MET A 551 1.04 3.12 -6.37
N GLY A 552 2.31 3.46 -6.56
CA GLY A 552 2.90 3.37 -7.89
C GLY A 552 3.03 1.93 -8.38
N GLU A 553 3.39 1.03 -7.47
CA GLU A 553 3.51 -0.38 -7.84
C GLU A 553 2.15 -0.98 -8.21
N SER A 554 1.09 -0.52 -7.55
CA SER A 554 -0.25 -1.02 -7.88
C SER A 554 -0.63 -0.67 -9.31
N GLU A 555 -0.32 0.55 -9.75
CA GLU A 555 -0.61 0.94 -11.12
C GLU A 555 0.22 0.13 -12.12
N ASP A 556 1.43 -0.25 -11.74
CA ASP A 556 2.28 -1.06 -12.61
C ASP A 556 1.80 -2.50 -12.74
N GLU A 557 1.03 -2.99 -11.76
CA GLU A 557 0.54 -4.35 -11.77
C GLU A 557 -0.90 -4.46 -12.24
N LYS A 558 -1.46 -3.37 -12.77
CA LYS A 558 -2.83 -3.42 -13.28
C LYS A 558 -3.03 -4.43 -14.40
N PRO A 559 -2.16 -4.54 -15.42
CA PRO A 559 -2.37 -5.56 -16.45
C PRO A 559 -2.41 -6.98 -15.90
N SER A 560 -1.63 -7.28 -14.85
CA SER A 560 -1.66 -8.60 -14.26
C SER A 560 -3.03 -8.90 -13.66
N TYR A 561 -3.63 -7.92 -12.99
CA TYR A 561 -4.95 -8.10 -12.41
C TYR A 561 -6.01 -8.27 -13.48
N THR A 562 -5.88 -7.55 -14.60
CA THR A 562 -6.82 -7.70 -15.69
C THR A 562 -6.78 -9.11 -16.27
N ILE A 563 -5.58 -9.66 -16.44
CA ILE A 563 -5.44 -11.02 -16.92
C ILE A 563 -6.07 -12.01 -15.95
N LEU A 564 -5.82 -11.81 -14.64
CA LEU A 564 -6.36 -12.71 -13.63
C LEU A 564 -7.89 -12.70 -13.64
N ARG A 565 -8.50 -11.52 -13.74
CA ARG A 565 -9.96 -11.43 -13.78
C ARG A 565 -10.51 -12.09 -15.02
N LYS A 566 -9.86 -11.91 -16.17
CA LYS A 566 -10.32 -12.55 -17.40
C LYS A 566 -10.19 -14.06 -17.34
N LEU A 567 -9.22 -14.57 -16.58
CA LEU A 567 -9.05 -16.02 -16.45
C LEU A 567 -10.24 -16.66 -15.74
N GLY A 568 -10.79 -15.98 -14.73
CA GLY A 568 -11.92 -16.49 -14.01
C GLY A 568 -11.89 -16.21 -12.52
N PHE A 569 -10.77 -15.66 -12.05
CA PHE A 569 -10.64 -15.34 -10.63
C PHE A 569 -11.52 -14.15 -10.28
N THR A 570 -12.29 -14.29 -9.21
CA THR A 570 -13.18 -13.22 -8.77
C THR A 570 -12.41 -12.15 -8.00
N GLN A 571 -13.07 -11.02 -7.78
CA GLN A 571 -12.44 -9.95 -7.01
C GLN A 571 -12.17 -10.38 -5.58
N GLY A 572 -13.08 -11.14 -4.98
CA GLY A 572 -12.85 -11.63 -3.63
C GLY A 572 -11.65 -12.56 -3.55
N ASP A 573 -11.44 -13.35 -4.59
CA ASP A 573 -10.28 -14.23 -4.62
C ASP A 573 -8.98 -13.44 -4.66
N LEU A 574 -8.95 -12.35 -5.44
CA LEU A 574 -7.76 -11.52 -5.52
C LEU A 574 -7.53 -10.72 -4.24
N ILE A 575 -8.58 -10.48 -3.45
CA ILE A 575 -8.42 -9.77 -2.19
C ILE A 575 -7.54 -10.56 -1.23
N LYS A 576 -7.78 -11.87 -1.14
CA LYS A 576 -6.97 -12.70 -0.25
C LYS A 576 -5.51 -12.71 -0.68
N GLY A 577 -5.26 -12.80 -1.98
CA GLY A 577 -3.89 -12.76 -2.46
C GLY A 577 -3.23 -11.41 -2.19
N ILE A 578 -3.98 -10.32 -2.35
CA ILE A 578 -3.44 -8.99 -2.09
C ILE A 578 -3.10 -8.84 -0.61
N ARG A 579 -3.97 -9.33 0.27
CA ARG A 579 -3.72 -9.22 1.71
C ARG A 579 -2.45 -9.95 2.10
N ILE A 580 -2.23 -11.14 1.57
CA ILE A 580 -1.01 -11.88 1.86
C ILE A 580 0.20 -11.14 1.28
N LYS A 581 0.08 -10.64 0.06
CA LYS A 581 1.18 -9.91 -0.56
C LYS A 581 1.53 -8.65 0.22
N GLN A 582 0.51 -7.90 0.65
CA GLN A 582 0.77 -6.69 1.43
C GLN A 582 1.34 -7.03 2.80
N MET A 583 0.96 -8.18 3.35
CA MET A 583 1.53 -8.61 4.63
C MET A 583 3.03 -8.86 4.49
N TYR A 584 3.45 -9.49 3.39
CA TYR A 584 4.86 -9.72 3.15
C TYR A 584 5.59 -8.41 2.86
N ASN A 585 4.97 -7.54 2.06
CA ASN A 585 5.61 -6.28 1.69
C ASN A 585 5.81 -5.37 2.90
N PHE A 586 4.82 -5.31 3.79
CA PHE A 586 4.90 -4.50 4.99
C PHE A 586 5.43 -5.27 6.20
N GLY A 587 5.72 -6.56 6.05
CA GLY A 587 6.20 -7.35 7.16
C GLY A 587 7.68 -7.62 7.11
N ILE A 588 8.23 -7.78 5.90
CA ILE A 588 9.66 -8.04 5.76
C ILE A 588 10.51 -6.91 6.33
N PRO A 589 10.27 -5.63 5.99
CA PRO A 589 11.04 -4.57 6.67
C PRO A 589 10.83 -4.53 8.17
N LEU A 590 9.63 -4.86 8.63
CA LEU A 590 9.36 -4.85 10.07
C LEU A 590 10.07 -6.01 10.77
N VAL A 591 10.06 -7.20 10.15
CA VAL A 591 10.65 -8.37 10.79
C VAL A 591 12.16 -8.19 10.95
N VAL A 592 12.83 -7.75 9.88
CA VAL A 592 14.27 -7.52 9.97
C VAL A 592 14.55 -6.33 10.88
N GLY A 593 13.68 -5.32 10.88
CA GLY A 593 13.85 -4.20 11.78
C GLY A 593 13.74 -4.59 13.24
N LEU A 594 12.78 -5.46 13.57
CA LEU A 594 12.65 -5.95 14.94
C LEU A 594 13.85 -6.80 15.33
N PHE A 595 14.34 -7.63 14.40
CA PHE A 595 15.50 -8.46 14.69
C PHE A 595 16.73 -7.62 14.98
N HIS A 596 16.93 -6.55 14.22
CA HIS A 596 18.05 -5.65 14.48
C HIS A 596 17.91 -5.00 15.85
N SER A 597 16.71 -4.54 16.19
CA SER A 597 16.49 -3.91 17.48
C SER A 597 16.67 -4.91 18.62
N TYR A 598 16.16 -6.13 18.45
CA TYR A 598 16.26 -7.12 19.53
C TYR A 598 17.71 -7.49 19.82
N PHE A 599 18.51 -7.69 18.77
CA PHE A 599 19.90 -8.05 18.99
C PHE A 599 20.75 -6.88 19.45
N ALA A 600 20.33 -5.65 19.16
CA ALA A 600 21.03 -4.48 19.67
C ALA A 600 20.71 -4.25 21.14
N VAL A 601 19.45 -4.46 21.54
CA VAL A 601 19.08 -4.29 22.94
C VAL A 601 19.68 -5.39 23.79
N GLN A 602 19.67 -6.63 23.29
CA GLN A 602 20.19 -7.76 24.05
C GLN A 602 21.68 -7.64 24.32
N SER A 603 22.40 -6.85 23.54
CA SER A 603 23.84 -6.68 23.72
C SER A 603 24.19 -5.50 24.62
N GLY A 604 23.21 -4.70 25.05
CA GLY A 604 23.49 -3.55 25.88
C GLY A 604 22.45 -3.26 26.94
N TRP A 605 21.54 -4.22 27.18
CA TRP A 605 20.48 -3.99 28.15
C TRP A 605 21.04 -3.89 29.57
N PHE A 606 22.07 -4.68 29.89
CA PHE A 606 22.63 -4.66 31.22
C PHE A 606 23.33 -3.35 31.56
N LEU A 607 23.70 -2.55 30.55
CA LEU A 607 24.33 -1.27 30.80
C LEU A 607 23.37 -0.24 31.37
N PHE A 608 22.06 -0.48 31.25
CA PHE A 608 21.05 0.48 31.68
C PHE A 608 20.24 0.01 32.86
N GLY A 609 19.63 -1.17 32.77
CA GLY A 609 18.77 -1.64 33.85
C GLY A 609 18.84 -3.13 34.09
N SER A 610 17.78 -3.68 34.68
CA SER A 610 17.72 -5.10 35.01
C SER A 610 16.59 -5.85 34.31
N GLU A 611 15.48 -5.18 34.02
CA GLU A 611 14.35 -5.80 33.31
C GLU A 611 14.37 -5.32 31.87
N VAL A 612 14.47 -6.25 30.93
CA VAL A 612 14.59 -5.92 29.52
C VAL A 612 13.43 -6.52 28.74
N TRP A 613 12.92 -7.67 29.21
CA TRP A 613 11.93 -8.40 28.44
C TRP A 613 10.62 -7.62 28.35
N ALA A 614 10.09 -7.19 29.50
CA ALA A 614 8.79 -6.52 29.51
C ALA A 614 8.80 -5.19 28.76
N PRO A 615 9.70 -4.24 29.04
CA PRO A 615 9.65 -2.96 28.31
C PRO A 615 9.89 -3.10 26.82
N MET A 616 10.77 -4.02 26.41
CA MET A 616 11.10 -4.15 25.00
C MET A 616 9.96 -4.77 24.21
N ILE A 617 9.29 -5.77 24.79
CA ILE A 617 8.16 -6.40 24.11
C ILE A 617 7.03 -5.39 23.88
N MET A 618 6.78 -4.53 24.86
CA MET A 618 5.73 -3.53 24.73
C MET A 618 6.04 -2.56 23.58
N VAL A 619 7.32 -2.23 23.39
CA VAL A 619 7.69 -1.26 22.37
C VAL A 619 7.38 -1.79 20.97
N MET A 620 7.80 -3.02 20.68
CA MET A 620 7.50 -3.60 19.37
C MET A 620 6.00 -3.78 19.18
N VAL A 621 5.30 -4.21 20.23
CA VAL A 621 3.86 -4.40 20.15
C VAL A 621 3.17 -3.10 19.81
N LEU A 622 3.56 -2.01 20.49
CA LEU A 622 3.01 -0.70 20.17
C LEU A 622 3.44 -0.26 18.78
N TYR A 623 4.71 -0.47 18.43
CA TYR A 623 5.19 -0.06 17.12
C TYR A 623 4.52 -0.84 16.00
N THR A 624 4.36 -2.15 16.16
CA THR A 624 3.73 -2.97 15.13
C THR A 624 2.27 -2.57 14.92
N ALA A 625 1.55 -2.31 16.01
CA ALA A 625 0.15 -1.94 15.89
C ALA A 625 -0.01 -0.63 15.14
N LEU A 626 0.83 0.36 15.43
CA LEU A 626 0.76 1.64 14.74
C LEU A 626 1.36 1.59 13.34
N TYR A 627 2.13 0.55 13.03
CA TYR A 627 2.72 0.40 11.71
C TYR A 627 1.83 -0.36 10.74
N SER A 628 0.98 -1.25 11.27
CA SER A 628 0.09 -2.03 10.41
C SER A 628 -1.05 -1.21 9.82
N ILE A 629 -1.29 0.00 10.35
CA ILE A 629 -2.37 0.83 9.82
C ILE A 629 -2.11 1.19 8.36
N PHE A 630 -0.86 1.56 8.04
CA PHE A 630 -0.53 1.90 6.66
C PHE A 630 -0.65 0.69 5.75
N GLY A 631 -0.35 -0.51 6.26
CA GLY A 631 -0.57 -1.71 5.48
C GLY A 631 -2.04 -1.93 5.16
N PHE A 632 -2.92 -1.68 6.14
CA PHE A 632 -4.35 -1.82 5.90
C PHE A 632 -4.83 -0.78 4.88
N LEU A 633 -4.33 0.45 4.98
CA LEU A 633 -4.71 1.48 4.01
C LEU A 633 -4.24 1.11 2.60
N SER A 634 -3.06 0.53 2.49
CA SER A 634 -2.58 0.07 1.18
C SER A 634 -3.48 -1.01 0.62
N VAL A 635 -3.99 -1.89 1.49
CA VAL A 635 -4.92 -2.93 1.04
C VAL A 635 -6.19 -2.31 0.48
N LEU A 636 -6.70 -1.28 1.15
CA LEU A 636 -7.91 -0.60 0.67
C LEU A 636 -7.70 0.02 -0.70
N TYR A 637 -6.54 0.65 -0.91
CA TYR A 637 -6.23 1.20 -2.23
C TYR A 637 -6.12 0.10 -3.27
N TYR A 638 -5.51 -1.02 -2.91
CA TYR A 638 -5.40 -2.15 -3.83
C TYR A 638 -6.77 -2.71 -4.17
N LYS A 639 -7.68 -2.77 -3.20
CA LYS A 639 -9.03 -3.22 -3.46
C LYS A 639 -9.73 -2.31 -4.46
N LYS A 640 -9.53 -0.99 -4.33
CA LYS A 640 -10.11 -0.05 -5.29
C LYS A 640 -9.53 -0.25 -6.69
N VAL A 641 -8.22 -0.49 -6.77
CA VAL A 641 -7.57 -0.62 -8.07
C VAL A 641 -8.07 -1.86 -8.81
N ILE A 642 -8.11 -3.00 -8.13
CA ILE A 642 -8.55 -4.23 -8.78
C ILE A 642 -10.02 -4.17 -9.11
N LYS A 643 -10.81 -3.44 -8.32
CA LYS A 643 -12.23 -3.27 -8.64
C LYS A 643 -12.41 -2.52 -9.95
N SER A 644 -11.61 -1.48 -10.17
CA SER A 644 -11.66 -0.72 -11.41
C SER A 644 -10.81 -1.31 -12.51
N SER A 645 -10.09 -2.40 -12.24
CA SER A 645 -9.26 -3.03 -13.27
C SER A 645 -10.10 -3.58 -14.41
N LEU A 646 -11.22 -4.21 -14.06
CA LEU A 646 -12.10 -4.79 -15.08
C LEU A 646 -13.57 -4.62 -14.69
N VAL B 22 -26.67 -34.88 -25.17
CA VAL B 22 -26.20 -33.53 -25.45
C VAL B 22 -25.66 -32.89 -24.18
N ILE B 23 -24.91 -31.80 -24.35
CA ILE B 23 -24.32 -31.09 -23.21
C ILE B 23 -24.61 -29.60 -23.33
N LEU B 24 -25.09 -29.18 -24.50
CA LEU B 24 -25.45 -27.79 -24.75
C LEU B 24 -26.80 -27.74 -25.45
N GLU B 25 -27.66 -26.83 -24.99
CA GLU B 25 -29.00 -26.69 -25.57
C GLU B 25 -29.47 -25.26 -25.35
N ALA B 26 -29.81 -24.58 -26.45
CA ALA B 26 -30.35 -23.23 -26.41
C ALA B 26 -31.73 -23.23 -27.02
N ASN B 27 -32.69 -22.58 -26.34
CA ASN B 27 -34.08 -22.53 -26.77
C ASN B 27 -34.40 -21.10 -27.17
N LYS B 28 -34.16 -20.77 -28.43
CA LYS B 28 -34.45 -19.46 -29.00
C LYS B 28 -33.75 -18.35 -28.20
N ILE B 29 -32.43 -18.42 -28.18
CA ILE B 29 -31.64 -17.45 -27.42
C ILE B 29 -31.56 -16.16 -28.23
N ARG B 30 -31.89 -15.04 -27.58
CA ARG B 30 -31.98 -13.75 -28.27
C ARG B 30 -31.46 -12.66 -27.35
N LYS B 31 -30.63 -11.77 -27.91
CA LYS B 31 -30.07 -10.64 -27.20
C LYS B 31 -30.73 -9.36 -27.71
N SER B 32 -31.32 -8.58 -26.80
CA SER B 32 -32.02 -7.37 -27.19
C SER B 32 -31.08 -6.22 -27.51
N TYR B 33 -29.82 -6.28 -27.07
CA TYR B 33 -28.89 -5.20 -27.33
C TYR B 33 -28.56 -5.11 -28.81
N GLY B 34 -28.36 -3.87 -29.28
CA GLY B 34 -28.05 -3.63 -30.68
C GLY B 34 -28.87 -2.51 -31.29
N GLU B 41 -30.52 -5.21 -32.34
CA GLU B 41 -30.73 -6.64 -32.11
C GLU B 41 -29.67 -7.47 -32.82
N VAL B 42 -28.86 -8.18 -32.03
CA VAL B 42 -27.80 -9.04 -32.57
C VAL B 42 -28.26 -10.48 -32.69
N LEU B 43 -28.96 -10.99 -31.67
CA LEU B 43 -29.47 -12.35 -31.68
C LEU B 43 -31.00 -12.29 -31.67
N LYS B 44 -31.63 -13.09 -32.54
CA LYS B 44 -33.08 -13.08 -32.69
C LYS B 44 -33.68 -14.46 -32.50
N GLY B 45 -33.01 -15.33 -31.75
CA GLY B 45 -33.53 -16.65 -31.48
C GLY B 45 -32.96 -17.72 -32.38
N ILE B 46 -32.06 -18.54 -31.83
CA ILE B 46 -31.43 -19.63 -32.56
C ILE B 46 -31.36 -20.86 -31.66
N ASP B 47 -31.68 -22.02 -32.23
CA ASP B 47 -31.59 -23.28 -31.52
C ASP B 47 -30.20 -23.88 -31.74
N ILE B 48 -29.51 -24.20 -30.65
CA ILE B 48 -28.16 -24.75 -30.70
C ILE B 48 -28.12 -26.01 -29.85
N HIS B 49 -27.32 -26.99 -30.29
CA HIS B 49 -27.13 -28.22 -29.56
C HIS B 49 -25.93 -28.96 -30.15
N ILE B 50 -25.14 -29.59 -29.27
CA ILE B 50 -23.97 -30.36 -29.68
C ILE B 50 -23.90 -31.63 -28.84
N GLU B 51 -23.14 -32.60 -29.36
CA GLU B 51 -22.92 -33.86 -28.69
C GLU B 51 -21.53 -33.88 -28.05
N LYS B 52 -21.34 -34.79 -27.10
CA LYS B 52 -20.06 -34.91 -26.42
C LYS B 52 -18.97 -35.30 -27.40
N GLY B 53 -17.79 -34.71 -27.21
CA GLY B 53 -16.64 -34.99 -28.06
C GLY B 53 -16.83 -34.57 -29.50
N GLU B 54 -17.32 -33.36 -29.73
CA GLU B 54 -17.58 -32.86 -31.07
C GLU B 54 -16.78 -31.60 -31.33
N PHE B 55 -16.33 -31.45 -32.57
CA PHE B 55 -15.52 -30.33 -33.02
C PHE B 55 -16.37 -29.50 -33.97
N VAL B 56 -16.86 -28.35 -33.49
CA VAL B 56 -17.75 -27.50 -34.29
C VAL B 56 -17.25 -26.07 -34.27
N SER B 57 -17.64 -25.31 -35.28
CA SER B 57 -17.27 -23.91 -35.43
C SER B 57 -18.47 -23.10 -35.87
N ILE B 58 -18.59 -21.89 -35.33
CA ILE B 58 -19.63 -20.95 -35.71
C ILE B 58 -18.96 -19.68 -36.22
N MET B 59 -19.37 -19.22 -37.40
CA MET B 59 -18.78 -18.04 -38.00
C MET B 59 -19.82 -17.33 -38.87
N GLY B 60 -19.36 -16.40 -39.69
CA GLY B 60 -20.22 -15.61 -40.53
C GLY B 60 -19.51 -14.40 -41.10
N ALA B 61 -20.12 -13.23 -40.98
CA ALA B 61 -19.54 -11.98 -41.44
C ALA B 61 -19.01 -11.18 -40.24
N SER B 62 -18.14 -10.22 -40.54
CA SER B 62 -17.58 -9.38 -39.50
C SER B 62 -18.65 -8.47 -38.91
N GLY B 63 -18.76 -8.46 -37.59
CA GLY B 63 -19.77 -7.68 -36.92
C GLY B 63 -21.18 -8.25 -37.00
N SER B 64 -21.33 -9.48 -37.48
CA SER B 64 -22.65 -10.09 -37.65
C SER B 64 -23.15 -10.78 -36.39
N GLY B 65 -22.37 -10.77 -35.31
CA GLY B 65 -22.76 -11.41 -34.08
C GLY B 65 -22.13 -12.75 -33.79
N LYS B 66 -21.15 -13.18 -34.61
CA LYS B 66 -20.49 -14.45 -34.34
C LYS B 66 -19.73 -14.41 -33.02
N THR B 67 -19.05 -13.30 -32.74
CA THR B 67 -18.35 -13.17 -31.48
C THR B 67 -19.32 -13.14 -30.29
N THR B 68 -20.45 -12.45 -30.46
CA THR B 68 -21.39 -12.28 -29.36
C THR B 68 -22.00 -13.60 -28.90
N LEU B 69 -22.01 -14.63 -29.76
CA LEU B 69 -22.52 -15.93 -29.33
C LEU B 69 -21.66 -16.51 -28.22
N LEU B 70 -20.34 -16.37 -28.30
CA LEU B 70 -19.48 -16.89 -27.26
C LEU B 70 -19.67 -16.13 -25.95
N ASN B 71 -19.93 -14.83 -26.04
CA ASN B 71 -20.15 -14.05 -24.82
C ASN B 71 -21.50 -14.32 -24.18
N VAL B 72 -22.44 -14.93 -24.91
CA VAL B 72 -23.75 -15.23 -24.32
C VAL B 72 -23.86 -16.70 -23.94
N LEU B 73 -23.28 -17.61 -24.72
CA LEU B 73 -23.24 -19.01 -24.33
C LEU B 73 -22.47 -19.19 -23.03
N SER B 74 -21.33 -18.53 -22.92
CA SER B 74 -20.69 -18.36 -21.62
C SER B 74 -21.33 -17.18 -20.89
N SER B 75 -21.25 -17.21 -19.57
CA SER B 75 -21.87 -16.17 -18.75
C SER B 75 -20.91 -14.99 -18.64
N ILE B 76 -20.91 -14.17 -19.69
CA ILE B 76 -20.11 -12.95 -19.74
C ILE B 76 -20.98 -11.71 -19.64
N ASP B 77 -22.03 -11.63 -20.46
CA ASP B 77 -22.98 -10.52 -20.41
C ASP B 77 -24.42 -11.02 -20.27
N GLN B 78 -24.60 -12.29 -19.89
CA GLN B 78 -25.92 -12.89 -19.74
C GLN B 78 -26.75 -12.75 -21.01
N VAL B 79 -28.06 -12.63 -20.86
CA VAL B 79 -28.97 -12.52 -21.99
C VAL B 79 -30.28 -11.94 -21.51
N SER B 80 -31.06 -11.39 -22.44
CA SER B 80 -32.39 -10.85 -22.14
C SER B 80 -33.51 -11.82 -22.50
N HIS B 81 -33.40 -12.51 -23.64
CA HIS B 81 -34.41 -13.45 -24.09
C HIS B 81 -33.79 -14.81 -24.32
N GLY B 82 -34.58 -15.86 -24.10
CA GLY B 82 -34.15 -17.22 -24.32
C GLY B 82 -33.46 -17.83 -23.12
N THR B 83 -33.21 -19.14 -23.24
CA THR B 83 -32.55 -19.90 -22.18
C THR B 83 -31.49 -20.79 -22.80
N ILE B 84 -30.47 -21.11 -22.00
CA ILE B 84 -29.34 -21.92 -22.44
C ILE B 84 -29.03 -22.96 -21.36
N HIS B 85 -28.71 -24.18 -21.79
CA HIS B 85 -28.43 -25.28 -20.88
C HIS B 85 -27.02 -25.81 -21.13
N ILE B 86 -26.29 -26.06 -20.05
CA ILE B 86 -24.95 -26.62 -20.11
C ILE B 86 -24.93 -27.87 -19.24
N ASN B 87 -24.69 -29.02 -19.88
CA ASN B 87 -24.60 -30.31 -19.18
C ASN B 87 -25.84 -30.54 -18.30
N GLY B 88 -27.01 -30.21 -18.85
CA GLY B 88 -28.25 -30.29 -18.11
C GLY B 88 -28.48 -29.18 -17.11
N ASN B 89 -27.42 -28.51 -16.65
CA ASN B 89 -27.57 -27.41 -15.72
C ASN B 89 -27.88 -26.12 -16.46
N ASP B 90 -28.73 -25.29 -15.85
CA ASP B 90 -29.09 -24.02 -16.45
C ASP B 90 -27.88 -23.09 -16.52
N MET B 91 -27.70 -22.45 -17.67
CA MET B 91 -26.62 -21.50 -17.88
C MET B 91 -27.04 -20.06 -17.61
N THR B 92 -28.28 -19.83 -17.22
CA THR B 92 -28.76 -18.49 -16.92
C THR B 92 -29.63 -18.54 -15.67
N ALA B 93 -30.25 -17.41 -15.34
CA ALA B 93 -31.15 -17.29 -14.20
C ALA B 93 -30.46 -17.69 -12.88
N MET B 94 -29.20 -17.29 -12.73
CA MET B 94 -28.46 -17.49 -11.49
C MET B 94 -27.77 -16.19 -11.10
N LYS B 95 -27.45 -16.07 -9.81
CA LYS B 95 -26.74 -14.91 -9.30
C LYS B 95 -25.26 -15.02 -9.64
N GLU B 96 -24.46 -14.11 -9.09
CA GLU B 96 -23.04 -14.04 -9.41
C GLU B 96 -22.17 -14.85 -8.44
N LYS B 97 -22.77 -15.56 -7.49
CA LYS B 97 -21.99 -16.34 -6.53
C LYS B 97 -21.66 -17.73 -7.06
N GLN B 98 -22.69 -18.54 -7.35
CA GLN B 98 -22.45 -19.87 -7.91
C GLN B 98 -22.08 -19.83 -9.37
N LEU B 99 -22.30 -18.70 -10.05
CA LEU B 99 -21.88 -18.56 -11.44
C LEU B 99 -20.37 -18.60 -11.57
N ALA B 100 -19.66 -17.99 -10.62
CA ALA B 100 -18.21 -18.01 -10.64
C ALA B 100 -17.67 -19.43 -10.53
N GLU B 101 -18.28 -20.25 -9.68
CA GLU B 101 -17.85 -21.63 -9.54
C GLU B 101 -18.07 -22.41 -10.83
N PHE B 102 -19.17 -22.13 -11.54
CA PHE B 102 -19.50 -22.92 -12.72
C PHE B 102 -18.49 -22.69 -13.85
N ARG B 103 -18.11 -21.44 -14.11
CA ARG B 103 -17.12 -21.18 -15.14
C ARG B 103 -15.77 -21.76 -14.77
N LYS B 104 -15.38 -21.64 -13.50
CA LYS B 104 -14.08 -22.12 -13.07
C LYS B 104 -14.01 -23.64 -12.96
N GLN B 105 -15.13 -24.34 -13.13
CA GLN B 105 -15.15 -25.80 -13.02
C GLN B 105 -15.51 -26.50 -14.31
N HIS B 106 -16.54 -26.03 -15.03
CA HIS B 106 -17.02 -26.74 -16.21
C HIS B 106 -16.73 -26.04 -17.53
N LEU B 107 -16.10 -24.88 -17.50
CA LEU B 107 -15.87 -24.10 -18.70
C LEU B 107 -14.38 -23.81 -18.89
N GLY B 108 -13.91 -23.95 -20.12
CA GLY B 108 -12.56 -23.61 -20.48
C GLY B 108 -12.54 -22.50 -21.51
N PHE B 109 -11.46 -21.71 -21.51
CA PHE B 109 -11.34 -20.57 -22.40
C PHE B 109 -9.99 -20.61 -23.10
N ILE B 110 -10.00 -20.44 -24.42
CA ILE B 110 -8.78 -20.32 -25.22
C ILE B 110 -8.88 -18.98 -25.94
N PHE B 111 -8.34 -17.93 -25.33
CA PHE B 111 -8.41 -16.61 -25.91
C PHE B 111 -7.42 -16.47 -27.07
N GLN B 112 -7.76 -15.57 -28.00
CA GLN B 112 -6.85 -15.30 -29.11
C GLN B 112 -5.60 -14.56 -28.63
N ASP B 113 -5.77 -13.59 -27.74
CA ASP B 113 -4.63 -13.04 -27.03
C ASP B 113 -4.12 -14.06 -26.02
N TYR B 114 -2.81 -14.05 -25.78
CA TYR B 114 -2.18 -15.10 -24.99
C TYR B 114 -2.72 -15.12 -23.56
N ASN B 115 -2.92 -13.94 -22.96
CA ASN B 115 -3.45 -13.82 -21.61
C ASN B 115 -2.59 -14.58 -20.60
N LEU B 116 -1.28 -14.53 -20.79
CA LEU B 116 -0.33 -15.18 -19.91
C LEU B 116 0.22 -14.18 -18.89
N LEU B 117 1.05 -14.67 -17.98
CA LEU B 117 1.70 -13.85 -16.98
C LEU B 117 3.21 -13.90 -17.18
N ASP B 118 3.84 -12.73 -17.25
CA ASP B 118 5.28 -12.69 -17.46
C ASP B 118 6.06 -13.12 -16.22
N THR B 119 5.49 -12.89 -15.03
CA THR B 119 6.19 -13.26 -13.80
C THR B 119 6.20 -14.77 -13.60
N LEU B 120 5.22 -15.48 -14.14
CA LEU B 120 5.12 -16.92 -13.98
C LEU B 120 5.65 -17.64 -15.22
N THR B 121 6.29 -18.78 -14.98
CA THR B 121 6.81 -19.61 -16.06
C THR B 121 5.67 -20.45 -16.64
N VAL B 122 6.00 -21.32 -17.60
CA VAL B 122 4.98 -22.14 -18.25
C VAL B 122 4.37 -23.12 -17.25
N LYS B 123 5.19 -23.71 -16.38
CA LYS B 123 4.70 -24.73 -15.45
C LYS B 123 3.61 -24.16 -14.55
N GLU B 124 3.89 -23.04 -13.88
CA GLU B 124 2.90 -22.48 -12.96
C GLU B 124 1.81 -21.70 -13.69
N ASN B 125 2.04 -21.30 -14.94
CA ASN B 125 0.97 -20.68 -15.72
C ASN B 125 -0.08 -21.71 -16.11
N ILE B 126 0.35 -22.91 -16.49
CA ILE B 126 -0.60 -23.97 -16.83
C ILE B 126 -1.41 -24.37 -15.60
N LEU B 127 -0.74 -24.55 -14.47
CA LEU B 127 -1.44 -24.90 -13.23
C LEU B 127 -1.82 -23.67 -12.43
N LEU B 128 -2.39 -22.67 -13.11
CA LEU B 128 -2.98 -21.53 -12.43
C LEU B 128 -4.43 -21.82 -12.01
N PRO B 129 -5.29 -22.32 -12.91
CA PRO B 129 -6.69 -22.58 -12.49
C PRO B 129 -6.85 -23.83 -11.66
N LEU B 130 -5.92 -24.79 -11.73
CA LEU B 130 -6.03 -26.00 -10.93
C LEU B 130 -5.75 -25.75 -9.45
N SER B 131 -5.24 -24.57 -9.10
CA SER B 131 -4.93 -24.29 -7.69
C SER B 131 -6.18 -24.22 -6.85
N ILE B 132 -7.26 -23.62 -7.37
CA ILE B 132 -8.47 -23.45 -6.58
C ILE B 132 -9.10 -24.79 -6.24
N THR B 133 -8.87 -25.81 -7.08
CA THR B 133 -9.38 -27.14 -6.77
C THR B 133 -8.71 -27.70 -5.52
N LYS B 134 -7.48 -27.29 -5.23
CA LYS B 134 -6.75 -27.68 -4.03
C LYS B 134 -6.56 -29.19 -3.96
N LEU B 135 -5.85 -29.71 -4.95
CA LEU B 135 -5.49 -31.12 -5.00
C LEU B 135 -4.01 -31.29 -4.69
N SER B 136 -3.62 -32.53 -4.40
CA SER B 136 -2.25 -32.82 -4.01
C SER B 136 -1.29 -32.58 -5.18
N LYS B 137 -0.06 -32.21 -4.84
CA LYS B 137 0.95 -31.95 -5.87
C LYS B 137 1.34 -33.22 -6.62
N LYS B 138 1.15 -34.40 -6.01
CA LYS B 138 1.51 -35.65 -6.67
C LYS B 138 0.68 -35.87 -7.93
N GLU B 139 -0.64 -35.66 -7.83
CA GLU B 139 -1.49 -35.82 -9.01
C GLU B 139 -1.39 -34.63 -9.95
N ALA B 140 -1.15 -33.43 -9.41
CA ALA B 140 -1.02 -32.25 -10.26
C ALA B 140 0.16 -32.38 -11.20
N ASN B 141 1.29 -32.87 -10.70
CA ASN B 141 2.45 -33.11 -11.55
C ASN B 141 2.24 -34.28 -12.50
N ARG B 142 1.22 -35.10 -12.29
CA ARG B 142 0.87 -36.16 -13.23
C ARG B 142 -0.07 -35.68 -14.32
N LYS B 143 -1.05 -34.84 -13.96
CA LYS B 143 -1.93 -34.27 -14.97
C LYS B 143 -1.17 -33.39 -15.95
N PHE B 144 -0.22 -32.59 -15.44
CA PHE B 144 0.57 -31.74 -16.32
C PHE B 144 1.42 -32.58 -17.28
N GLU B 145 1.99 -33.67 -16.78
CA GLU B 145 2.82 -34.53 -17.63
C GLU B 145 2.00 -35.11 -18.78
N GLU B 146 0.78 -35.54 -18.49
CA GLU B 146 -0.09 -36.07 -19.54
C GLU B 146 -0.46 -34.99 -20.54
N VAL B 147 -0.76 -33.79 -20.04
CA VAL B 147 -1.15 -32.69 -20.94
C VAL B 147 0.04 -32.23 -21.76
N ALA B 148 1.19 -32.03 -21.11
CA ALA B 148 2.36 -31.52 -21.82
C ALA B 148 2.85 -32.50 -22.88
N LYS B 149 2.88 -33.79 -22.56
CA LYS B 149 3.31 -34.78 -23.54
C LYS B 149 2.34 -34.88 -24.70
N GLU B 150 1.06 -34.60 -24.47
CA GLU B 150 0.07 -34.61 -25.53
C GLU B 150 0.05 -33.31 -26.34
N LEU B 151 0.79 -32.28 -25.89
CA LEU B 151 0.85 -31.02 -26.59
C LEU B 151 2.23 -30.71 -27.16
N GLY B 152 3.25 -31.50 -26.84
CA GLY B 152 4.60 -31.21 -27.28
C GLY B 152 5.17 -29.93 -26.71
N ILE B 153 4.95 -29.68 -25.42
CA ILE B 153 5.41 -28.46 -24.78
C ILE B 153 6.17 -28.84 -23.51
N TYR B 154 6.51 -30.13 -23.38
CA TYR B 154 7.19 -30.60 -22.18
C TYR B 154 8.56 -29.94 -22.02
N GLU B 155 9.29 -29.78 -23.13
CA GLU B 155 10.65 -29.26 -23.04
C GLU B 155 10.68 -27.83 -22.52
N LEU B 156 9.59 -27.08 -22.67
CA LEU B 156 9.50 -25.71 -22.21
C LEU B 156 8.78 -25.59 -20.87
N ARG B 157 8.96 -26.57 -19.99
CA ARG B 157 8.23 -26.58 -18.73
C ARG B 157 8.69 -25.47 -17.79
N ASP B 158 9.93 -24.99 -17.94
CA ASP B 158 10.46 -23.97 -17.04
C ASP B 158 11.04 -22.81 -17.82
N LYS B 159 10.33 -22.38 -18.87
CA LYS B 159 10.73 -21.24 -19.68
C LYS B 159 9.69 -20.14 -19.53
N TYR B 160 10.14 -18.93 -19.23
CA TYR B 160 9.23 -17.82 -19.09
C TYR B 160 8.62 -17.43 -20.44
N PRO B 161 7.43 -16.85 -20.45
CA PRO B 161 6.76 -16.54 -21.73
C PRO B 161 7.57 -15.61 -22.63
N ASN B 162 8.33 -14.67 -22.05
CA ASN B 162 9.12 -13.76 -22.88
C ASN B 162 10.27 -14.45 -23.59
N GLU B 163 10.58 -15.69 -23.24
CA GLU B 163 11.67 -16.43 -23.86
C GLU B 163 11.19 -17.52 -24.81
N ILE B 164 9.90 -17.53 -25.16
CA ILE B 164 9.34 -18.53 -26.06
C ILE B 164 8.57 -17.82 -27.17
N SER B 165 8.40 -18.53 -28.28
CA SER B 165 7.73 -17.96 -29.44
C SER B 165 6.23 -17.83 -29.20
N GLY B 166 5.55 -17.15 -30.14
CA GLY B 166 4.12 -16.98 -30.03
C GLY B 166 3.35 -18.28 -30.13
N GLY B 167 3.82 -19.23 -30.94
CA GLY B 167 3.16 -20.51 -31.04
C GLY B 167 3.12 -21.26 -29.73
N GLN B 168 4.23 -21.22 -28.98
CA GLN B 168 4.26 -21.85 -27.67
C GLN B 168 3.32 -21.15 -26.70
N LYS B 169 3.21 -19.83 -26.80
CA LYS B 169 2.31 -19.08 -25.92
C LYS B 169 0.86 -19.49 -26.13
N GLN B 170 0.46 -19.70 -27.38
CA GLN B 170 -0.89 -20.20 -27.63
C GLN B 170 -1.04 -21.64 -27.18
N ARG B 171 0.01 -22.45 -27.34
CA ARG B 171 -0.06 -23.85 -26.92
C ARG B 171 -0.21 -23.97 -25.41
N THR B 172 0.54 -23.16 -24.65
CA THR B 172 0.40 -23.20 -23.20
C THR B 172 -0.92 -22.60 -22.74
N SER B 173 -1.49 -21.69 -23.53
CA SER B 173 -2.82 -21.19 -23.23
C SER B 173 -3.87 -22.29 -23.44
N ALA B 174 -3.72 -23.08 -24.50
CA ALA B 174 -4.64 -24.19 -24.73
C ALA B 174 -4.48 -25.25 -23.64
N GLY B 175 -3.25 -25.51 -23.21
CA GLY B 175 -3.04 -26.47 -22.13
C GLY B 175 -3.68 -26.02 -20.84
N ARG B 176 -3.69 -24.72 -20.58
CA ARG B 176 -4.32 -24.20 -19.36
C ARG B 176 -5.83 -24.45 -19.39
N ALA B 177 -6.45 -24.31 -20.56
CA ALA B 177 -7.88 -24.57 -20.66
C ALA B 177 -8.20 -26.06 -20.53
N PHE B 178 -7.29 -26.92 -20.96
CA PHE B 178 -7.51 -28.36 -20.98
C PHE B 178 -6.99 -29.07 -19.73
N ILE B 179 -6.42 -28.33 -18.78
CA ILE B 179 -5.73 -28.98 -17.68
C ILE B 179 -6.71 -29.67 -16.73
N HIS B 180 -7.87 -29.06 -16.49
CA HIS B 180 -8.83 -29.59 -15.52
C HIS B 180 -9.94 -30.41 -16.18
N ASP B 181 -9.83 -30.68 -17.47
CA ASP B 181 -10.77 -31.52 -18.21
C ASP B 181 -12.20 -31.00 -18.06
N PRO B 182 -12.53 -29.88 -18.67
CA PRO B 182 -13.88 -29.33 -18.55
C PRO B 182 -14.83 -30.02 -19.53
N SER B 183 -16.07 -29.54 -19.55
CA SER B 183 -17.08 -30.10 -20.46
C SER B 183 -17.15 -29.33 -21.77
N ILE B 184 -17.29 -28.01 -21.70
CA ILE B 184 -17.39 -27.15 -22.87
C ILE B 184 -16.28 -26.11 -22.80
N ILE B 185 -15.50 -25.98 -23.87
CA ILE B 185 -14.39 -25.04 -23.94
C ILE B 185 -14.63 -24.13 -25.13
N PHE B 186 -14.55 -22.82 -24.91
CA PHE B 186 -14.75 -21.82 -25.96
C PHE B 186 -13.39 -21.28 -26.41
N ALA B 187 -13.20 -21.20 -27.73
CA ALA B 187 -11.94 -20.73 -28.31
C ALA B 187 -12.27 -19.63 -29.32
N ASP B 188 -12.31 -18.38 -28.85
CA ASP B 188 -12.62 -17.25 -29.73
C ASP B 188 -11.40 -16.95 -30.60
N GLU B 189 -11.40 -17.51 -31.82
CA GLU B 189 -10.35 -17.33 -32.81
C GLU B 189 -8.99 -17.72 -32.23
N PRO B 190 -8.76 -19.00 -31.93
CA PRO B 190 -7.48 -19.39 -31.32
C PRO B 190 -6.28 -19.06 -32.21
N THR B 191 -6.42 -19.22 -33.52
CA THR B 191 -5.34 -18.89 -34.45
C THR B 191 -5.51 -17.47 -35.01
N GLY B 192 -5.63 -16.50 -34.11
CA GLY B 192 -5.82 -15.12 -34.52
C GLY B 192 -4.52 -14.37 -34.72
N ALA B 193 -3.42 -14.91 -34.18
CA ALA B 193 -2.11 -14.26 -34.29
C ALA B 193 -1.02 -15.27 -34.57
N LEU B 194 -1.35 -16.39 -35.20
CA LEU B 194 -0.39 -17.45 -35.49
C LEU B 194 -0.18 -17.56 -37.00
N ASP B 195 1.01 -18.05 -37.37
CA ASP B 195 1.34 -18.24 -38.77
C ASP B 195 0.59 -19.43 -39.33
N SER B 196 0.81 -19.70 -40.62
CA SER B 196 0.16 -20.84 -41.27
C SER B 196 0.63 -22.15 -40.65
N LYS B 197 1.94 -22.28 -40.40
CA LYS B 197 2.45 -23.50 -39.79
C LYS B 197 2.01 -23.63 -38.34
N SER B 198 2.04 -22.52 -37.58
CA SER B 198 1.62 -22.57 -36.19
C SER B 198 0.13 -22.89 -36.06
N ALA B 199 -0.70 -22.32 -36.94
CA ALA B 199 -2.12 -22.60 -36.91
C ALA B 199 -2.39 -24.08 -37.21
N SER B 200 -1.69 -24.64 -38.19
CA SER B 200 -1.89 -26.05 -38.51
C SER B 200 -1.43 -26.93 -37.36
N ASP B 201 -0.31 -26.60 -36.73
CA ASP B 201 0.18 -27.39 -35.61
C ASP B 201 -0.77 -27.33 -34.42
N LEU B 202 -1.28 -26.14 -34.10
CA LEU B 202 -2.19 -26.00 -32.98
C LEU B 202 -3.51 -26.73 -33.25
N LEU B 203 -4.04 -26.60 -34.47
CA LEU B 203 -5.29 -27.29 -34.79
C LEU B 203 -5.13 -28.80 -34.75
N ASN B 204 -4.00 -29.31 -35.24
CA ASN B 204 -3.75 -30.75 -35.18
C ASN B 204 -3.65 -31.21 -33.73
N LYS B 205 -2.98 -30.43 -32.88
CA LYS B 205 -2.90 -30.78 -31.47
C LYS B 205 -4.26 -30.74 -30.79
N LEU B 206 -5.06 -29.71 -31.08
CA LEU B 206 -6.39 -29.61 -30.48
C LEU B 206 -7.30 -30.73 -30.94
N SER B 207 -7.28 -31.04 -32.24
CA SER B 207 -8.10 -32.13 -32.76
C SER B 207 -7.69 -33.47 -32.15
N GLN B 208 -6.38 -33.72 -32.04
CA GLN B 208 -5.92 -34.93 -31.39
C GLN B 208 -6.28 -34.94 -29.92
N LEU B 209 -6.16 -33.79 -29.25
CA LEU B 209 -6.49 -33.70 -27.84
C LEU B 209 -7.97 -34.00 -27.59
N ASN B 210 -8.84 -33.45 -28.43
CA ASN B 210 -10.28 -33.71 -28.27
C ASN B 210 -10.61 -35.18 -28.51
N GLN B 211 -9.96 -35.80 -29.50
CA GLN B 211 -10.23 -37.20 -29.80
C GLN B 211 -9.83 -38.10 -28.63
N LYS B 212 -8.67 -37.83 -28.02
CA LYS B 212 -8.19 -38.68 -26.94
C LYS B 212 -8.77 -38.31 -25.57
N ARG B 213 -9.46 -37.18 -25.47
CA ARG B 213 -10.07 -36.76 -24.21
C ARG B 213 -11.59 -36.74 -24.25
N ASN B 214 -12.21 -36.80 -25.43
CA ASN B 214 -13.66 -36.76 -25.58
C ASN B 214 -14.26 -35.53 -24.90
N ALA B 215 -13.58 -34.40 -25.03
CA ALA B 215 -14.06 -33.13 -24.51
C ALA B 215 -14.48 -32.25 -25.68
N THR B 216 -15.74 -31.84 -25.69
CA THR B 216 -16.27 -31.06 -26.79
C THR B 216 -15.74 -29.63 -26.71
N ILE B 217 -15.25 -29.12 -27.84
CA ILE B 217 -14.76 -27.76 -27.95
C ILE B 217 -15.50 -27.07 -29.09
N ILE B 218 -15.83 -25.80 -28.91
CA ILE B 218 -16.41 -24.97 -29.95
C ILE B 218 -15.53 -23.73 -30.13
N MET B 219 -15.58 -23.14 -31.32
CA MET B 219 -14.73 -22.01 -31.62
C MET B 219 -15.37 -21.16 -32.71
N VAL B 220 -14.85 -19.95 -32.86
CA VAL B 220 -15.21 -19.06 -33.95
C VAL B 220 -13.96 -18.80 -34.78
N THR B 221 -14.10 -18.80 -36.10
CA THR B 221 -12.96 -18.65 -36.98
C THR B 221 -13.32 -17.73 -38.14
N HIS B 222 -12.39 -16.85 -38.49
CA HIS B 222 -12.54 -16.00 -39.66
C HIS B 222 -12.00 -16.64 -40.94
N ASP B 223 -11.36 -17.80 -40.83
CA ASP B 223 -10.77 -18.48 -41.97
C ASP B 223 -11.24 -19.92 -42.03
N PRO B 224 -11.60 -20.44 -43.21
CA PRO B 224 -12.05 -21.84 -43.28
C PRO B 224 -10.98 -22.85 -42.96
N VAL B 225 -9.71 -22.48 -43.06
CA VAL B 225 -8.61 -23.41 -42.83
C VAL B 225 -8.62 -23.89 -41.39
N ALA B 226 -8.83 -22.97 -40.45
CA ALA B 226 -8.87 -23.35 -39.04
C ALA B 226 -10.12 -24.17 -38.71
N ALA B 227 -11.25 -23.83 -39.32
CA ALA B 227 -12.50 -24.55 -39.08
C ALA B 227 -12.62 -25.82 -39.88
N SER B 228 -11.66 -26.11 -40.76
CA SER B 228 -11.74 -27.33 -41.58
C SER B 228 -11.63 -28.60 -40.73
N TYR B 229 -10.98 -28.53 -39.57
CA TYR B 229 -10.82 -29.68 -38.70
C TYR B 229 -12.08 -30.00 -37.90
N CYS B 230 -13.19 -29.35 -38.19
CA CYS B 230 -14.41 -29.51 -37.42
C CYS B 230 -15.21 -30.70 -37.93
N GLY B 231 -16.32 -31.00 -37.24
CA GLY B 231 -17.22 -32.05 -37.66
C GLY B 231 -18.55 -31.47 -38.14
N ARG B 232 -18.94 -30.34 -37.57
CA ARG B 232 -20.15 -29.64 -37.98
C ARG B 232 -19.85 -28.15 -38.03
N VAL B 233 -20.26 -27.50 -39.13
CA VAL B 233 -20.07 -26.07 -39.31
C VAL B 233 -21.42 -25.43 -39.53
N ILE B 234 -21.73 -24.41 -38.74
CA ILE B 234 -22.98 -23.68 -38.84
C ILE B 234 -22.69 -22.19 -38.77
N PHE B 235 -23.33 -21.41 -39.63
CA PHE B 235 -23.09 -19.99 -39.75
C PHE B 235 -24.27 -19.19 -39.22
N ILE B 236 -23.98 -18.01 -38.68
CA ILE B 236 -24.99 -17.14 -38.11
C ILE B 236 -24.70 -15.70 -38.50
N LYS B 237 -25.75 -14.96 -38.83
CA LYS B 237 -25.69 -13.51 -38.91
C LYS B 237 -27.06 -12.96 -38.57
N ASP B 238 -27.08 -11.74 -38.03
CA ASP B 238 -28.27 -11.08 -37.49
C ASP B 238 -29.14 -12.04 -36.69
N GLY B 239 -28.51 -12.91 -35.90
CA GLY B 239 -29.25 -13.80 -35.00
C GLY B 239 -30.15 -14.81 -35.68
N GLN B 240 -29.68 -15.44 -36.75
CA GLN B 240 -30.44 -16.48 -37.42
C GLN B 240 -29.52 -17.65 -37.75
N MET B 241 -30.11 -18.83 -37.87
CA MET B 241 -29.36 -20.08 -38.06
C MET B 241 -29.52 -20.56 -39.49
N TYR B 242 -28.40 -20.86 -40.15
CA TYR B 242 -28.38 -21.32 -41.53
C TYR B 242 -27.59 -22.63 -41.63
N THR B 243 -28.24 -23.66 -42.16
CA THR B 243 -27.63 -24.93 -42.54
C THR B 243 -27.01 -25.69 -41.37
N GLN B 244 -26.69 -26.97 -41.61
CA GLN B 244 -25.98 -27.82 -40.66
C GLN B 244 -24.99 -28.65 -41.48
N LEU B 245 -23.77 -28.13 -41.64
CA LEU B 245 -22.78 -28.73 -42.51
C LEU B 245 -22.12 -29.89 -41.78
N ASN B 246 -22.71 -31.08 -41.93
CA ASN B 246 -22.11 -32.29 -41.38
C ASN B 246 -20.81 -32.61 -42.12
N LYS B 247 -19.85 -33.19 -41.39
CA LYS B 247 -18.56 -33.52 -42.00
C LYS B 247 -18.72 -34.54 -43.12
N GLY B 248 -19.39 -35.65 -42.84
CA GLY B 248 -19.57 -36.71 -43.81
C GLY B 248 -18.49 -37.77 -43.80
N GLY B 249 -17.44 -37.60 -43.01
CA GLY B 249 -16.41 -38.62 -42.89
C GLY B 249 -15.56 -38.86 -44.12
N GLN B 250 -15.13 -37.78 -44.79
CA GLN B 250 -14.20 -37.89 -45.90
C GLN B 250 -12.92 -37.12 -45.55
N ASP B 251 -12.02 -37.02 -46.53
CA ASP B 251 -10.74 -36.37 -46.30
C ASP B 251 -10.90 -34.85 -46.25
N ARG B 252 -9.76 -34.16 -46.11
CA ARG B 252 -9.77 -32.71 -45.98
C ARG B 252 -10.15 -32.04 -47.30
N GLN B 253 -9.82 -32.67 -48.42
CA GLN B 253 -10.03 -32.06 -49.73
C GLN B 253 -11.51 -31.74 -49.96
N THR B 254 -12.40 -32.70 -49.65
CA THR B 254 -13.82 -32.47 -49.85
C THR B 254 -14.34 -31.41 -48.90
N PHE B 255 -13.92 -31.46 -47.64
CA PHE B 255 -14.43 -30.52 -46.64
C PHE B 255 -13.92 -29.10 -46.89
N PHE B 256 -12.66 -28.98 -47.31
CA PHE B 256 -12.09 -27.65 -47.54
C PHE B 256 -12.81 -26.93 -48.67
N GLN B 257 -13.15 -27.65 -49.75
CA GLN B 257 -13.89 -27.02 -50.84
C GLN B 257 -15.33 -26.73 -50.44
N ASP B 258 -15.95 -27.65 -49.70
CA ASP B 258 -17.35 -27.46 -49.30
C ASP B 258 -17.50 -26.23 -48.40
N ILE B 259 -16.60 -26.05 -47.45
CA ILE B 259 -16.67 -24.89 -46.58
C ILE B 259 -16.33 -23.63 -47.34
N MET B 260 -15.47 -23.72 -48.35
CA MET B 260 -15.11 -22.54 -49.14
C MET B 260 -16.28 -22.06 -49.99
N LYS B 261 -16.94 -22.99 -50.70
CA LYS B 261 -18.04 -22.59 -51.57
C LYS B 261 -19.24 -22.08 -50.78
N THR B 262 -19.53 -22.71 -49.64
CA THR B 262 -20.65 -22.27 -48.82
C THR B 262 -20.39 -20.88 -48.24
N GLN B 263 -19.15 -20.63 -47.78
CA GLN B 263 -18.82 -19.30 -47.27
C GLN B 263 -18.90 -18.25 -48.36
N GLY B 264 -18.42 -18.57 -49.56
CA GLY B 264 -18.52 -17.63 -50.66
C GLY B 264 -19.94 -17.33 -51.07
N VAL B 265 -20.79 -18.37 -51.11
CA VAL B 265 -22.19 -18.16 -51.43
C VAL B 265 -22.87 -17.33 -50.35
N LEU B 266 -22.59 -17.63 -49.09
CA LEU B 266 -23.17 -16.89 -47.98
C LEU B 266 -22.63 -15.46 -47.91
N VAL C 22 5.04 15.69 -53.27
CA VAL C 22 4.99 14.76 -52.15
C VAL C 22 4.42 15.46 -50.92
N ILE C 23 4.25 14.69 -49.85
CA ILE C 23 3.74 15.20 -48.57
C ILE C 23 4.73 14.99 -47.44
N LEU C 24 5.20 13.76 -47.27
CA LEU C 24 6.22 13.43 -46.27
C LEU C 24 7.29 12.58 -46.95
N GLU C 25 8.42 13.20 -47.26
CA GLU C 25 9.51 12.53 -47.98
C GLU C 25 10.74 12.52 -47.08
N ALA C 26 11.23 11.32 -46.75
CA ALA C 26 12.44 11.17 -45.96
C ALA C 26 13.63 10.98 -46.88
N ASN C 27 14.68 11.75 -46.66
CA ASN C 27 15.88 11.72 -47.50
C ASN C 27 17.07 11.41 -46.62
N LYS C 28 17.52 10.15 -46.65
CA LYS C 28 18.69 9.69 -45.89
C LYS C 28 18.54 10.02 -44.40
N ILE C 29 17.38 9.68 -43.85
CA ILE C 29 17.08 9.95 -42.45
C ILE C 29 17.84 8.98 -41.54
N VAL C 42 19.44 8.71 -34.34
CA VAL C 42 19.76 8.81 -35.76
C VAL C 42 19.97 7.41 -36.33
N LEU C 43 19.68 7.25 -37.62
CA LEU C 43 19.82 5.98 -38.31
C LEU C 43 20.85 6.10 -39.43
N LYS C 44 20.96 5.06 -40.24
CA LYS C 44 21.99 4.97 -41.27
C LYS C 44 21.60 5.66 -42.57
N GLY C 45 20.38 6.19 -42.68
CA GLY C 45 19.97 6.89 -43.88
C GLY C 45 18.95 6.14 -44.70
N ILE C 46 17.68 6.57 -44.62
CA ILE C 46 16.57 5.91 -45.29
C ILE C 46 15.92 6.89 -46.24
N ASP C 47 15.53 6.39 -47.41
CA ASP C 47 14.86 7.19 -48.44
C ASP C 47 13.47 6.60 -48.68
N ILE C 48 12.47 7.15 -48.01
CA ILE C 48 11.10 6.69 -48.13
C ILE C 48 10.25 7.78 -48.75
N HIS C 49 9.17 7.37 -49.42
CA HIS C 49 8.27 8.29 -50.13
C HIS C 49 6.84 7.95 -49.73
N ILE C 50 6.19 8.86 -48.99
CA ILE C 50 4.82 8.69 -48.54
C ILE C 50 3.96 9.80 -49.12
N GLU C 51 2.83 9.43 -49.71
CA GLU C 51 1.90 10.40 -50.26
C GLU C 51 0.89 10.83 -49.19
N LYS C 52 -0.10 11.60 -49.62
CA LYS C 52 -1.10 12.13 -48.68
C LYS C 52 -2.04 11.02 -48.21
N GLY C 53 -2.26 10.97 -46.91
CA GLY C 53 -3.20 10.04 -46.32
C GLY C 53 -2.87 8.58 -46.55
N GLU C 54 -1.60 8.21 -46.37
CA GLU C 54 -1.12 6.86 -46.59
C GLU C 54 -0.78 6.24 -45.23
N PHE C 55 -1.66 5.37 -44.74
CA PHE C 55 -1.39 4.64 -43.51
C PHE C 55 -0.18 3.75 -43.69
N VAL C 56 0.83 3.92 -42.84
CA VAL C 56 2.07 3.18 -42.95
C VAL C 56 2.44 2.63 -41.57
N SER C 57 3.25 1.58 -41.57
CA SER C 57 3.76 0.97 -40.35
C SER C 57 5.18 0.51 -40.60
N ILE C 58 6.04 0.67 -39.59
CA ILE C 58 7.43 0.23 -39.67
C ILE C 58 7.59 -1.02 -38.82
N MET C 59 8.29 -2.01 -39.35
CA MET C 59 8.52 -3.28 -38.69
C MET C 59 10.01 -3.47 -38.46
N GLY C 60 10.37 -3.78 -37.21
CA GLY C 60 11.77 -3.99 -36.88
C GLY C 60 11.96 -4.95 -35.73
N ALA C 61 13.20 -5.05 -35.24
CA ALA C 61 13.55 -5.91 -34.13
C ALA C 61 13.94 -5.06 -32.93
N SER C 62 14.33 -5.74 -31.85
CA SER C 62 14.75 -5.03 -30.65
C SER C 62 16.00 -4.19 -30.91
N GLY C 63 16.97 -4.74 -31.63
CA GLY C 63 18.18 -4.00 -31.96
C GLY C 63 18.08 -3.12 -33.19
N SER C 64 16.99 -3.23 -33.95
CA SER C 64 16.82 -2.39 -35.13
C SER C 64 16.51 -0.94 -34.74
N GLY C 65 15.79 -0.74 -33.65
CA GLY C 65 15.46 0.59 -33.20
C GLY C 65 14.22 1.17 -33.85
N LYS C 66 13.09 0.47 -33.73
CA LYS C 66 11.85 0.97 -34.29
C LYS C 66 11.40 2.25 -33.58
N THR C 67 11.52 2.28 -32.25
CA THR C 67 11.15 3.49 -31.51
C THR C 67 12.08 4.65 -31.84
N THR C 68 13.38 4.37 -31.99
CA THR C 68 14.32 5.43 -32.35
C THR C 68 14.02 6.02 -33.71
N LEU C 69 13.64 5.17 -34.67
CA LEU C 69 13.25 5.68 -35.99
C LEU C 69 12.04 6.58 -35.89
N LEU C 70 11.06 6.20 -35.06
CA LEU C 70 9.88 7.04 -34.86
C LEU C 70 10.26 8.40 -34.29
N ASN C 71 11.14 8.41 -33.28
CA ASN C 71 11.54 9.67 -32.67
C ASN C 71 12.25 10.57 -33.67
N VAL C 72 13.13 9.99 -34.50
CA VAL C 72 13.78 10.77 -35.54
C VAL C 72 12.78 11.14 -36.63
N LEU C 73 11.85 10.24 -36.96
CA LEU C 73 10.81 10.58 -37.93
C LEU C 73 9.88 11.66 -37.38
N SER C 74 9.46 11.53 -36.12
CA SER C 74 8.68 12.60 -35.50
C SER C 74 9.50 13.87 -35.38
N SER C 75 10.83 13.73 -35.23
CA SER C 75 11.76 14.81 -35.53
C SER C 75 11.50 16.04 -34.66
N ILE C 76 11.76 15.88 -33.36
CA ILE C 76 11.65 16.95 -32.38
C ILE C 76 12.99 17.23 -31.70
N ASP C 77 13.58 16.21 -31.07
CA ASP C 77 14.85 16.36 -30.38
C ASP C 77 15.96 15.54 -31.01
N GLN C 78 15.73 14.26 -31.27
CA GLN C 78 16.76 13.37 -31.81
C GLN C 78 16.90 13.64 -33.31
N VAL C 79 17.73 14.61 -33.65
CA VAL C 79 18.02 14.92 -35.05
C VAL C 79 19.48 15.35 -35.20
N SER C 80 20.27 14.52 -35.89
CA SER C 80 21.66 14.82 -36.15
C SER C 80 21.97 14.94 -37.64
N HIS C 81 21.59 13.94 -38.43
CA HIS C 81 21.81 13.95 -39.87
C HIS C 81 20.53 13.50 -40.57
N GLY C 82 20.35 13.96 -41.79
CA GLY C 82 19.15 13.67 -42.53
C GLY C 82 18.11 14.77 -42.40
N THR C 83 17.28 14.90 -43.42
CA THR C 83 16.27 15.95 -43.48
C THR C 83 14.90 15.34 -43.74
N ILE C 84 13.90 15.84 -43.01
CA ILE C 84 12.51 15.44 -43.17
C ILE C 84 11.77 16.61 -43.80
N HIS C 85 11.12 16.36 -44.94
CA HIS C 85 10.44 17.41 -45.69
C HIS C 85 8.94 17.15 -45.63
N ILE C 86 8.26 17.86 -44.73
CA ILE C 86 6.81 17.78 -44.60
C ILE C 86 6.22 18.74 -45.63
N ASN C 87 5.80 18.20 -46.78
CA ASN C 87 5.27 19.00 -47.89
C ASN C 87 6.27 20.05 -48.36
N GLY C 88 7.55 19.68 -48.38
CA GLY C 88 8.59 20.56 -48.86
C GLY C 88 9.11 21.56 -47.85
N ASN C 89 8.66 21.50 -46.60
CA ASN C 89 9.11 22.44 -45.58
C ASN C 89 10.52 22.10 -45.13
N ASP C 90 11.40 23.10 -45.11
CA ASP C 90 12.75 22.94 -44.61
C ASP C 90 12.73 22.75 -43.10
N MET C 91 13.65 21.92 -42.60
CA MET C 91 13.68 21.57 -41.19
C MET C 91 14.98 22.04 -40.51
N THR C 92 15.13 21.66 -39.23
CA THR C 92 16.25 22.01 -38.37
C THR C 92 16.37 23.53 -38.22
N ALA C 93 15.27 24.15 -37.79
CA ALA C 93 15.28 25.61 -37.67
C ALA C 93 16.25 26.08 -36.60
N MET C 94 15.90 25.93 -35.32
CA MET C 94 16.91 26.04 -34.27
C MET C 94 16.72 25.06 -33.11
N LYS C 95 15.47 24.84 -32.69
CA LYS C 95 15.17 24.28 -31.37
C LYS C 95 13.91 23.44 -31.39
N GLU C 96 13.79 22.55 -30.40
CA GLU C 96 12.59 21.73 -30.26
C GLU C 96 11.38 22.53 -29.77
N LYS C 97 11.58 23.58 -28.98
CA LYS C 97 10.45 24.38 -28.50
C LYS C 97 9.74 25.06 -29.65
N GLN C 98 10.49 25.63 -30.60
CA GLN C 98 9.86 26.11 -31.82
C GLN C 98 9.37 24.96 -32.69
N LEU C 99 10.07 23.83 -32.66
CA LEU C 99 9.54 22.62 -33.28
C LEU C 99 8.28 22.15 -32.57
N ALA C 100 8.11 22.54 -31.31
CA ALA C 100 6.92 22.15 -30.56
C ALA C 100 5.69 22.94 -31.02
N GLU C 101 5.90 24.12 -31.61
CA GLU C 101 4.75 24.94 -31.95
C GLU C 101 4.30 24.79 -33.40
N PHE C 102 5.12 24.17 -34.27
CA PHE C 102 4.57 23.70 -35.53
C PHE C 102 3.73 22.45 -35.32
N ARG C 103 4.19 21.53 -34.47
CA ARG C 103 3.43 20.31 -34.25
C ARG C 103 2.18 20.58 -33.42
N LYS C 104 2.18 21.65 -32.62
CA LYS C 104 0.98 22.00 -31.86
C LYS C 104 -0.18 22.31 -32.79
N GLN C 105 0.10 23.01 -33.88
CA GLN C 105 -0.97 23.40 -34.81
C GLN C 105 -1.12 22.43 -35.98
N HIS C 106 -0.11 21.60 -36.25
CA HIS C 106 -0.14 20.80 -37.46
C HIS C 106 0.37 19.38 -37.25
N LEU C 107 0.15 18.81 -36.06
CA LEU C 107 0.57 17.43 -35.81
C LEU C 107 -0.17 16.88 -34.60
N GLY C 108 -0.97 15.85 -34.81
CA GLY C 108 -1.56 15.12 -33.70
C GLY C 108 -0.61 14.08 -33.14
N PHE C 109 -0.94 13.59 -31.95
CA PHE C 109 -0.14 12.57 -31.28
C PHE C 109 -1.03 11.56 -30.61
N ILE C 110 -0.79 10.28 -30.89
CA ILE C 110 -1.53 9.17 -30.29
C ILE C 110 -0.53 8.25 -29.62
N PHE C 111 -0.85 7.81 -28.40
CA PHE C 111 0.08 6.98 -27.65
C PHE C 111 -0.61 5.74 -27.10
N GLN C 112 0.12 4.94 -26.32
CA GLN C 112 -0.39 3.68 -25.81
C GLN C 112 -0.87 3.75 -24.37
N ASP C 113 -0.43 4.75 -23.60
CA ASP C 113 -0.76 4.86 -22.19
C ASP C 113 -2.04 5.64 -21.94
N TYR C 114 -2.74 6.05 -23.00
CA TYR C 114 -3.99 6.79 -22.88
C TYR C 114 -3.78 8.09 -22.08
N ASN C 115 -2.99 8.99 -22.68
CA ASN C 115 -2.57 10.21 -22.00
C ASN C 115 -3.79 11.13 -21.86
N LEU C 116 -4.68 10.73 -20.96
CA LEU C 116 -5.91 11.45 -20.67
C LEU C 116 -5.90 11.89 -19.22
N LEU C 117 -6.19 13.16 -18.97
CA LEU C 117 -6.23 13.66 -17.61
C LEU C 117 -7.41 13.06 -16.86
N ASP C 118 -7.16 12.58 -15.64
CA ASP C 118 -8.23 11.95 -14.85
C ASP C 118 -9.32 12.94 -14.50
N THR C 119 -8.94 14.16 -14.11
CA THR C 119 -9.94 15.17 -13.75
C THR C 119 -10.73 15.63 -14.97
N LEU C 120 -10.08 15.68 -16.13
CA LEU C 120 -10.73 16.15 -17.34
C LEU C 120 -11.82 15.19 -17.78
N THR C 121 -12.90 15.74 -18.33
CA THR C 121 -13.96 14.94 -18.93
C THR C 121 -13.59 14.60 -20.37
N VAL C 122 -14.34 13.66 -20.95
CA VAL C 122 -14.06 13.23 -22.32
C VAL C 122 -14.27 14.38 -23.29
N LYS C 123 -15.36 15.13 -23.13
CA LYS C 123 -15.61 16.27 -24.00
C LYS C 123 -14.52 17.34 -23.83
N GLU C 124 -14.13 17.62 -22.58
CA GLU C 124 -13.12 18.63 -22.33
C GLU C 124 -11.73 18.15 -22.72
N ASN C 125 -11.47 16.84 -22.62
CA ASN C 125 -10.17 16.31 -23.02
C ASN C 125 -9.92 16.55 -24.51
N ILE C 126 -10.93 16.32 -25.34
CA ILE C 126 -10.79 16.61 -26.77
C ILE C 126 -10.61 18.11 -26.99
N LEU C 127 -11.27 18.92 -26.17
CA LEU C 127 -11.19 20.38 -26.27
C LEU C 127 -10.04 20.96 -25.48
N LEU C 128 -9.29 20.13 -24.75
CA LEU C 128 -8.15 20.64 -23.98
C LEU C 128 -7.11 21.35 -24.85
N PRO C 129 -6.67 20.79 -25.99
CA PRO C 129 -5.70 21.54 -26.83
C PRO C 129 -6.24 22.86 -27.34
N LEU C 130 -7.56 22.99 -27.51
CA LEU C 130 -8.15 24.23 -27.99
C LEU C 130 -8.48 25.22 -26.89
N SER C 131 -8.43 24.79 -25.62
CA SER C 131 -8.73 25.70 -24.52
C SER C 131 -7.65 26.76 -24.34
N ILE C 132 -6.41 26.44 -24.72
CA ILE C 132 -5.32 27.37 -24.52
C ILE C 132 -5.47 28.58 -25.44
N THR C 133 -5.83 28.35 -26.70
CA THR C 133 -6.04 29.43 -27.65
C THR C 133 -7.34 30.15 -27.33
N LYS C 134 -7.33 31.48 -27.48
CA LYS C 134 -8.51 32.28 -27.20
C LYS C 134 -9.53 32.13 -28.31
N LEU C 135 -10.36 31.08 -28.23
CA LEU C 135 -11.37 30.80 -29.22
C LEU C 135 -12.74 31.28 -28.74
N SER C 136 -13.71 31.25 -29.65
CA SER C 136 -15.07 31.62 -29.32
C SER C 136 -15.76 30.57 -28.46
N LYS C 137 -15.14 29.41 -28.25
CA LYS C 137 -15.68 28.30 -27.47
C LYS C 137 -16.90 27.69 -28.15
N LYS C 138 -17.26 28.22 -29.32
CA LYS C 138 -18.34 27.64 -30.11
C LYS C 138 -17.81 26.90 -31.33
N GLU C 139 -16.66 27.32 -31.87
CA GLU C 139 -16.04 26.57 -32.97
C GLU C 139 -15.64 25.18 -32.51
N ALA C 140 -15.12 25.07 -31.28
CA ALA C 140 -14.74 23.78 -30.74
C ALA C 140 -15.97 22.90 -30.50
N ASN C 141 -17.16 23.49 -30.51
CA ASN C 141 -18.37 22.72 -30.19
C ASN C 141 -18.68 21.71 -31.29
N ARG C 142 -18.98 22.18 -32.51
CA ARG C 142 -19.34 21.22 -33.54
C ARG C 142 -18.12 20.49 -34.09
N LYS C 143 -16.92 21.04 -33.88
CA LYS C 143 -15.72 20.27 -34.20
C LYS C 143 -15.63 19.02 -33.33
N PHE C 144 -15.97 19.15 -32.05
CA PHE C 144 -16.10 17.97 -31.20
C PHE C 144 -17.30 17.13 -31.63
N GLU C 145 -18.39 17.79 -32.05
CA GLU C 145 -19.58 17.06 -32.51
C GLU C 145 -19.24 16.21 -33.72
N GLU C 146 -18.54 16.79 -34.69
CA GLU C 146 -18.18 16.05 -35.91
C GLU C 146 -17.23 14.91 -35.58
N VAL C 147 -16.26 15.13 -34.70
CA VAL C 147 -15.35 14.06 -34.30
C VAL C 147 -16.11 12.97 -33.57
N ALA C 148 -17.00 13.35 -32.65
CA ALA C 148 -17.83 12.39 -31.93
C ALA C 148 -18.91 11.77 -32.81
N LYS C 149 -19.12 12.29 -34.02
CA LYS C 149 -20.09 11.68 -34.92
C LYS C 149 -19.43 10.68 -35.86
N GLU C 150 -18.23 11.00 -36.37
CA GLU C 150 -17.53 10.10 -37.27
C GLU C 150 -16.80 9.02 -36.50
N LEU C 151 -15.85 9.40 -35.65
CA LEU C 151 -15.15 8.44 -34.81
C LEU C 151 -16.10 7.82 -33.79
N GLY C 152 -16.82 8.66 -33.05
CA GLY C 152 -17.84 8.21 -32.13
C GLY C 152 -17.38 8.20 -30.68
N ILE C 153 -17.68 9.28 -29.96
CA ILE C 153 -17.41 9.35 -28.52
C ILE C 153 -18.63 9.95 -27.83
N TYR C 154 -19.62 10.35 -28.64
CA TYR C 154 -20.72 11.15 -28.12
C TYR C 154 -21.52 10.43 -27.05
N GLU C 155 -21.56 9.09 -27.09
CA GLU C 155 -22.31 8.35 -26.09
C GLU C 155 -21.75 8.51 -24.68
N LEU C 156 -20.50 8.94 -24.56
CA LEU C 156 -19.83 9.15 -23.27
C LEU C 156 -19.14 10.51 -23.25
N ARG C 157 -19.87 11.55 -23.69
CA ARG C 157 -19.30 12.88 -23.78
C ARG C 157 -18.89 13.42 -22.41
N ASP C 158 -19.72 13.21 -21.40
CA ASP C 158 -19.46 13.73 -20.06
C ASP C 158 -19.01 12.65 -19.09
N LYS C 159 -18.73 11.44 -19.57
CA LYS C 159 -18.30 10.36 -18.70
C LYS C 159 -16.80 10.47 -18.43
N TYR C 160 -16.43 10.30 -17.16
CA TYR C 160 -15.03 10.44 -16.77
C TYR C 160 -14.21 9.29 -17.35
N PRO C 161 -12.96 9.54 -17.75
CA PRO C 161 -12.13 8.47 -18.33
C PRO C 161 -11.81 7.35 -17.35
N ASN C 162 -11.86 7.60 -16.04
CA ASN C 162 -11.48 6.58 -15.08
C ASN C 162 -12.53 5.49 -14.90
N GLU C 163 -13.75 5.69 -15.42
CA GLU C 163 -14.84 4.74 -15.26
C GLU C 163 -15.30 4.19 -16.61
N ILE C 164 -14.40 4.11 -17.59
CA ILE C 164 -14.70 3.54 -18.89
C ILE C 164 -13.58 2.58 -19.27
N SER C 165 -13.87 1.70 -20.22
CA SER C 165 -12.93 0.67 -20.62
C SER C 165 -11.74 1.27 -21.36
N GLY C 166 -10.65 0.49 -21.41
CA GLY C 166 -9.45 0.96 -22.08
C GLY C 166 -9.62 1.10 -23.59
N GLY C 167 -10.58 0.39 -24.16
CA GLY C 167 -10.86 0.52 -25.59
C GLY C 167 -11.42 1.88 -25.97
N GLN C 168 -12.11 2.54 -25.04
CA GLN C 168 -12.63 3.87 -25.31
C GLN C 168 -11.64 4.98 -24.95
N LYS C 169 -10.80 4.76 -23.93
CA LYS C 169 -9.78 5.74 -23.60
C LYS C 169 -8.78 5.89 -24.74
N GLN C 170 -8.37 4.78 -25.35
CA GLN C 170 -7.49 4.85 -26.50
C GLN C 170 -8.18 5.53 -27.68
N ARG C 171 -9.46 5.23 -27.89
CA ARG C 171 -10.21 5.88 -28.96
C ARG C 171 -10.33 7.37 -28.70
N THR C 172 -10.57 7.76 -27.45
CA THR C 172 -10.66 9.18 -27.11
C THR C 172 -9.34 9.89 -27.37
N SER C 173 -8.22 9.24 -27.02
CA SER C 173 -6.91 9.85 -27.25
C SER C 173 -6.66 10.08 -28.73
N ALA C 174 -7.10 9.15 -29.57
CA ALA C 174 -6.98 9.33 -31.01
C ALA C 174 -7.79 10.53 -31.49
N GLY C 175 -9.00 10.69 -30.95
CA GLY C 175 -9.81 11.85 -31.31
C GLY C 175 -9.19 13.15 -30.84
N ARG C 176 -8.52 13.13 -29.68
CA ARG C 176 -7.87 14.33 -29.18
C ARG C 176 -6.76 14.77 -30.12
N ALA C 177 -6.02 13.82 -30.68
CA ALA C 177 -4.97 14.16 -31.65
C ALA C 177 -5.56 14.78 -32.91
N PHE C 178 -6.70 14.26 -33.38
CA PHE C 178 -7.30 14.72 -34.62
C PHE C 178 -8.03 16.06 -34.47
N ILE C 179 -8.19 16.55 -33.25
CA ILE C 179 -8.84 17.85 -33.07
C ILE C 179 -7.95 18.99 -33.54
N HIS C 180 -6.65 18.74 -33.72
CA HIS C 180 -5.71 19.73 -34.22
C HIS C 180 -5.77 19.88 -35.74
N ASP C 181 -6.77 19.26 -36.38
CA ASP C 181 -6.96 19.12 -37.83
C ASP C 181 -5.64 19.04 -38.59
N PRO C 182 -4.75 18.10 -38.24
CA PRO C 182 -3.44 18.05 -38.90
C PRO C 182 -3.45 17.15 -40.12
N SER C 183 -2.30 17.05 -40.79
CA SER C 183 -2.16 16.17 -41.94
C SER C 183 -1.26 14.97 -41.67
N ILE C 184 -0.44 15.02 -40.62
CA ILE C 184 0.44 13.91 -40.25
C ILE C 184 0.20 13.60 -38.78
N ILE C 185 -0.02 12.33 -38.46
CA ILE C 185 -0.27 11.88 -37.10
C ILE C 185 0.74 10.78 -36.78
N PHE C 186 1.42 10.91 -35.65
CA PHE C 186 2.38 9.92 -35.18
C PHE C 186 1.76 9.14 -34.03
N ALA C 187 1.87 7.80 -34.09
CA ALA C 187 1.20 6.94 -33.12
C ALA C 187 2.05 5.68 -32.95
N ASP C 188 2.76 5.59 -31.83
CA ASP C 188 3.55 4.40 -31.55
C ASP C 188 2.73 3.34 -30.82
N GLU C 189 2.73 2.12 -31.37
CA GLU C 189 2.10 0.90 -30.85
C GLU C 189 0.84 1.20 -30.05
N PRO C 190 -0.19 1.80 -30.66
CA PRO C 190 -1.41 2.13 -29.90
C PRO C 190 -2.08 0.90 -29.30
N THR C 191 -1.98 -0.26 -29.94
CA THR C 191 -2.55 -1.49 -29.41
C THR C 191 -1.53 -2.25 -28.58
N GLY C 192 -0.97 -1.54 -27.60
CA GLY C 192 -0.01 -2.13 -26.70
C GLY C 192 -0.68 -2.75 -25.48
N ALA C 193 -1.60 -2.00 -24.86
CA ALA C 193 -2.36 -2.48 -23.72
C ALA C 193 -3.82 -2.77 -24.08
N LEU C 194 -4.11 -2.93 -25.37
CA LEU C 194 -5.45 -3.25 -25.85
C LEU C 194 -5.52 -4.72 -26.22
N ASP C 195 -6.66 -5.34 -25.90
CA ASP C 195 -6.90 -6.72 -26.29
C ASP C 195 -7.17 -6.79 -27.80
N SER C 196 -7.44 -8.00 -28.28
CA SER C 196 -7.69 -8.20 -29.70
C SER C 196 -8.93 -7.43 -30.17
N LYS C 197 -10.01 -7.50 -29.39
CA LYS C 197 -11.25 -6.84 -29.77
C LYS C 197 -11.07 -5.32 -29.82
N SER C 198 -10.41 -4.75 -28.81
CA SER C 198 -10.16 -3.32 -28.80
C SER C 198 -9.21 -2.91 -29.92
N ALA C 199 -8.19 -3.74 -30.17
CA ALA C 199 -7.23 -3.44 -31.23
C ALA C 199 -7.91 -3.43 -32.59
N SER C 200 -8.74 -4.44 -32.86
CA SER C 200 -9.45 -4.50 -34.13
C SER C 200 -10.46 -3.36 -34.24
N ASP C 201 -11.15 -3.06 -33.14
CA ASP C 201 -12.14 -1.97 -33.15
C ASP C 201 -11.46 -0.63 -33.40
N LEU C 202 -10.33 -0.39 -32.74
CA LEU C 202 -9.66 0.91 -32.88
C LEU C 202 -9.10 1.10 -34.29
N LEU C 203 -8.51 0.05 -34.86
CA LEU C 203 -7.87 0.19 -36.17
C LEU C 203 -8.88 0.47 -37.27
N ASN C 204 -10.03 -0.23 -37.25
CA ASN C 204 -11.04 0.01 -38.27
C ASN C 204 -11.65 1.40 -38.11
N LYS C 205 -11.78 1.87 -36.87
CA LYS C 205 -12.19 3.26 -36.65
C LYS C 205 -11.16 4.23 -37.23
N LEU C 206 -9.87 3.95 -37.00
CA LEU C 206 -8.83 4.80 -37.56
C LEU C 206 -8.79 4.69 -39.08
N SER C 207 -8.99 3.48 -39.62
CA SER C 207 -8.91 3.30 -41.07
C SER C 207 -10.01 4.08 -41.78
N GLN C 208 -11.24 4.02 -41.26
CA GLN C 208 -12.32 4.78 -41.88
C GLN C 208 -12.20 6.26 -41.60
N LEU C 209 -11.63 6.63 -40.45
CA LEU C 209 -11.39 8.05 -40.18
C LEU C 209 -10.35 8.63 -41.12
N ASN C 210 -9.32 7.84 -41.43
CA ASN C 210 -8.33 8.28 -42.42
C ASN C 210 -8.97 8.44 -43.79
N GLN C 211 -9.88 7.54 -44.16
CA GLN C 211 -10.58 7.68 -45.42
C GLN C 211 -11.48 8.92 -45.43
N LYS C 212 -12.13 9.21 -44.30
CA LYS C 212 -13.00 10.38 -44.23
C LYS C 212 -12.22 11.67 -44.43
N ARG C 213 -11.12 11.84 -43.70
CA ARG C 213 -10.24 12.99 -43.83
C ARG C 213 -8.82 12.49 -44.08
N ASN C 214 -8.29 12.82 -45.25
CA ASN C 214 -6.97 12.31 -45.63
C ASN C 214 -5.89 12.86 -44.71
N ALA C 215 -5.14 11.95 -44.08
CA ALA C 215 -4.08 12.33 -43.17
C ALA C 215 -3.13 11.15 -42.96
N THR C 216 -1.85 11.34 -43.25
CA THR C 216 -0.87 10.27 -43.06
C THR C 216 -0.76 9.91 -41.59
N ILE C 217 -0.76 8.62 -41.30
CA ILE C 217 -0.69 8.11 -39.93
C ILE C 217 0.61 7.31 -39.83
N ILE C 218 1.68 7.95 -39.40
CA ILE C 218 2.94 7.25 -39.17
C ILE C 218 2.81 6.46 -37.88
N MET C 219 3.08 5.16 -37.96
CA MET C 219 2.92 4.29 -36.79
C MET C 219 4.05 3.28 -36.75
N VAL C 220 4.35 2.81 -35.54
CA VAL C 220 5.27 1.70 -35.32
C VAL C 220 4.47 0.56 -34.72
N THR C 221 4.98 -0.66 -34.90
CA THR C 221 4.27 -1.84 -34.45
C THR C 221 5.25 -2.87 -33.93
N HIS C 222 4.81 -3.66 -32.95
CA HIS C 222 5.56 -4.80 -32.45
C HIS C 222 4.87 -6.13 -32.71
N ASP C 223 3.54 -6.14 -32.83
CA ASP C 223 2.79 -7.34 -33.13
C ASP C 223 2.22 -7.26 -34.54
N PRO C 224 2.42 -8.28 -35.37
CA PRO C 224 1.97 -8.22 -36.77
C PRO C 224 0.46 -8.08 -36.93
N VAL C 225 -0.33 -8.31 -35.88
CA VAL C 225 -1.78 -8.19 -35.99
C VAL C 225 -2.17 -6.76 -36.32
N ALA C 226 -1.56 -5.78 -35.64
CA ALA C 226 -1.88 -4.38 -35.86
C ALA C 226 -1.18 -3.79 -37.07
N ALA C 227 -0.29 -4.54 -37.72
CA ALA C 227 0.44 -4.05 -38.88
C ALA C 227 -0.19 -4.48 -40.20
N SER C 228 -1.37 -5.09 -40.16
CA SER C 228 -2.05 -5.54 -41.36
C SER C 228 -3.12 -4.57 -41.84
N TYR C 229 -3.76 -3.83 -40.94
CA TYR C 229 -4.79 -2.88 -41.33
C TYR C 229 -4.23 -1.71 -42.14
N CYS C 230 -2.93 -1.46 -42.06
CA CYS C 230 -2.32 -0.36 -42.78
C CYS C 230 -2.22 -0.68 -44.27
N GLY C 231 -1.62 0.23 -45.03
CA GLY C 231 -1.52 0.06 -46.47
C GLY C 231 -0.09 -0.10 -46.96
N ARG C 232 0.88 0.01 -46.07
CA ARG C 232 2.28 -0.12 -46.45
C ARG C 232 3.11 -0.43 -45.21
N VAL C 233 3.98 -1.43 -45.31
CA VAL C 233 4.86 -1.83 -44.22
C VAL C 233 6.29 -1.85 -44.74
N ILE C 234 7.19 -1.21 -44.00
CA ILE C 234 8.61 -1.18 -44.34
C ILE C 234 9.37 -1.88 -43.22
N PHE C 235 10.22 -2.83 -43.58
CA PHE C 235 10.95 -3.65 -42.62
C PHE C 235 12.37 -3.13 -42.46
N ILE C 236 12.79 -2.92 -41.21
CA ILE C 236 14.13 -2.46 -40.89
C ILE C 236 14.83 -3.53 -40.07
N LYS C 237 15.98 -3.99 -40.56
CA LYS C 237 16.81 -4.92 -39.82
C LYS C 237 17.85 -4.20 -38.97
N ASP C 238 18.41 -3.11 -39.49
CA ASP C 238 19.33 -2.28 -38.72
C ASP C 238 19.09 -0.79 -38.95
N GLY C 239 17.99 -0.42 -39.60
CA GLY C 239 17.70 0.98 -39.86
C GLY C 239 17.79 1.33 -41.33
N GLN C 240 17.43 0.39 -42.20
CA GLN C 240 17.49 0.60 -43.64
C GLN C 240 16.21 0.09 -44.28
N MET C 241 15.92 0.58 -45.48
CA MET C 241 14.75 0.16 -46.25
C MET C 241 15.22 -0.86 -47.28
N TYR C 242 14.89 -2.13 -47.04
CA TYR C 242 15.24 -3.22 -47.95
C TYR C 242 14.04 -3.62 -48.81
N THR C 243 12.93 -4.00 -48.19
CA THR C 243 11.75 -4.45 -48.90
C THR C 243 10.52 -3.85 -48.26
N GLN C 244 9.62 -3.30 -49.08
CA GLN C 244 8.36 -2.74 -48.62
C GLN C 244 7.21 -3.53 -49.23
N LEU C 245 6.19 -3.80 -48.42
CA LEU C 245 5.04 -4.57 -48.84
C LEU C 245 3.80 -3.68 -48.84
N ASN C 246 3.07 -3.70 -49.95
CA ASN C 246 1.87 -2.90 -50.11
C ASN C 246 0.69 -3.82 -50.43
N LYS C 247 -0.49 -3.46 -49.92
CA LYS C 247 -1.68 -4.29 -50.08
C LYS C 247 -2.28 -4.06 -51.47
N GLY C 248 -3.49 -4.57 -51.67
CA GLY C 248 -4.13 -4.53 -52.97
C GLY C 248 -5.39 -5.38 -52.97
N GLY C 249 -5.50 -6.28 -53.95
CA GLY C 249 -6.62 -7.21 -53.95
C GLY C 249 -6.63 -8.10 -52.72
N GLN C 250 -5.46 -8.44 -52.20
CA GLN C 250 -5.34 -9.21 -50.98
C GLN C 250 -5.33 -8.27 -49.77
N ASP C 251 -5.82 -8.79 -48.65
CA ASP C 251 -5.92 -8.00 -47.43
C ASP C 251 -6.15 -8.94 -46.25
N ARG C 252 -6.04 -8.38 -45.05
CA ARG C 252 -6.32 -9.08 -43.80
C ARG C 252 -5.42 -10.30 -43.62
N GLN C 253 -6.02 -11.50 -43.67
CA GLN C 253 -5.26 -12.72 -43.40
C GLN C 253 -4.18 -12.94 -44.45
N THR C 254 -4.49 -12.68 -45.72
CA THR C 254 -3.49 -12.80 -46.77
C THR C 254 -2.33 -11.84 -46.53
N PHE C 255 -2.64 -10.60 -46.16
CA PHE C 255 -1.59 -9.64 -45.83
C PHE C 255 -0.86 -10.02 -44.55
N PHE C 256 -1.59 -10.58 -43.57
CA PHE C 256 -0.96 -10.98 -42.32
C PHE C 256 0.10 -12.04 -42.54
N GLN C 257 -0.22 -13.07 -43.32
CA GLN C 257 0.76 -14.11 -43.60
C GLN C 257 1.82 -13.63 -44.59
N ASP C 258 1.49 -12.62 -45.39
CA ASP C 258 2.47 -12.07 -46.33
C ASP C 258 3.66 -11.46 -45.59
N ILE C 259 3.38 -10.74 -44.50
CA ILE C 259 4.45 -10.13 -43.72
C ILE C 259 5.05 -11.09 -42.71
N MET C 260 4.34 -12.18 -42.37
CA MET C 260 4.91 -13.18 -41.47
C MET C 260 6.15 -13.83 -42.07
N LYS C 261 6.09 -14.18 -43.36
CA LYS C 261 7.25 -14.78 -44.02
C LYS C 261 8.38 -13.76 -44.17
N THR C 262 8.03 -12.48 -44.36
CA THR C 262 9.07 -11.45 -44.43
C THR C 262 9.72 -11.25 -43.06
N GLN C 263 8.91 -11.20 -42.00
CA GLN C 263 9.47 -11.09 -40.66
C GLN C 263 10.25 -12.34 -40.28
N GLY C 264 9.79 -13.51 -40.74
CA GLY C 264 10.53 -14.73 -40.49
C GLY C 264 11.87 -14.78 -41.22
N VAL C 265 11.99 -14.04 -42.33
CA VAL C 265 13.27 -13.93 -43.01
C VAL C 265 14.29 -13.25 -42.12
N LEU C 266 13.88 -12.18 -41.43
CA LEU C 266 14.74 -11.49 -40.49
C LEU C 266 15.05 -12.36 -39.28
N MET D 1 -28.58 -10.62 10.91
CA MET D 1 -28.69 -9.21 10.56
C MET D 1 -27.91 -8.37 11.57
N ILE D 2 -27.66 -8.95 12.74
CA ILE D 2 -26.82 -8.30 13.74
C ILE D 2 -25.43 -8.04 13.16
N LYS D 3 -24.89 -9.02 12.42
CA LYS D 3 -23.61 -8.85 11.76
C LYS D 3 -23.67 -7.80 10.65
N ALA D 4 -24.87 -7.47 10.17
CA ALA D 4 -25.02 -6.45 9.13
C ALA D 4 -25.14 -5.05 9.72
N PHE D 5 -25.90 -4.90 10.81
CA PHE D 5 -26.02 -3.59 11.45
C PHE D 5 -24.71 -3.15 12.07
N LEU D 6 -23.95 -4.09 12.65
CA LEU D 6 -22.66 -3.74 13.25
C LEU D 6 -21.68 -3.25 12.19
N ILE D 7 -21.67 -3.91 11.03
CA ILE D 7 -20.83 -3.43 9.93
C ILE D 7 -21.31 -2.07 9.44
N GLU D 8 -22.63 -1.84 9.46
CA GLU D 8 -23.17 -0.54 9.08
C GLU D 8 -22.57 0.58 9.92
N ARG D 9 -22.61 0.43 11.24
CA ARG D 9 -22.23 1.50 12.15
C ARG D 9 -20.88 1.23 12.80
N ARG D 10 -20.00 0.49 12.11
CA ARG D 10 -18.67 0.23 12.64
C ARG D 10 -17.84 1.52 12.71
N SER D 11 -18.08 2.46 11.81
CA SER D 11 -17.40 3.75 11.88
C SER D 11 -17.83 4.54 13.11
N TRP D 12 -19.14 4.56 13.39
CA TRP D 12 -19.63 5.24 14.59
C TRP D 12 -19.24 4.48 15.85
N ILE D 13 -19.17 3.16 15.79
CA ILE D 13 -18.71 2.38 16.94
C ILE D 13 -17.25 2.72 17.26
N ALA D 14 -16.41 2.77 16.22
CA ALA D 14 -15.00 3.09 16.42
C ALA D 14 -14.83 4.53 16.90
N ALA D 15 -15.64 5.45 16.36
CA ALA D 15 -15.52 6.85 16.77
C ALA D 15 -15.85 7.02 18.24
N PHE D 16 -16.90 6.35 18.72
CA PHE D 16 -17.22 6.42 20.15
C PHE D 16 -16.11 5.79 20.99
N LEU D 17 -15.57 4.65 20.54
CA LEU D 17 -14.47 4.02 21.27
C LEU D 17 -13.23 4.90 21.26
N PHE D 18 -12.92 5.51 20.11
CA PHE D 18 -11.77 6.41 20.05
C PHE D 18 -11.99 7.64 20.92
N GLN D 19 -13.23 8.15 20.96
CA GLN D 19 -13.53 9.28 21.83
C GLN D 19 -13.29 8.91 23.30
N GLN D 20 -13.71 7.71 23.70
CA GLN D 20 -13.43 7.25 25.06
C GLN D 20 -11.94 7.02 25.27
N ALA D 21 -11.23 6.54 24.24
CA ALA D 21 -9.79 6.38 24.35
C ALA D 21 -9.10 7.72 24.55
N LEU D 22 -9.51 8.74 23.81
CA LEU D 22 -9.04 10.09 24.05
C LEU D 22 -9.52 10.60 25.41
N MET D 23 -10.72 10.17 25.81
CA MET D 23 -11.30 10.62 27.07
C MET D 23 -10.48 10.12 28.25
N LEU D 24 -10.02 8.87 28.15
CA LEU D 24 -9.17 8.31 29.20
C LEU D 24 -7.76 8.88 29.14
N PHE D 25 -7.22 9.04 27.92
CA PHE D 25 -5.83 9.47 27.78
C PHE D 25 -5.61 10.85 28.36
N ILE D 26 -6.52 11.79 28.10
CA ILE D 26 -6.38 13.14 28.64
C ILE D 26 -6.48 13.10 30.17
N ALA D 27 -7.44 12.34 30.70
CA ALA D 27 -7.61 12.27 32.15
C ALA D 27 -6.38 11.64 32.82
N PHE D 28 -5.82 10.60 32.21
CA PHE D 28 -4.63 9.97 32.79
C PHE D 28 -3.42 10.91 32.75
N VAL D 29 -3.21 11.57 31.61
CA VAL D 29 -2.06 12.45 31.46
C VAL D 29 -2.20 13.69 32.34
N ASP D 30 -3.38 14.31 32.32
CA ASP D 30 -3.59 15.54 33.08
C ASP D 30 -3.68 15.21 34.57
N PRO D 31 -2.90 15.87 35.43
CA PRO D 31 -2.95 15.58 36.86
C PRO D 31 -4.04 16.32 37.60
N SER D 32 -4.50 17.44 37.03
CA SER D 32 -5.50 18.25 37.70
C SER D 32 -6.82 17.50 37.86
N ILE D 33 -7.24 16.79 36.82
CA ILE D 33 -8.48 16.01 36.86
C ILE D 33 -8.17 14.59 37.31
N SER D 34 -9.15 14.00 37.99
CA SER D 34 -8.98 12.64 38.49
C SER D 34 -9.08 11.63 37.34
N PHE D 35 -8.79 10.37 37.65
CA PHE D 35 -8.85 9.31 36.66
C PHE D 35 -9.83 8.23 37.13
N GLY D 36 -9.95 8.06 38.44
CA GLY D 36 -10.90 7.08 38.97
C GLY D 36 -12.33 7.46 38.67
N ASN D 37 -12.68 8.74 38.84
CA ASN D 37 -14.03 9.19 38.53
C ASN D 37 -14.32 9.06 37.04
N VAL D 38 -13.35 9.37 36.19
CA VAL D 38 -13.53 9.25 34.74
C VAL D 38 -13.72 7.79 34.36
N LEU D 39 -12.93 6.89 34.98
CA LEU D 39 -13.05 5.47 34.67
C LEU D 39 -14.44 4.94 35.02
N TYR D 40 -14.96 5.32 36.20
CA TYR D 40 -16.29 4.87 36.60
C TYR D 40 -17.36 5.43 35.67
N MET D 41 -17.22 6.70 35.28
CA MET D 41 -18.20 7.30 34.40
C MET D 41 -18.14 6.70 33.00
N VAL D 42 -16.93 6.39 32.52
CA VAL D 42 -16.78 5.77 31.21
C VAL D 42 -17.48 4.42 31.17
N TYR D 43 -17.32 3.62 32.23
CA TYR D 43 -18.01 2.33 32.29
C TYR D 43 -19.51 2.52 32.27
N LEU D 44 -20.01 3.51 33.01
CA LEU D 44 -21.44 3.82 32.96
C LEU D 44 -21.85 4.31 31.57
N CYS D 45 -21.01 5.14 30.94
CA CYS D 45 -21.33 5.63 29.61
C CYS D 45 -21.32 4.52 28.57
N ILE D 46 -20.38 3.57 28.68
CA ILE D 46 -20.35 2.44 27.75
C ILE D 46 -21.60 1.58 27.92
N LEU D 47 -22.01 1.34 29.16
CA LEU D 47 -23.22 0.55 29.42
C LEU D 47 -24.45 1.26 28.85
N PHE D 48 -24.53 2.58 29.03
CA PHE D 48 -25.63 3.33 28.46
C PHE D 48 -25.58 3.31 26.93
N PHE D 49 -24.37 3.39 26.37
CA PHE D 49 -24.23 3.35 24.91
C PHE D 49 -24.66 2.01 24.34
N ILE D 50 -24.35 0.91 25.03
CA ILE D 50 -24.77 -0.41 24.56
C ILE D 50 -26.30 -0.50 24.55
N ILE D 51 -26.95 -0.02 25.60
CA ILE D 51 -28.41 -0.02 25.64
C ILE D 51 -28.97 0.86 24.53
N PHE D 52 -28.38 2.03 24.32
CA PHE D 52 -28.83 2.90 23.23
C PHE D 52 -28.61 2.26 21.87
N LEU D 53 -27.48 1.55 21.71
CA LEU D 53 -27.19 0.90 20.44
C LEU D 53 -28.24 -0.16 20.10
N TRP D 54 -28.64 -0.97 21.08
CA TRP D 54 -29.69 -1.95 20.86
C TRP D 54 -31.02 -1.27 20.55
N PHE D 55 -31.33 -0.20 21.29
CA PHE D 55 -32.58 0.51 21.05
C PHE D 55 -32.58 1.16 19.67
N ARG D 56 -31.45 1.72 19.25
CA ARG D 56 -31.37 2.33 17.93
C ARG D 56 -31.50 1.30 16.82
N TYR D 57 -30.89 0.13 16.99
CA TYR D 57 -30.97 -0.90 15.96
C TYR D 57 -32.40 -1.38 15.77
N ARG D 58 -33.13 -1.60 16.87
CA ARG D 58 -34.48 -2.12 16.77
C ARG D 58 -35.40 -1.15 16.04
N LYS D 59 -35.27 0.15 16.32
CA LYS D 59 -36.16 1.13 15.69
C LYS D 59 -35.79 1.37 14.23
N GLU D 60 -34.49 1.43 13.92
CA GLU D 60 -34.04 1.85 12.60
C GLU D 60 -34.08 0.73 11.57
N THR D 61 -33.63 -0.47 11.93
CA THR D 61 -33.54 -1.55 10.95
C THR D 61 -34.90 -2.14 10.59
N ALA D 62 -35.96 -1.75 11.28
CA ALA D 62 -37.28 -2.31 10.98
C ALA D 62 -37.71 -2.02 9.55
N PHE D 63 -37.40 -0.83 9.05
CA PHE D 63 -37.75 -0.48 7.67
C PHE D 63 -37.03 -1.38 6.68
N TYR D 64 -35.74 -1.64 6.91
CA TYR D 64 -34.99 -2.47 5.97
C TYR D 64 -35.37 -3.94 6.07
N LYS D 65 -35.87 -4.37 7.24
CA LYS D 65 -36.39 -5.72 7.36
C LYS D 65 -37.61 -5.91 6.47
N SER D 66 -38.49 -4.90 6.41
CA SER D 66 -39.67 -4.99 5.56
C SER D 66 -39.32 -4.87 4.08
N LEU D 67 -38.11 -4.41 3.75
CA LEU D 67 -37.69 -4.30 2.36
C LEU D 67 -37.51 -5.64 1.68
N LYS D 68 -37.52 -6.74 2.44
CA LYS D 68 -37.37 -8.08 1.90
C LYS D 68 -38.65 -8.61 1.27
N THR D 69 -39.62 -7.75 0.98
CA THR D 69 -40.89 -8.18 0.40
C THR D 69 -40.75 -8.71 -1.02
N TRP D 70 -39.62 -8.45 -1.68
CA TRP D 70 -39.43 -8.88 -3.07
C TRP D 70 -38.73 -10.23 -3.18
N GLU D 71 -38.49 -10.91 -2.06
CA GLU D 71 -37.86 -12.24 -2.13
C GLU D 71 -38.79 -13.26 -2.78
N ASN D 72 -40.09 -13.11 -2.62
CA ASN D 72 -41.06 -14.10 -3.08
C ASN D 72 -42.34 -13.35 -3.46
N ASN D 73 -43.46 -14.09 -3.53
CA ASN D 73 -44.73 -13.52 -3.92
C ASN D 73 -45.32 -12.61 -2.85
N LEU D 74 -44.52 -12.30 -1.83
CA LEU D 74 -44.88 -11.35 -0.77
C LEU D 74 -44.91 -9.90 -1.26
N ASP D 75 -44.83 -9.71 -2.59
CA ASP D 75 -44.84 -8.37 -3.16
C ASP D 75 -46.09 -7.60 -2.79
N VAL D 76 -47.20 -8.30 -2.53
CA VAL D 76 -48.45 -7.63 -2.17
C VAL D 76 -48.32 -6.89 -0.85
N THR D 77 -47.44 -7.37 0.03
CA THR D 77 -47.23 -6.70 1.32
C THR D 77 -46.69 -5.29 1.11
N ALA D 78 -47.27 -4.33 1.81
CA ALA D 78 -46.90 -2.93 1.65
C ALA D 78 -45.70 -2.59 2.53
N ILE D 79 -44.79 -1.80 1.98
CA ILE D 79 -43.63 -1.33 2.73
C ILE D 79 -44.10 -0.33 3.80
N ASN D 80 -43.57 -0.48 5.00
CA ASN D 80 -43.92 0.43 6.09
C ASN D 80 -43.48 1.85 5.75
N GLU D 81 -44.27 2.82 6.20
CA GLU D 81 -44.01 4.22 5.91
C GLU D 81 -42.71 4.65 6.56
N PRO D 82 -41.74 5.18 5.81
CA PRO D 82 -40.47 5.60 6.40
C PRO D 82 -40.60 6.92 7.14
N GLU D 83 -39.61 7.19 7.98
CA GLU D 83 -39.54 8.43 8.73
C GLU D 83 -38.27 9.22 8.49
N THR D 84 -37.12 8.55 8.41
CA THR D 84 -35.87 9.25 8.17
C THR D 84 -35.82 9.76 6.72
N PRO D 85 -35.14 10.89 6.49
CA PRO D 85 -35.02 11.40 5.12
C PRO D 85 -34.34 10.43 4.17
N PHE D 86 -33.37 9.65 4.63
CA PHE D 86 -32.71 8.67 3.77
C PHE D 86 -33.71 7.63 3.29
N GLU D 87 -34.53 7.10 4.20
CA GLU D 87 -35.52 6.11 3.83
C GLU D 87 -36.66 6.74 3.02
N ALA D 88 -36.98 8.01 3.30
CA ALA D 88 -38.03 8.70 2.54
C ALA D 88 -37.64 8.82 1.07
N MET D 89 -36.38 9.16 0.80
CA MET D 89 -35.91 9.22 -0.58
C MET D 89 -35.91 7.84 -1.22
N VAL D 90 -35.55 6.81 -0.45
CA VAL D 90 -35.57 5.44 -0.97
C VAL D 90 -36.99 5.04 -1.33
N GLU D 91 -37.95 5.35 -0.46
CA GLU D 91 -39.34 5.01 -0.72
C GLU D 91 -39.89 5.80 -1.91
N ARG D 92 -39.48 7.07 -2.05
CA ARG D 92 -39.93 7.87 -3.18
C ARG D 92 -39.43 7.30 -4.49
N SER D 93 -38.17 6.87 -4.54
CA SER D 93 -37.64 6.26 -5.75
C SER D 93 -38.34 4.94 -6.06
N ILE D 94 -38.61 4.13 -5.04
CA ILE D 94 -39.31 2.87 -5.24
C ILE D 94 -40.72 3.12 -5.76
N ALA D 95 -41.41 4.09 -5.15
CA ALA D 95 -42.75 4.43 -5.61
C ALA D 95 -42.72 4.97 -7.04
N GLY D 96 -41.70 5.76 -7.38
CA GLY D 96 -41.59 6.28 -8.73
C GLY D 96 -41.42 5.18 -9.76
N GLN D 97 -40.56 4.21 -9.48
CA GLN D 97 -40.38 3.10 -10.41
C GLN D 97 -41.58 2.17 -10.43
N THR D 98 -42.29 2.07 -9.31
CA THR D 98 -43.53 1.29 -9.29
C THR D 98 -44.57 1.90 -10.23
N GLU D 99 -44.70 3.24 -10.20
CA GLU D 99 -45.58 3.91 -11.14
C GLU D 99 -45.07 3.75 -12.57
N HIS D 100 -43.74 3.69 -12.74
CA HIS D 100 -43.18 3.41 -14.05
C HIS D 100 -43.58 2.03 -14.53
N LEU D 101 -43.57 1.04 -13.62
CA LEU D 101 -44.04 -0.29 -13.98
C LEU D 101 -45.53 -0.28 -14.29
N LYS D 102 -46.31 0.50 -13.53
CA LYS D 102 -47.74 0.57 -13.78
C LYS D 102 -48.04 1.18 -15.15
N GLN D 103 -47.30 2.24 -15.52
CA GLN D 103 -47.63 2.96 -16.74
C GLN D 103 -47.22 2.17 -17.98
N THR D 104 -46.14 1.40 -17.90
CA THR D 104 -45.73 0.61 -19.06
C THR D 104 -46.66 -0.58 -19.28
N ALA D 105 -47.20 -1.15 -18.20
CA ALA D 105 -48.19 -2.20 -18.35
C ALA D 105 -49.46 -1.67 -19.00
N ALA D 106 -49.88 -0.46 -18.60
CA ALA D 106 -51.05 0.16 -19.23
C ALA D 106 -50.77 0.50 -20.68
N ARG D 107 -49.56 0.97 -20.99
CA ARG D 107 -49.21 1.28 -22.37
C ARG D 107 -49.23 0.03 -23.24
N HIS D 108 -48.70 -1.08 -22.72
CA HIS D 108 -48.72 -2.34 -23.48
C HIS D 108 -50.14 -2.85 -23.62
N ARG D 109 -50.95 -2.73 -22.57
CA ARG D 109 -52.35 -3.13 -22.65
C ARG D 109 -53.11 -2.24 -23.62
N LEU D 110 -52.74 -0.96 -23.70
CA LEU D 110 -53.30 -0.10 -24.73
C LEU D 110 -52.88 -0.56 -26.12
N ALA D 111 -51.61 -0.91 -26.29
CA ALA D 111 -51.12 -1.33 -27.59
C ALA D 111 -51.72 -2.67 -28.00
N LEU D 112 -51.87 -3.59 -27.05
CA LEU D 112 -52.39 -4.92 -27.38
C LEU D 112 -53.81 -4.85 -27.90
N GLU D 113 -54.67 -4.06 -27.25
CA GLU D 113 -56.06 -3.93 -27.68
C GLU D 113 -56.20 -3.06 -28.92
N ASN D 114 -55.33 -2.07 -29.10
CA ASN D 114 -55.39 -1.23 -30.30
C ASN D 114 -55.08 -2.04 -31.55
N GLU D 115 -54.07 -2.91 -31.50
CA GLU D 115 -53.75 -3.76 -32.63
C GLU D 115 -54.88 -4.75 -32.89
N LYS D 116 -55.44 -5.33 -31.83
CA LYS D 116 -56.53 -6.30 -31.89
C LYS D 116 -56.37 -7.35 -32.99
N MET E 1 -28.99 18.94 1.35
CA MET E 1 -28.64 17.55 1.60
C MET E 1 -28.08 17.47 3.01
N ILE E 2 -27.39 18.54 3.42
CA ILE E 2 -26.85 18.61 4.77
C ILE E 2 -27.97 18.54 5.80
N LYS E 3 -29.07 19.25 5.55
CA LYS E 3 -30.19 19.22 6.48
C LYS E 3 -30.75 17.82 6.63
N ALA E 4 -30.88 17.08 5.52
CA ALA E 4 -31.39 15.72 5.59
C ALA E 4 -30.46 14.81 6.38
N PHE E 5 -29.15 14.94 6.14
CA PHE E 5 -28.18 14.11 6.85
C PHE E 5 -28.20 14.38 8.35
N LEU E 6 -28.29 15.65 8.74
CA LEU E 6 -28.29 15.99 10.16
C LEU E 6 -29.59 15.52 10.83
N ILE E 7 -30.71 15.58 10.10
CA ILE E 7 -31.98 15.15 10.68
C ILE E 7 -31.96 13.66 10.99
N GLU E 8 -31.45 12.86 10.06
CA GLU E 8 -31.38 11.42 10.27
C GLU E 8 -30.46 11.10 11.45
N ARG E 9 -29.24 11.63 11.43
CA ARG E 9 -28.25 11.36 12.46
C ARG E 9 -28.46 12.20 13.72
N ARG E 10 -29.66 12.76 13.91
CA ARG E 10 -29.91 13.58 15.09
C ARG E 10 -29.73 12.78 16.37
N SER E 11 -30.21 11.54 16.38
CA SER E 11 -30.08 10.71 17.57
C SER E 11 -28.62 10.39 17.87
N TRP E 12 -27.84 10.10 16.83
CA TRP E 12 -26.45 9.71 17.05
C TRP E 12 -25.60 10.87 17.54
N ILE E 13 -25.77 12.05 16.94
CA ILE E 13 -24.99 13.21 17.39
C ILE E 13 -25.44 13.64 18.78
N ALA E 14 -26.71 13.43 19.12
CA ALA E 14 -27.16 13.70 20.48
C ALA E 14 -26.49 12.77 21.48
N ALA E 15 -26.34 11.50 21.12
CA ALA E 15 -25.66 10.56 22.01
C ALA E 15 -24.20 10.94 22.21
N PHE E 16 -23.53 11.37 21.14
CA PHE E 16 -22.14 11.81 21.27
C PHE E 16 -22.02 13.04 22.14
N LEU E 17 -22.94 14.00 21.97
CA LEU E 17 -22.88 15.24 22.74
C LEU E 17 -23.46 15.11 24.13
N PHE E 18 -24.21 14.03 24.41
CA PHE E 18 -24.79 13.87 25.73
C PHE E 18 -23.71 13.69 26.79
N GLN E 19 -22.68 12.89 26.50
CA GLN E 19 -21.62 12.68 27.47
C GLN E 19 -20.77 13.93 27.65
N GLN E 20 -20.58 14.71 26.57
CA GLN E 20 -19.88 15.98 26.70
C GLN E 20 -20.69 16.95 27.56
N ALA E 21 -22.00 17.01 27.34
CA ALA E 21 -22.84 17.87 28.16
C ALA E 21 -22.87 17.39 29.60
N LEU E 22 -22.80 16.06 29.81
CA LEU E 22 -22.79 15.53 31.17
C LEU E 22 -21.54 15.99 31.93
N MET E 23 -20.39 15.98 31.27
CA MET E 23 -19.16 16.40 31.94
C MET E 23 -19.21 17.85 32.36
N LEU E 24 -19.75 18.72 31.50
CA LEU E 24 -19.83 20.14 31.86
C LEU E 24 -20.80 20.36 33.02
N PHE E 25 -21.62 19.36 33.34
CA PHE E 25 -22.51 19.47 34.50
C PHE E 25 -21.83 18.99 35.77
N ILE E 26 -21.18 17.82 35.71
CA ILE E 26 -20.51 17.29 36.91
C ILE E 26 -19.30 18.13 37.27
N ALA E 27 -18.54 18.58 36.26
CA ALA E 27 -17.38 19.42 36.53
C ALA E 27 -17.79 20.72 37.21
N PHE E 28 -18.91 21.30 36.78
CA PHE E 28 -19.44 22.50 37.41
C PHE E 28 -19.92 22.26 38.83
N VAL E 29 -20.08 21.00 39.25
CA VAL E 29 -20.57 20.68 40.59
C VAL E 29 -19.57 19.88 41.40
N ASP E 30 -18.51 19.35 40.80
CA ASP E 30 -17.53 18.56 41.54
C ASP E 30 -16.32 19.43 41.82
N PRO E 31 -16.05 19.77 43.08
CA PRO E 31 -14.84 20.55 43.39
C PRO E 31 -13.56 19.84 43.02
N SER E 32 -13.53 18.51 43.08
CA SER E 32 -12.32 17.75 42.78
C SER E 32 -11.96 17.76 41.30
N ILE E 33 -12.84 18.24 40.43
CA ILE E 33 -12.60 18.28 38.99
C ILE E 33 -12.53 19.73 38.57
N SER E 34 -11.44 20.12 37.91
CA SER E 34 -11.27 21.48 37.44
C SER E 34 -12.04 21.68 36.14
N PHE E 35 -12.83 22.76 36.10
CA PHE E 35 -13.64 23.04 34.92
C PHE E 35 -12.79 23.48 33.73
N GLY E 36 -11.70 24.21 33.99
CA GLY E 36 -10.89 24.72 32.89
C GLY E 36 -10.24 23.62 32.09
N ASN E 37 -9.66 22.62 32.76
CA ASN E 37 -9.01 21.52 32.04
C ASN E 37 -10.04 20.65 31.34
N VAL E 38 -11.22 20.48 31.94
CA VAL E 38 -12.28 19.71 31.30
C VAL E 38 -12.77 20.43 30.05
N LEU E 39 -12.85 21.76 30.10
CA LEU E 39 -13.31 22.52 28.94
C LEU E 39 -12.39 22.32 27.76
N TYR E 40 -11.07 22.34 27.99
CA TYR E 40 -10.13 22.02 26.93
C TYR E 40 -10.27 20.57 26.49
N MET E 41 -10.47 19.66 27.45
CA MET E 41 -10.65 18.25 27.13
C MET E 41 -11.90 18.02 26.30
N VAL E 42 -12.99 18.71 26.63
CA VAL E 42 -14.21 18.63 25.83
C VAL E 42 -13.97 19.25 24.46
N TYR E 43 -13.22 20.36 24.40
CA TYR E 43 -12.98 21.04 23.14
C TYR E 43 -12.22 20.16 22.17
N LEU E 44 -11.25 19.38 22.67
CA LEU E 44 -10.50 18.49 21.80
C LEU E 44 -11.40 17.44 21.18
N CYS E 45 -12.32 16.88 21.97
CA CYS E 45 -13.22 15.85 21.45
C CYS E 45 -14.26 16.45 20.51
N ILE E 46 -14.71 17.67 20.79
CA ILE E 46 -15.65 18.34 19.89
C ILE E 46 -14.99 18.58 18.54
N LEU E 47 -13.72 19.01 18.54
CA LEU E 47 -13.01 19.22 17.29
C LEU E 47 -12.88 17.91 16.51
N PHE E 48 -12.58 16.82 17.20
CA PHE E 48 -12.51 15.52 16.54
C PHE E 48 -13.88 15.10 16.01
N PHE E 49 -14.93 15.31 16.80
CA PHE E 49 -16.26 14.90 16.37
C PHE E 49 -16.73 15.68 15.15
N ILE E 50 -16.43 16.98 15.11
CA ILE E 50 -16.82 17.80 13.95
C ILE E 50 -16.11 17.31 12.70
N ILE E 51 -14.81 17.03 12.80
CA ILE E 51 -14.06 16.50 11.66
C ILE E 51 -14.62 15.14 11.26
N PHE E 52 -14.90 14.28 12.24
CA PHE E 52 -15.46 12.97 11.94
C PHE E 52 -16.83 13.09 11.27
N LEU E 53 -17.67 14.02 11.75
CA LEU E 53 -18.99 14.21 11.16
C LEU E 53 -18.88 14.66 9.72
N TRP E 54 -17.97 15.60 9.43
CA TRP E 54 -17.82 16.09 8.06
C TRP E 54 -17.32 14.98 7.14
N PHE E 55 -16.38 14.17 7.62
CA PHE E 55 -15.89 13.05 6.81
C PHE E 55 -16.98 12.03 6.54
N ARG E 56 -17.80 11.73 7.54
CA ARG E 56 -18.86 10.75 7.37
C ARG E 56 -20.02 11.28 6.53
N TYR E 57 -20.15 12.60 6.41
CA TYR E 57 -21.26 13.15 5.62
C TYR E 57 -21.13 12.77 4.15
N ARG E 58 -19.94 12.98 3.57
CA ARG E 58 -19.75 12.66 2.16
C ARG E 58 -19.85 11.16 1.92
N LYS E 59 -19.30 10.35 2.83
CA LYS E 59 -19.30 8.91 2.65
C LYS E 59 -20.72 8.33 2.76
N GLU E 60 -21.50 8.82 3.73
CA GLU E 60 -22.81 8.23 4.01
C GLU E 60 -23.94 8.83 3.18
N THR E 61 -23.69 9.90 2.45
CA THR E 61 -24.71 10.50 1.59
C THR E 61 -24.41 10.40 0.11
N ALA E 62 -23.24 9.87 -0.27
CA ALA E 62 -22.91 9.74 -1.68
C ALA E 62 -23.87 8.79 -2.38
N PHE E 63 -24.19 7.67 -1.74
CA PHE E 63 -25.09 6.70 -2.37
C PHE E 63 -26.51 7.24 -2.47
N TYR E 64 -27.02 7.84 -1.40
CA TYR E 64 -28.40 8.33 -1.40
C TYR E 64 -28.58 9.53 -2.31
N LYS E 65 -27.58 10.40 -2.39
CA LYS E 65 -27.68 11.54 -3.31
C LYS E 65 -27.72 11.07 -4.76
N SER E 66 -26.90 10.08 -5.10
CA SER E 66 -26.91 9.54 -6.45
C SER E 66 -28.20 8.78 -6.74
N LEU E 67 -28.88 8.30 -5.69
CA LEU E 67 -30.14 7.59 -5.87
C LEU E 67 -31.25 8.50 -6.40
N LYS E 68 -31.08 9.82 -6.28
CA LYS E 68 -32.07 10.75 -6.81
C LYS E 68 -32.17 10.68 -8.32
N THR E 69 -31.16 10.14 -8.99
CA THR E 69 -31.21 9.98 -10.45
C THR E 69 -32.37 9.07 -10.85
N TRP E 70 -32.57 7.97 -10.11
CA TRP E 70 -33.66 7.05 -10.42
C TRP E 70 -35.00 7.75 -10.31
N GLU E 71 -35.15 8.65 -9.33
CA GLU E 71 -36.44 9.27 -9.07
C GLU E 71 -36.87 10.18 -10.21
N ASN E 72 -35.95 11.00 -10.72
CA ASN E 72 -36.28 11.99 -11.74
C ASN E 72 -36.32 11.32 -13.12
N ASN E 73 -36.46 12.13 -14.17
CA ASN E 73 -36.63 11.62 -15.52
C ASN E 73 -35.31 11.31 -16.22
N LEU E 74 -34.17 11.59 -15.59
CA LEU E 74 -32.88 11.24 -16.16
C LEU E 74 -32.48 9.79 -15.90
N ASP E 75 -33.46 8.96 -15.51
CA ASP E 75 -33.22 7.55 -15.17
C ASP E 75 -32.98 6.75 -16.45
N VAL E 76 -31.84 7.03 -17.08
CA VAL E 76 -31.46 6.32 -18.29
C VAL E 76 -30.02 5.84 -18.17
N THR E 77 -29.50 5.85 -16.95
CA THR E 77 -28.12 5.44 -16.69
C THR E 77 -28.10 4.61 -15.42
N ALA E 78 -26.89 4.35 -14.91
CA ALA E 78 -26.69 3.57 -13.71
C ALA E 78 -26.27 4.47 -12.56
N ILE E 79 -26.16 3.87 -11.37
CA ILE E 79 -25.78 4.59 -10.17
C ILE E 79 -24.51 3.99 -9.60
N ASN E 80 -23.99 4.59 -8.53
CA ASN E 80 -22.77 4.09 -7.90
C ASN E 80 -23.03 2.75 -7.23
N GLU E 81 -22.03 1.87 -7.29
CA GLU E 81 -22.16 0.56 -6.68
C GLU E 81 -22.20 0.67 -5.17
N PRO E 82 -23.01 -0.14 -4.49
CA PRO E 82 -23.03 -0.10 -3.02
C PRO E 82 -21.76 -0.65 -2.42
N GLU E 83 -21.45 -0.18 -1.22
CA GLU E 83 -20.27 -0.63 -0.48
C GLU E 83 -20.57 -1.11 0.92
N THR E 84 -21.74 -0.84 1.48
CA THR E 84 -22.07 -1.22 2.83
C THR E 84 -23.38 -2.01 2.85
N PRO E 85 -23.54 -2.95 3.79
CA PRO E 85 -24.68 -3.89 3.69
C PRO E 85 -26.06 -3.24 3.64
N PHE E 86 -26.30 -2.18 4.40
CA PHE E 86 -27.64 -1.60 4.43
C PHE E 86 -28.03 -1.01 3.08
N GLU E 87 -27.12 -0.25 2.46
CA GLU E 87 -27.42 0.27 1.12
C GLU E 87 -27.30 -0.80 0.05
N ALA E 88 -26.61 -1.91 0.35
CA ALA E 88 -26.58 -3.04 -0.58
C ALA E 88 -27.95 -3.67 -0.72
N MET E 89 -28.68 -3.81 0.40
CA MET E 89 -30.03 -4.34 0.35
C MET E 89 -30.96 -3.42 -0.42
N VAL E 90 -30.78 -2.10 -0.27
CA VAL E 90 -31.56 -1.15 -1.05
C VAL E 90 -31.27 -1.32 -2.54
N GLU E 91 -29.99 -1.46 -2.89
CA GLU E 91 -29.62 -1.70 -4.28
C GLU E 91 -30.16 -3.03 -4.77
N ARG E 92 -30.14 -4.05 -3.92
CA ARG E 92 -30.66 -5.36 -4.30
C ARG E 92 -32.15 -5.27 -4.64
N SER E 93 -32.92 -4.55 -3.82
CA SER E 93 -34.32 -4.32 -4.14
C SER E 93 -34.48 -3.51 -5.42
N ILE E 94 -33.62 -2.50 -5.60
CA ILE E 94 -33.64 -1.70 -6.82
C ILE E 94 -33.29 -2.57 -8.02
N ALA E 95 -32.27 -3.41 -7.87
CA ALA E 95 -31.89 -4.33 -8.94
C ALA E 95 -33.02 -5.31 -9.24
N GLY E 96 -33.68 -5.82 -8.20
CA GLY E 96 -34.84 -6.68 -8.42
C GLY E 96 -35.99 -5.94 -9.06
N GLN E 97 -36.08 -4.63 -8.83
CA GLN E 97 -37.13 -3.83 -9.46
C GLN E 97 -36.96 -3.79 -10.97
N THR E 98 -35.73 -3.56 -11.45
CA THR E 98 -35.49 -3.44 -12.88
C THR E 98 -35.59 -4.80 -13.57
N GLU E 99 -35.08 -5.85 -12.94
CA GLU E 99 -35.10 -7.17 -13.56
C GLU E 99 -36.53 -7.66 -13.76
N HIS E 100 -37.39 -7.47 -12.76
CA HIS E 100 -38.79 -7.85 -12.91
C HIS E 100 -39.48 -7.02 -13.98
N LEU E 101 -39.19 -5.71 -14.01
CA LEU E 101 -39.76 -4.86 -15.05
C LEU E 101 -39.27 -5.27 -16.43
N LYS E 102 -37.98 -5.58 -16.56
CA LYS E 102 -37.44 -6.04 -17.83
C LYS E 102 -38.05 -7.38 -18.22
N GLN E 103 -38.20 -8.29 -17.26
CA GLN E 103 -38.79 -9.59 -17.56
C GLN E 103 -40.25 -9.45 -17.99
N THR E 104 -41.01 -8.59 -17.30
CA THR E 104 -42.42 -8.41 -17.66
C THR E 104 -42.54 -7.80 -19.05
N ALA E 105 -41.73 -6.79 -19.36
CA ALA E 105 -41.79 -6.16 -20.67
C ALA E 105 -41.38 -7.13 -21.78
N ALA E 106 -40.35 -7.93 -21.53
CA ALA E 106 -39.92 -8.91 -22.53
C ALA E 106 -40.99 -9.97 -22.76
N ARG E 107 -41.62 -10.46 -21.69
CA ARG E 107 -42.69 -11.44 -21.83
C ARG E 107 -43.89 -10.86 -22.57
N HIS E 108 -44.27 -9.62 -22.22
CA HIS E 108 -45.40 -8.98 -22.89
C HIS E 108 -45.10 -8.72 -24.36
N ARG E 109 -43.86 -8.31 -24.67
CA ARG E 109 -43.49 -8.08 -26.06
C ARG E 109 -43.51 -9.38 -26.86
N LEU E 110 -43.06 -10.48 -26.26
CA LEU E 110 -43.11 -11.77 -26.95
C LEU E 110 -44.55 -12.19 -27.24
N ALA E 111 -45.45 -11.99 -26.27
CA ALA E 111 -46.85 -12.34 -26.49
C ALA E 111 -47.46 -11.48 -27.60
N LEU E 112 -47.12 -10.19 -27.63
CA LEU E 112 -47.62 -9.31 -28.68
C LEU E 112 -47.13 -9.74 -30.06
N GLU E 113 -45.85 -10.15 -30.14
CA GLU E 113 -45.31 -10.58 -31.42
C GLU E 113 -45.83 -11.95 -31.83
N ASN E 114 -46.24 -12.78 -30.86
CA ASN E 114 -46.69 -14.13 -31.18
C ASN E 114 -48.04 -14.13 -31.90
N GLU E 115 -48.91 -13.18 -31.59
CA GLU E 115 -50.24 -13.13 -32.17
C GLU E 115 -50.27 -12.45 -33.54
N LYS E 116 -49.14 -11.92 -34.00
CA LYS E 116 -49.08 -11.29 -35.31
C LYS E 116 -48.96 -12.32 -36.42
P 3PE F . -15.66 2.67 6.56
N 3PE F . -13.27 2.99 3.08
O11 3PE F . -14.24 2.85 7.36
O12 3PE F . -16.29 1.44 7.13
O13 3PE F . -15.13 2.37 5.02
O14 3PE F . -16.37 3.99 6.46
C11 3PE F . -14.09 1.44 4.82
C12 3PE F . -13.61 1.59 3.39
C1 3PE F . -13.58 4.08 7.35
C2 3PE F . -14.04 4.93 8.53
C3 3PE F . -13.55 4.36 9.84
O31 3PE F . -13.87 5.32 10.84
O32 3PE F . -12.41 4.38 12.27
C31 3PE F . -13.20 5.25 12.00
C32 3PE F . -13.56 6.41 12.89
C33 3PE F . -12.71 6.54 14.14
C34 3PE F . -11.30 6.99 13.81
C35 3PE F . -10.43 7.16 15.05
C36 3PE F . -8.95 7.37 14.73
C37 3PE F . -8.64 8.68 14.01
C38 3PE F . -7.19 9.09 14.19
C39 3PE F . -6.80 10.36 13.44
C3A 3PE F . -5.49 10.95 13.95
C3B 3PE F . -5.58 11.56 15.33
C3C 3PE F . -4.23 11.68 16.02
C3D 3PE F . -3.70 10.37 16.57
C3E 3PE F . -2.42 10.54 17.38
C3F 3PE F . -1.93 9.25 18.03
C3G 3PE F . -0.58 9.41 18.72
C3H 3PE F . -0.07 8.12 19.38
C3I 3PE F . -0.97 7.64 20.50
O21 3PE F . -13.53 6.27 8.49
O22 3PE F . -15.13 7.01 7.14
C21 3PE F . -14.13 7.20 7.79
C22 3PE F . -13.42 8.52 7.90
C23 3PE F . -13.64 9.26 9.21
C24 3PE F . -12.62 8.84 10.26
C25 3PE F . -11.18 9.15 9.85
C26 3PE F . -10.82 10.62 10.04
C27 3PE F . -10.80 11.06 11.50
C28 3PE F . -9.78 12.15 11.78
C29 3PE F . -9.80 12.63 13.22
C2A 3PE F . -8.69 13.62 13.56
C2B 3PE F . -9.06 14.54 14.71
C2C 3PE F . -7.95 14.72 15.73
C2D 3PE F . -8.42 15.42 17.00
C2E 3PE F . -7.30 15.69 18.00
C2F 3PE F . -6.57 14.44 18.45
C2G 3PE F . -5.73 14.66 19.72
C2H 3PE F . -4.44 13.87 19.73
C2I 3PE F . -4.63 12.37 19.63
C1 CDL G . -10.32 8.61 0.83
O1 CDL G . -11.32 8.57 1.85
CA2 CDL G . -10.56 9.81 -0.07
OA2 CDL G . -10.19 11.03 0.62
PA1 CDL G . -11.26 11.88 1.40
OA3 CDL G . -12.08 12.68 0.38
OA4 CDL G . -12.05 11.02 2.31
OA5 CDL G . -10.34 12.88 2.20
CA3 CDL G . -9.54 13.86 1.52
CA4 CDL G . -9.12 14.89 2.53
OA6 CDL G . -8.56 14.18 3.68
CA5 CDL G . -7.43 14.65 4.21
OA7 CDL G . -6.39 14.74 3.60
C11 CDL G . -7.61 15.04 5.64
C12 CDL G . -6.45 14.64 6.53
C13 CDL G . -6.89 14.22 7.93
C14 CDL G . -7.32 15.37 8.82
C15 CDL G . -6.82 15.29 10.24
C16 CDL G . -5.67 16.23 10.57
C17 CDL G . -4.67 15.67 11.55
C18 CDL G . -4.89 16.08 12.99
C19 CDL G . -3.63 16.24 13.81
C20 CDL G . -3.41 15.16 14.84
C21 CDL G . -2.86 15.66 16.17
C22 CDL G . -2.09 14.62 16.95
C23 CDL G . -0.74 15.12 17.46
C24 CDL G . 0.02 14.11 18.30
C25 CDL G . -0.82 13.39 19.34
C26 CDL G . -0.07 13.05 20.61
C27 CDL G . -0.98 12.83 21.79
CA6 CDL G . -10.28 15.72 3.02
OA8 CDL G . -9.77 16.81 3.80
CA7 CDL G . -9.86 18.03 3.28
OA9 CDL G . -10.11 18.24 2.13
C31 CDL G . -9.63 19.10 4.31
C32 CDL G . -8.15 19.38 4.56
C33 CDL G . -7.40 19.73 3.29
C34 CDL G . -6.10 20.45 3.51
C35 CDL G . -5.67 21.34 2.36
C36 CDL G . -6.50 22.60 2.20
C37 CDL G . -7.07 22.80 0.81
C38 CDL G . -8.01 23.99 0.69
C39 CDL G . -7.32 25.34 0.74
C40 CDL G . -7.71 26.27 -0.39
C41 CDL G . -7.40 27.73 -0.13
C42 CDL G . -6.05 27.98 0.54
C43 CDL G . -5.16 28.94 -0.21
C44 CDL G . -3.72 28.94 0.22
C45 CDL G . -3.02 30.28 0.11
C46 CDL G . -2.63 30.65 -1.32
C47 CDL G . -3.01 32.06 -1.70
CB2 CDL G . -10.31 7.30 0.09
OB2 CDL G . -11.33 6.44 0.62
PB2 CDL G . -11.00 4.97 1.11
OB3 CDL G . -9.52 4.70 0.82
OB4 CDL G . -11.94 3.98 0.53
OB5 CDL G . -11.18 5.08 2.67
CB3 CDL G . -10.06 5.22 3.55
CB4 CDL G . -10.57 5.61 4.91
OB6 CDL G . -10.03 6.93 5.24
CB5 CDL G . -10.79 7.99 4.93
OB7 CDL G . -11.99 7.95 4.77
C51 CDL G . -9.96 9.23 4.80
C52 CDL G . -9.79 9.98 6.12
C53 CDL G . -8.56 10.85 6.15
C54 CDL G . -7.40 10.24 6.91
C55 CDL G . -7.80 9.59 8.22
C56 CDL G . -6.82 8.54 8.73
C57 CDL G . -5.59 9.10 9.39
C58 CDL G . -4.28 8.68 8.75
C59 CDL G . -3.78 7.33 9.20
C60 CDL G . -2.53 7.40 10.06
C61 CDL G . -2.08 6.06 10.62
C62 CDL G . -2.19 5.95 12.13
C63 CDL G . -0.86 5.87 12.84
C64 CDL G . -0.77 6.70 14.11
C65 CDL G . -1.78 7.82 14.21
C66 CDL G . -1.20 9.21 13.97
C67 CDL G . 0.00 9.50 14.86
CB6 CDL G . -10.11 4.65 5.98
OB8 CDL G . -9.64 5.42 7.11
CB7 CDL G . -9.65 4.81 8.29
OB9 CDL G . -10.29 3.83 8.53
C71 CDL G . -8.75 5.51 9.27
C72 CDL G . -7.79 4.56 9.97
C73 CDL G . -7.95 4.55 11.48
C74 CDL G . -6.68 4.22 12.24
C75 CDL G . -6.36 5.19 13.35
C76 CDL G . -5.90 4.54 14.64
C77 CDL G . -4.86 5.33 15.41
C78 CDL G . -5.36 5.90 16.72
C79 CDL G . -4.26 6.37 17.65
C80 CDL G . -4.29 5.73 19.03
C81 CDL G . -5.30 6.35 19.98
C82 CDL G . -4.83 7.66 20.59
C83 CDL G . -5.04 7.75 22.09
C84 CDL G . -4.53 6.56 22.87
C85 CDL G . -5.46 6.11 23.99
C86 CDL G . -4.86 5.06 24.91
C87 CDL G . -5.03 5.40 26.38
#